data_2KHL
#
_entry.id   2KHL
#
_entity_poly.entity_id   1
_entity_poly.type   'polypeptide(L)'
_entity_poly.pdbx_seq_one_letter_code
;SNTRNFVLRDEDGNEHGVFTGKQPRQAALKAANRGSGTKANPDIIRLRERGTKKVHVFKAWKEIVDAPKNRPAWMPEKIS
KPFVKKERIEKLE
;
_entity_poly.pdbx_strand_id   A
#
# COMPACT_ATOMS: atom_id res chain seq x y z
N SER A 1 7.59 18.29 -8.24
CA SER A 1 6.33 18.83 -7.69
C SER A 1 5.14 17.93 -8.00
N ASN A 2 5.35 16.97 -8.90
CA ASN A 2 4.27 16.06 -9.29
C ASN A 2 4.26 14.82 -8.41
N THR A 3 3.09 14.27 -8.21
CA THR A 3 2.94 13.00 -7.53
C THR A 3 2.23 12.05 -8.48
N ARG A 4 2.76 10.84 -8.66
CA ARG A 4 2.20 9.95 -9.66
C ARG A 4 1.00 9.17 -9.16
N ASN A 5 -0.01 9.19 -10.01
CA ASN A 5 -1.25 8.49 -9.76
C ASN A 5 -1.10 7.01 -10.05
N PHE A 6 -1.94 6.23 -9.40
CA PHE A 6 -1.96 4.79 -9.55
C PHE A 6 -3.40 4.35 -9.70
N VAL A 7 -3.60 3.08 -9.92
CA VAL A 7 -4.94 2.53 -10.04
C VAL A 7 -4.99 1.27 -9.21
N LEU A 8 -6.13 0.99 -8.63
CA LEU A 8 -6.24 -0.16 -7.76
C LEU A 8 -6.87 -1.31 -8.50
N ARG A 9 -6.16 -2.40 -8.59
CA ARG A 9 -6.68 -3.58 -9.25
C ARG A 9 -7.44 -4.45 -8.24
N ASP A 10 -8.34 -5.27 -8.78
CA ASP A 10 -9.24 -6.07 -7.96
C ASP A 10 -8.73 -7.51 -7.92
N GLU A 11 -9.63 -8.47 -7.75
CA GLU A 11 -9.24 -9.86 -7.63
C GLU A 11 -9.04 -10.50 -8.99
N ASP A 12 -9.62 -9.89 -10.02
CA ASP A 12 -9.53 -10.42 -11.38
C ASP A 12 -8.53 -9.63 -12.20
N GLY A 13 -8.03 -8.55 -11.62
CA GLY A 13 -7.24 -7.61 -12.38
C GLY A 13 -8.05 -6.38 -12.75
N ASN A 14 -9.33 -6.42 -12.38
CA ASN A 14 -10.24 -5.27 -12.55
C ASN A 14 -9.65 -4.02 -11.89
N GLU A 15 -10.36 -2.91 -12.01
CA GLU A 15 -9.79 -1.63 -11.62
C GLU A 15 -10.73 -0.85 -10.72
N HIS A 16 -10.15 0.10 -10.00
CA HIS A 16 -10.83 0.84 -8.95
C HIS A 16 -10.38 2.30 -8.95
N GLY A 17 -10.58 2.98 -7.82
CA GLY A 17 -10.34 4.41 -7.76
C GLY A 17 -8.91 4.79 -8.10
N VAL A 18 -8.70 6.05 -8.44
CA VAL A 18 -7.36 6.51 -8.75
C VAL A 18 -6.61 6.90 -7.47
N PHE A 19 -5.62 6.10 -7.14
CA PHE A 19 -4.75 6.36 -6.02
C PHE A 19 -3.59 7.23 -6.47
N THR A 20 -2.76 7.67 -5.55
CA THR A 20 -1.62 8.51 -5.88
C THR A 20 -0.48 8.25 -4.92
N GLY A 21 0.64 8.88 -5.18
CA GLY A 21 1.76 8.81 -4.27
C GLY A 21 3.06 9.05 -4.98
N LYS A 22 3.98 9.74 -4.32
CA LYS A 22 5.27 10.03 -4.89
C LYS A 22 6.05 8.74 -5.15
N GLN A 23 5.56 7.66 -4.56
CA GLN A 23 6.11 6.34 -4.75
C GLN A 23 5.01 5.30 -4.51
N PRO A 24 5.03 4.21 -5.30
CA PRO A 24 4.01 3.14 -5.25
C PRO A 24 3.66 2.63 -3.86
N ARG A 25 4.52 2.87 -2.87
CA ARG A 25 4.29 2.36 -1.53
C ARG A 25 3.34 3.28 -0.77
N GLN A 26 3.10 4.46 -1.33
CA GLN A 26 2.10 5.38 -0.79
C GLN A 26 0.71 4.93 -1.19
N ALA A 27 0.44 4.95 -2.49
CA ALA A 27 -0.71 4.24 -3.07
C ALA A 27 -1.00 2.92 -2.37
N ALA A 28 0.04 2.23 -1.95
CA ALA A 28 -0.08 0.99 -1.21
C ALA A 28 -0.43 1.25 0.25
N LEU A 29 0.16 2.28 0.82
CA LEU A 29 -0.11 2.67 2.20
C LEU A 29 -1.57 3.07 2.33
N LYS A 30 -2.06 3.77 1.32
CA LYS A 30 -3.46 4.15 1.22
C LYS A 30 -4.28 2.98 0.70
N ALA A 31 -3.60 1.89 0.42
CA ALA A 31 -4.26 0.65 0.05
C ALA A 31 -4.34 -0.26 1.25
N ALA A 32 -3.49 0.00 2.24
CA ALA A 32 -3.51 -0.75 3.48
C ALA A 32 -4.72 -0.34 4.29
N ASN A 33 -4.71 0.92 4.75
CA ASN A 33 -5.92 1.63 5.23
C ASN A 33 -7.28 1.33 4.52
N ARG A 34 -7.34 0.35 3.63
CA ARG A 34 -8.50 0.24 2.76
C ARG A 34 -9.55 -0.66 3.38
N GLY A 35 -9.13 -1.83 3.87
CA GLY A 35 -10.10 -2.73 4.50
C GLY A 35 -9.50 -3.83 5.33
N SER A 36 -9.07 -4.90 4.66
CA SER A 36 -8.71 -6.13 5.37
C SER A 36 -7.24 -6.07 5.79
N GLY A 37 -6.82 -4.89 6.18
CA GLY A 37 -5.44 -4.70 6.56
C GLY A 37 -5.14 -5.33 7.90
N THR A 38 -4.69 -6.56 7.84
CA THR A 38 -4.38 -7.36 9.00
C THR A 38 -3.03 -8.03 8.82
N LYS A 39 -2.27 -8.16 9.88
CA LYS A 39 -0.92 -8.70 9.77
C LYS A 39 -0.97 -10.23 9.71
N ALA A 40 -2.12 -10.78 10.03
CA ALA A 40 -2.36 -12.21 9.90
C ALA A 40 -2.51 -12.58 8.43
N ASN A 41 -3.11 -11.67 7.68
CA ASN A 41 -3.36 -11.86 6.26
C ASN A 41 -3.68 -10.53 5.59
N PRO A 42 -2.62 -9.76 5.28
CA PRO A 42 -2.75 -8.38 4.74
C PRO A 42 -3.67 -8.31 3.55
N ASP A 43 -4.46 -7.24 3.51
CA ASP A 43 -5.34 -6.98 2.38
C ASP A 43 -4.50 -6.89 1.12
N ILE A 44 -4.47 -7.98 0.37
CA ILE A 44 -3.76 -8.00 -0.89
C ILE A 44 -4.25 -6.88 -1.76
N ILE A 45 -3.33 -6.08 -2.24
CA ILE A 45 -3.70 -4.91 -3.01
C ILE A 45 -2.81 -4.82 -4.22
N ARG A 46 -3.39 -4.44 -5.32
CA ARG A 46 -2.64 -4.30 -6.54
C ARG A 46 -2.67 -2.87 -6.99
N LEU A 47 -1.49 -2.31 -7.18
CA LEU A 47 -1.39 -0.96 -7.67
C LEU A 47 -0.96 -1.03 -9.11
N ARG A 48 -1.21 0.01 -9.85
CA ARG A 48 -0.88 0.01 -11.25
C ARG A 48 -0.41 1.39 -11.61
N GLU A 49 0.85 1.51 -11.99
CA GLU A 49 1.41 2.82 -12.25
C GLU A 49 0.76 3.36 -13.50
N ARG A 50 0.29 4.60 -13.44
CA ARG A 50 -0.29 5.22 -14.60
C ARG A 50 0.82 5.69 -15.53
N GLY A 51 2.04 5.31 -15.18
CA GLY A 51 3.19 5.56 -16.00
C GLY A 51 3.77 4.28 -16.56
N THR A 52 4.27 3.40 -15.69
CA THR A 52 4.87 2.14 -16.13
C THR A 52 3.86 1.00 -16.17
N LYS A 53 4.04 0.10 -17.12
CA LYS A 53 3.19 -1.08 -17.20
C LYS A 53 3.70 -2.16 -16.26
N LYS A 54 3.83 -1.78 -15.01
CA LYS A 54 4.27 -2.69 -13.98
C LYS A 54 3.27 -2.66 -12.84
N VAL A 55 2.56 -3.75 -12.66
CA VAL A 55 1.59 -3.81 -11.60
C VAL A 55 2.30 -4.07 -10.28
N HIS A 56 2.50 -3.00 -9.53
CA HIS A 56 3.11 -3.11 -8.23
C HIS A 56 2.13 -3.81 -7.32
N VAL A 57 2.60 -4.76 -6.54
CA VAL A 57 1.69 -5.58 -5.76
C VAL A 57 2.29 -5.82 -4.40
N PHE A 58 1.73 -5.12 -3.44
CA PHE A 58 2.17 -5.18 -2.10
C PHE A 58 1.17 -6.01 -1.30
N LYS A 59 1.43 -6.22 -0.04
CA LYS A 59 0.47 -6.87 0.84
C LYS A 59 0.30 -5.88 1.97
N ALA A 60 -0.91 -5.51 2.30
CA ALA A 60 -1.11 -4.28 3.03
C ALA A 60 -1.95 -4.51 4.27
N TRP A 61 -1.41 -4.16 5.41
CA TRP A 61 -2.13 -4.37 6.64
C TRP A 61 -2.06 -3.14 7.52
N LYS A 62 -2.69 -3.23 8.67
CA LYS A 62 -2.63 -2.18 9.66
C LYS A 62 -2.37 -2.79 11.00
N GLU A 63 -1.54 -2.11 11.75
CA GLU A 63 -1.29 -2.49 13.12
C GLU A 63 -1.46 -1.27 13.99
N ILE A 64 -2.47 -1.27 14.84
CA ILE A 64 -2.62 -0.18 15.79
C ILE A 64 -1.68 -0.45 16.92
N VAL A 65 -0.42 -0.16 16.68
CA VAL A 65 0.63 -0.40 17.66
C VAL A 65 1.78 0.58 17.48
N ASP A 66 2.48 0.80 18.58
CA ASP A 66 3.72 1.58 18.65
C ASP A 66 3.88 2.07 20.08
N ALA A 67 4.09 1.14 20.96
CA ALA A 67 4.30 1.45 22.37
C ALA A 67 5.52 2.34 22.55
N PRO A 68 5.40 3.40 23.35
CA PRO A 68 6.37 4.49 23.39
C PRO A 68 7.71 4.14 24.01
N LYS A 69 8.72 4.47 23.26
CA LYS A 69 10.07 4.56 23.77
C LYS A 69 10.34 6.02 24.10
N ASN A 70 10.29 6.83 23.06
CA ASN A 70 10.53 8.26 23.16
C ASN A 70 9.36 9.06 22.59
N ARG A 71 8.14 8.54 22.75
CA ARG A 71 6.96 9.14 22.10
C ARG A 71 6.39 10.28 22.94
N PRO A 72 5.54 11.12 22.34
CA PRO A 72 4.81 12.17 23.04
C PRO A 72 3.78 11.59 23.98
N ALA A 73 3.37 12.40 24.92
CA ALA A 73 2.39 11.98 25.91
C ALA A 73 1.06 11.63 25.26
N TRP A 74 0.57 12.53 24.41
CA TRP A 74 -0.65 12.28 23.65
C TRP A 74 -0.53 11.05 22.74
N MET A 75 0.69 10.64 22.43
CA MET A 75 0.89 9.49 21.56
C MET A 75 0.94 8.24 22.43
N PRO A 76 -0.08 7.37 22.34
CA PRO A 76 -0.29 6.22 23.26
C PRO A 76 0.79 5.11 23.17
N GLU A 77 0.36 3.85 23.17
CA GLU A 77 1.23 2.69 23.20
C GLU A 77 1.02 1.95 21.91
N LYS A 78 0.27 2.61 21.07
CA LYS A 78 -0.06 2.13 19.78
C LYS A 78 -0.50 3.34 18.96
N ILE A 79 -0.65 3.19 17.66
CA ILE A 79 -1.28 4.22 16.83
C ILE A 79 -1.70 3.62 15.52
N SER A 80 -2.54 4.33 14.81
CA SER A 80 -2.99 3.88 13.51
C SER A 80 -1.85 3.84 12.51
N LYS A 81 -1.59 2.64 12.04
CA LYS A 81 -0.51 2.41 11.10
C LYS A 81 -0.87 1.39 10.05
N PRO A 82 -0.99 1.85 8.81
CA PRO A 82 -1.07 1.00 7.66
C PRO A 82 0.34 0.64 7.19
N PHE A 83 0.64 -0.62 7.09
CA PHE A 83 1.97 -1.09 6.77
C PHE A 83 1.90 -1.90 5.51
N VAL A 84 2.80 -1.68 4.57
CA VAL A 84 2.79 -2.45 3.34
C VAL A 84 4.19 -2.83 2.95
N LYS A 85 4.34 -4.07 2.50
CA LYS A 85 5.59 -4.56 1.95
C LYS A 85 5.26 -5.04 0.55
N LYS A 86 6.20 -5.09 -0.38
CA LYS A 86 5.87 -5.60 -1.69
C LYS A 86 6.35 -7.04 -1.80
N GLU A 87 5.45 -7.95 -2.10
CA GLU A 87 5.80 -9.36 -2.10
C GLU A 87 6.33 -9.80 -3.46
N ARG A 88 6.14 -8.96 -4.48
CA ARG A 88 6.49 -9.29 -5.86
C ARG A 88 6.00 -8.19 -6.78
N ILE A 89 6.11 -8.41 -8.07
CA ILE A 89 5.70 -7.42 -9.05
C ILE A 89 4.98 -8.09 -10.20
N GLU A 90 3.87 -7.50 -10.63
CA GLU A 90 3.06 -8.05 -11.70
C GLU A 90 3.25 -7.19 -12.96
N LYS A 91 2.66 -7.61 -14.06
CA LYS A 91 2.89 -6.94 -15.32
C LYS A 91 1.59 -6.51 -16.00
N LEU A 92 1.62 -5.32 -16.59
CA LEU A 92 0.61 -4.91 -17.55
C LEU A 92 0.98 -5.53 -18.88
N GLU A 93 0.15 -5.35 -19.88
CA GLU A 93 0.28 -6.10 -21.13
C GLU A 93 1.58 -5.74 -21.84
N SER A 1 10.18 15.34 -6.99
CA SER A 1 10.98 14.84 -8.13
C SER A 1 10.08 14.57 -9.33
N ASN A 2 9.22 13.56 -9.22
CA ASN A 2 8.29 13.20 -10.28
C ASN A 2 7.25 12.24 -9.74
N THR A 3 6.00 12.46 -10.09
CA THR A 3 4.90 11.70 -9.53
C THR A 3 4.69 10.38 -10.26
N ARG A 4 4.56 9.31 -9.48
CA ARG A 4 4.16 8.01 -9.98
C ARG A 4 2.65 7.88 -9.82
N ASN A 5 1.96 7.41 -10.85
CA ASN A 5 0.51 7.49 -10.88
C ASN A 5 -0.12 6.11 -10.87
N PHE A 6 -0.82 5.80 -9.79
CA PHE A 6 -1.39 4.48 -9.63
C PHE A 6 -2.90 4.58 -9.56
N VAL A 7 -3.57 3.56 -10.05
CA VAL A 7 -4.95 3.31 -9.72
C VAL A 7 -4.93 2.00 -8.93
N LEU A 8 -6.07 1.50 -8.49
CA LEU A 8 -6.06 0.28 -7.71
C LEU A 8 -6.60 -0.84 -8.59
N ARG A 9 -6.17 -2.07 -8.40
CA ARG A 9 -6.70 -3.20 -9.14
C ARG A 9 -7.50 -4.05 -8.16
N ASP A 10 -8.37 -4.92 -8.66
CA ASP A 10 -9.08 -5.86 -7.79
C ASP A 10 -8.27 -7.16 -7.75
N GLU A 11 -8.84 -8.29 -7.33
CA GLU A 11 -8.05 -9.52 -7.26
C GLU A 11 -8.22 -10.26 -8.59
N ASP A 12 -9.12 -9.71 -9.39
CA ASP A 12 -9.59 -10.33 -10.61
C ASP A 12 -9.09 -9.58 -11.82
N GLY A 13 -8.70 -8.33 -11.63
CA GLY A 13 -8.28 -7.54 -12.76
C GLY A 13 -9.20 -6.36 -13.02
N ASN A 14 -9.71 -5.76 -11.95
CA ASN A 14 -10.59 -4.62 -12.08
C ASN A 14 -9.85 -3.41 -11.57
N GLU A 15 -10.52 -2.28 -11.48
CA GLU A 15 -9.86 -1.08 -11.02
C GLU A 15 -10.72 -0.34 -10.02
N HIS A 16 -10.07 0.28 -9.06
CA HIS A 16 -10.73 0.96 -7.96
C HIS A 16 -10.14 2.34 -7.75
N GLY A 17 -10.46 2.91 -6.61
CA GLY A 17 -9.83 4.14 -6.11
C GLY A 17 -8.46 4.41 -6.71
N VAL A 18 -8.28 5.63 -7.18
CA VAL A 18 -7.00 6.05 -7.73
C VAL A 18 -6.11 6.55 -6.60
N PHE A 19 -4.87 6.09 -6.56
CA PHE A 19 -3.95 6.44 -5.49
C PHE A 19 -2.65 6.87 -6.10
N THR A 20 -2.15 8.05 -5.77
CA THR A 20 -0.95 8.54 -6.39
C THR A 20 -0.12 9.19 -5.32
N GLY A 21 1.15 8.98 -5.37
CA GLY A 21 2.02 9.40 -4.30
C GLY A 21 3.31 9.97 -4.81
N LYS A 22 4.28 10.09 -3.93
CA LYS A 22 5.64 10.33 -4.36
C LYS A 22 6.40 9.01 -4.29
N GLN A 23 5.74 8.01 -3.70
CA GLN A 23 6.34 6.69 -3.53
C GLN A 23 5.27 5.61 -3.37
N PRO A 24 5.46 4.44 -3.99
CA PRO A 24 4.51 3.33 -4.00
C PRO A 24 3.84 3.07 -2.64
N ARG A 25 4.66 3.03 -1.60
CA ARG A 25 4.24 2.68 -0.24
C ARG A 25 3.06 3.53 0.26
N GLN A 26 2.85 4.71 -0.31
CA GLN A 26 1.78 5.61 0.12
C GLN A 26 0.46 5.25 -0.54
N ALA A 27 0.53 5.11 -1.86
CA ALA A 27 -0.62 4.66 -2.65
C ALA A 27 -1.09 3.28 -2.20
N ALA A 28 -0.14 2.48 -1.74
CA ALA A 28 -0.45 1.14 -1.26
C ALA A 28 -0.89 1.21 0.18
N LEU A 29 -0.43 2.24 0.85
CA LEU A 29 -0.89 2.54 2.19
C LEU A 29 -2.38 2.90 2.12
N LYS A 30 -2.64 4.02 1.45
CA LYS A 30 -4.01 4.41 1.08
C LYS A 30 -4.82 3.23 0.52
N ALA A 31 -4.14 2.31 -0.13
CA ALA A 31 -4.79 1.10 -0.65
C ALA A 31 -5.16 0.15 0.50
N ALA A 32 -4.28 0.06 1.47
CA ALA A 32 -4.50 -0.79 2.64
C ALA A 32 -5.58 -0.21 3.54
N ASN A 33 -5.83 1.07 3.40
CA ASN A 33 -6.87 1.75 4.18
C ASN A 33 -8.27 1.30 3.78
N ARG A 34 -8.35 0.44 2.79
CA ARG A 34 -9.63 0.02 2.25
C ARG A 34 -9.97 -1.34 2.84
N GLY A 35 -8.98 -1.97 3.45
CA GLY A 35 -9.19 -3.23 4.10
C GLY A 35 -7.97 -4.12 4.02
N SER A 36 -7.04 -3.89 4.92
CA SER A 36 -5.78 -4.62 4.91
C SER A 36 -5.77 -5.76 5.92
N GLY A 37 -6.14 -5.48 7.17
CA GLY A 37 -6.19 -6.52 8.16
C GLY A 37 -5.05 -6.41 9.16
N THR A 38 -4.34 -7.51 9.32
CA THR A 38 -3.24 -7.60 10.27
C THR A 38 -2.13 -8.48 9.71
N LYS A 39 -0.93 -8.33 10.28
CA LYS A 39 0.29 -8.92 9.75
C LYS A 39 0.24 -10.46 9.72
N ALA A 40 -0.64 -11.01 10.53
CA ALA A 40 -0.87 -12.44 10.58
C ALA A 40 -1.48 -12.94 9.26
N ASN A 41 -2.15 -12.03 8.55
CA ASN A 41 -2.78 -12.36 7.28
C ASN A 41 -3.09 -11.07 6.51
N PRO A 42 -2.05 -10.38 6.05
CA PRO A 42 -2.21 -9.10 5.35
C PRO A 42 -2.92 -9.29 4.01
N ASP A 43 -3.93 -8.48 3.77
CA ASP A 43 -4.67 -8.57 2.52
C ASP A 43 -3.80 -8.07 1.39
N ILE A 44 -3.86 -8.74 0.26
CA ILE A 44 -3.02 -8.43 -0.86
C ILE A 44 -3.59 -7.27 -1.68
N ILE A 45 -2.97 -6.10 -1.53
CA ILE A 45 -3.38 -4.95 -2.29
C ILE A 45 -2.54 -4.80 -3.53
N ARG A 46 -3.19 -4.77 -4.65
CA ARG A 46 -2.52 -4.53 -5.90
C ARG A 46 -2.52 -3.05 -6.23
N LEU A 47 -1.81 -2.72 -7.29
CA LEU A 47 -1.62 -1.34 -7.69
C LEU A 47 -1.52 -1.30 -9.19
N ARG A 48 -1.97 -0.23 -9.77
CA ARG A 48 -2.01 -0.11 -11.21
C ARG A 48 -1.24 1.11 -11.66
N GLU A 49 -0.12 0.89 -12.32
CA GLU A 49 0.69 1.99 -12.77
C GLU A 49 0.17 2.41 -14.12
N ARG A 50 -0.54 3.51 -14.16
CA ARG A 50 -1.03 4.02 -15.42
C ARG A 50 0.09 4.61 -16.27
N GLY A 51 1.30 4.13 -16.03
CA GLY A 51 2.43 4.49 -16.86
C GLY A 51 3.19 3.27 -17.36
N THR A 52 2.74 2.08 -17.00
CA THR A 52 3.45 0.85 -17.35
C THR A 52 2.45 -0.28 -17.59
N LYS A 53 2.94 -1.40 -18.13
CA LYS A 53 2.12 -2.61 -18.25
C LYS A 53 2.36 -3.51 -17.05
N LYS A 54 2.52 -2.91 -15.89
CA LYS A 54 2.91 -3.62 -14.70
C LYS A 54 1.96 -3.35 -13.54
N VAL A 55 1.54 -4.43 -12.88
CA VAL A 55 0.73 -4.34 -11.68
C VAL A 55 1.65 -4.36 -10.47
N HIS A 56 1.60 -3.33 -9.67
CA HIS A 56 2.43 -3.24 -8.48
C HIS A 56 1.77 -4.03 -7.35
N VAL A 57 2.52 -4.87 -6.68
CA VAL A 57 1.93 -5.82 -5.73
C VAL A 57 2.52 -5.66 -4.32
N PHE A 58 1.68 -5.27 -3.36
CA PHE A 58 2.10 -5.21 -1.97
C PHE A 58 1.05 -5.89 -1.10
N LYS A 59 1.47 -6.71 -0.16
CA LYS A 59 0.58 -7.07 0.93
C LYS A 59 0.39 -5.87 1.82
N ALA A 60 -0.53 -5.93 2.75
CA ALA A 60 -0.98 -4.74 3.44
C ALA A 60 -1.71 -5.13 4.71
N TRP A 61 -1.39 -4.48 5.79
CA TRP A 61 -2.04 -4.77 7.06
C TRP A 61 -2.09 -3.52 7.90
N LYS A 62 -2.52 -3.64 9.15
CA LYS A 62 -2.50 -2.50 10.05
C LYS A 62 -1.89 -2.87 11.38
N GLU A 63 -1.05 -1.98 11.88
CA GLU A 63 -0.34 -2.18 13.12
C GLU A 63 -0.35 -0.89 13.93
N ILE A 64 -0.58 -0.99 15.23
CA ILE A 64 -0.89 0.19 16.03
C ILE A 64 0.34 0.98 16.49
N VAL A 65 0.65 1.97 15.69
CA VAL A 65 1.64 3.00 15.98
C VAL A 65 0.93 4.33 16.18
N ASP A 66 1.64 5.43 16.35
CA ASP A 66 1.00 6.73 16.32
C ASP A 66 1.18 7.39 14.96
N ALA A 67 0.59 8.57 14.81
CA ALA A 67 0.64 9.29 13.56
C ALA A 67 1.20 10.70 13.76
N PRO A 68 1.61 11.38 12.67
CA PRO A 68 2.09 12.77 12.74
C PRO A 68 1.17 13.66 13.56
N LYS A 69 1.76 14.66 14.19
CA LYS A 69 1.03 15.54 15.09
C LYS A 69 0.32 16.65 14.30
N ASN A 70 0.29 16.46 12.99
CA ASN A 70 -0.45 17.32 12.08
C ASN A 70 -1.54 16.52 11.39
N ARG A 71 -1.91 15.42 12.05
CA ARG A 71 -2.94 14.50 11.58
C ARG A 71 -4.31 15.18 11.51
N PRO A 72 -5.31 14.50 10.90
CA PRO A 72 -6.71 14.96 10.94
C PRO A 72 -7.25 15.14 12.35
N ALA A 73 -8.41 15.76 12.43
CA ALA A 73 -8.96 16.21 13.69
C ALA A 73 -9.85 15.17 14.36
N TRP A 74 -10.25 14.15 13.62
CA TRP A 74 -11.13 13.11 14.15
C TRP A 74 -10.35 11.96 14.73
N MET A 75 -9.13 11.80 14.27
CA MET A 75 -8.31 10.65 14.61
C MET A 75 -7.30 11.04 15.68
N PRO A 76 -6.95 10.10 16.57
CA PRO A 76 -5.90 10.28 17.53
C PRO A 76 -4.57 9.96 16.89
N GLU A 77 -3.49 10.13 17.61
CA GLU A 77 -2.20 9.79 17.06
C GLU A 77 -2.04 8.29 17.02
N LYS A 78 -2.43 7.61 18.08
CA LYS A 78 -2.23 6.18 18.11
C LYS A 78 -3.34 5.53 17.30
N ILE A 79 -2.93 4.91 16.23
CA ILE A 79 -3.83 4.25 15.31
C ILE A 79 -3.09 3.14 14.60
N SER A 80 -3.80 2.14 14.15
CA SER A 80 -3.18 1.05 13.44
C SER A 80 -2.85 1.48 12.02
N LYS A 81 -1.57 1.74 11.78
CA LYS A 81 -1.10 2.22 10.48
C LYS A 81 -1.33 1.19 9.39
N PRO A 82 -1.79 1.65 8.23
CA PRO A 82 -1.84 0.83 7.04
C PRO A 82 -0.44 0.52 6.55
N PHE A 83 0.04 -0.66 6.90
CA PHE A 83 1.36 -1.09 6.51
C PHE A 83 1.22 -1.91 5.25
N VAL A 84 2.33 -2.28 4.65
CA VAL A 84 2.33 -2.74 3.27
C VAL A 84 3.64 -3.48 3.03
N LYS A 85 3.78 -4.08 1.86
CA LYS A 85 5.00 -4.82 1.52
C LYS A 85 4.95 -5.31 0.08
N LYS A 86 5.59 -4.57 -0.83
CA LYS A 86 5.88 -5.08 -2.17
C LYS A 86 6.67 -6.39 -2.13
N GLU A 87 5.93 -7.48 -2.16
CA GLU A 87 6.51 -8.82 -2.24
C GLU A 87 6.89 -9.19 -3.67
N ARG A 88 6.43 -8.40 -4.64
CA ARG A 88 6.61 -8.76 -6.04
C ARG A 88 6.06 -7.68 -6.97
N ILE A 89 6.26 -7.91 -8.26
CA ILE A 89 5.77 -7.02 -9.30
C ILE A 89 5.14 -7.84 -10.42
N GLU A 90 4.00 -7.39 -10.89
CA GLU A 90 3.27 -8.10 -11.93
C GLU A 90 3.36 -7.41 -13.27
N LYS A 91 3.27 -8.20 -14.31
CA LYS A 91 3.07 -7.74 -15.65
C LYS A 91 1.68 -8.16 -16.08
N LEU A 92 1.16 -7.61 -17.16
CA LEU A 92 -0.08 -8.09 -17.73
C LEU A 92 0.21 -8.57 -19.14
N GLU A 93 -0.42 -9.65 -19.54
CA GLU A 93 -0.08 -10.27 -20.80
C GLU A 93 -1.29 -11.00 -21.37
N SER A 1 7.44 19.22 -8.89
CA SER A 1 7.23 17.81 -8.49
C SER A 1 5.75 17.49 -8.48
N ASN A 2 5.40 16.25 -8.83
CA ASN A 2 4.01 15.84 -8.83
C ASN A 2 3.84 14.50 -8.11
N THR A 3 2.69 14.33 -7.52
CA THR A 3 2.29 13.06 -6.96
C THR A 3 1.99 12.10 -8.10
N ARG A 4 2.43 10.87 -7.98
CA ARG A 4 2.20 9.89 -9.01
C ARG A 4 0.95 9.08 -8.73
N ASN A 5 0.06 9.06 -9.71
CA ASN A 5 -1.20 8.36 -9.61
C ASN A 5 -1.01 6.87 -9.82
N PHE A 6 -1.76 6.07 -9.09
CA PHE A 6 -1.74 4.63 -9.25
C PHE A 6 -3.13 4.08 -9.36
N VAL A 7 -3.30 3.10 -10.19
CA VAL A 7 -4.62 2.52 -10.43
C VAL A 7 -4.69 1.18 -9.72
N LEU A 8 -5.66 1.03 -8.84
CA LEU A 8 -5.77 -0.21 -8.10
C LEU A 8 -6.31 -1.30 -8.99
N ARG A 9 -5.66 -2.44 -8.94
CA ARG A 9 -6.08 -3.58 -9.72
C ARG A 9 -7.19 -4.39 -9.01
N ASP A 10 -8.17 -4.83 -9.80
CA ASP A 10 -9.21 -5.79 -9.37
C ASP A 10 -8.59 -7.12 -8.90
N GLU A 11 -9.30 -8.23 -9.13
CA GLU A 11 -8.91 -9.47 -8.49
C GLU A 11 -7.71 -10.05 -9.22
N ASP A 12 -7.85 -10.25 -10.52
CA ASP A 12 -6.68 -10.44 -11.38
C ASP A 12 -5.95 -9.12 -11.53
N GLY A 13 -6.75 -8.07 -11.71
CA GLY A 13 -6.12 -6.77 -11.62
C GLY A 13 -6.62 -5.79 -12.66
N ASN A 14 -7.93 -5.73 -12.76
CA ASN A 14 -8.60 -4.79 -13.65
C ASN A 14 -8.49 -3.41 -13.03
N GLU A 15 -9.42 -2.55 -13.32
CA GLU A 15 -9.36 -1.18 -12.84
C GLU A 15 -10.19 -0.97 -11.57
N HIS A 16 -9.69 -0.09 -10.73
CA HIS A 16 -10.42 0.48 -9.59
C HIS A 16 -10.08 1.95 -9.56
N GLY A 17 -10.34 2.65 -8.46
CA GLY A 17 -10.00 4.06 -8.44
C GLY A 17 -8.52 4.29 -8.49
N VAL A 18 -8.11 5.50 -8.82
CA VAL A 18 -6.72 5.83 -8.88
C VAL A 18 -6.25 6.54 -7.62
N PHE A 19 -5.45 5.83 -6.87
CA PHE A 19 -4.82 6.31 -5.66
C PHE A 19 -3.61 7.19 -5.96
N THR A 20 -3.01 7.71 -4.90
CA THR A 20 -1.92 8.65 -5.04
C THR A 20 -0.79 8.29 -4.08
N GLY A 21 0.42 8.64 -4.46
CA GLY A 21 1.56 8.37 -3.61
C GLY A 21 2.80 9.02 -4.16
N LYS A 22 3.79 9.19 -3.30
CA LYS A 22 5.10 9.64 -3.76
C LYS A 22 5.89 8.44 -4.24
N GLN A 23 5.35 7.26 -3.97
CA GLN A 23 5.86 5.98 -4.44
C GLN A 23 4.67 5.03 -4.53
N PRO A 24 4.77 3.88 -5.21
CA PRO A 24 3.67 2.91 -5.23
C PRO A 24 3.34 2.43 -3.82
N ARG A 25 4.37 1.94 -3.13
CA ARG A 25 4.30 1.70 -1.69
C ARG A 25 3.54 2.80 -0.95
N GLN A 26 3.67 4.06 -1.38
CA GLN A 26 2.97 5.16 -0.75
C GLN A 26 1.55 5.31 -1.30
N ALA A 27 1.28 4.60 -2.38
CA ALA A 27 -0.04 4.58 -2.97
C ALA A 27 -0.84 3.45 -2.35
N ALA A 28 -0.32 2.23 -2.44
CA ALA A 28 -0.80 1.11 -1.62
C ALA A 28 -0.99 1.50 -0.17
N LEU A 29 -0.15 2.40 0.31
CA LEU A 29 -0.24 2.91 1.66
C LEU A 29 -1.58 3.60 1.89
N LYS A 30 -2.21 3.98 0.81
CA LYS A 30 -3.53 4.56 0.90
C LYS A 30 -4.54 3.46 1.13
N ALA A 31 -4.53 2.45 0.26
CA ALA A 31 -5.58 1.44 0.23
C ALA A 31 -5.55 0.55 1.46
N ALA A 32 -4.45 0.57 2.18
CA ALA A 32 -4.35 -0.20 3.40
C ALA A 32 -5.35 0.30 4.45
N ASN A 33 -5.79 1.54 4.26
CA ASN A 33 -6.73 2.20 5.17
C ASN A 33 -8.15 1.59 5.15
N ARG A 34 -8.35 0.48 4.46
CA ARG A 34 -9.72 0.08 4.11
C ARG A 34 -10.21 -0.98 5.09
N GLY A 35 -9.45 -2.06 5.20
CA GLY A 35 -9.66 -3.00 6.27
C GLY A 35 -8.61 -2.90 7.32
N SER A 36 -7.48 -2.34 6.91
CA SER A 36 -6.32 -2.18 7.75
C SER A 36 -5.64 -3.52 7.87
N GLY A 37 -6.33 -4.47 8.46
CA GLY A 37 -5.79 -5.81 8.56
C GLY A 37 -4.67 -5.87 9.57
N THR A 38 -3.84 -6.91 9.49
CA THR A 38 -2.71 -7.05 10.39
C THR A 38 -1.70 -8.01 9.79
N LYS A 39 -0.45 -7.90 10.23
CA LYS A 39 0.67 -8.63 9.62
C LYS A 39 0.53 -10.14 9.77
N ALA A 40 -0.40 -10.56 10.62
CA ALA A 40 -0.68 -11.98 10.84
C ALA A 40 -1.40 -12.56 9.63
N ASN A 41 -2.15 -11.70 8.98
CA ASN A 41 -2.96 -12.06 7.82
C ASN A 41 -3.29 -10.79 7.05
N PRO A 42 -2.26 -10.20 6.41
CA PRO A 42 -2.39 -8.91 5.73
C PRO A 42 -3.48 -8.91 4.66
N ASP A 43 -3.83 -7.72 4.22
CA ASP A 43 -4.87 -7.56 3.22
C ASP A 43 -4.22 -7.25 1.89
N ILE A 44 -4.44 -8.12 0.92
CA ILE A 44 -3.90 -7.97 -0.42
C ILE A 44 -4.32 -6.63 -1.03
N ILE A 45 -3.56 -6.17 -2.02
CA ILE A 45 -3.85 -4.94 -2.72
C ILE A 45 -3.10 -5.05 -4.04
N ARG A 46 -3.23 -4.03 -4.85
CA ARG A 46 -2.69 -4.05 -6.20
C ARG A 46 -2.49 -2.65 -6.69
N LEU A 47 -1.42 -2.42 -7.44
CA LEU A 47 -1.15 -1.09 -7.95
C LEU A 47 -0.64 -1.16 -9.39
N ARG A 48 -1.33 -0.44 -10.23
CA ARG A 48 -0.99 -0.35 -11.63
C ARG A 48 -0.36 1.00 -11.88
N GLU A 49 0.92 1.00 -12.24
CA GLU A 49 1.67 2.22 -12.33
C GLU A 49 1.45 2.84 -13.68
N ARG A 50 0.31 3.47 -13.81
CA ARG A 50 0.01 4.24 -15.01
C ARG A 50 1.18 5.15 -15.38
N GLY A 51 1.88 4.71 -16.41
CA GLY A 51 3.13 5.34 -16.78
C GLY A 51 4.20 4.30 -17.04
N THR A 52 4.00 3.08 -16.52
CA THR A 52 4.90 1.98 -16.76
C THR A 52 4.10 0.78 -17.27
N LYS A 53 4.78 -0.32 -17.58
CA LYS A 53 4.08 -1.54 -17.96
C LYS A 53 4.35 -2.63 -16.92
N LYS A 54 4.41 -2.20 -15.66
CA LYS A 54 4.59 -3.12 -14.56
C LYS A 54 3.51 -2.94 -13.49
N VAL A 55 3.20 -4.04 -12.83
CA VAL A 55 2.25 -4.06 -11.72
C VAL A 55 3.00 -4.19 -10.41
N HIS A 56 2.58 -3.40 -9.43
CA HIS A 56 3.20 -3.43 -8.13
C HIS A 56 2.32 -4.18 -7.15
N VAL A 57 2.73 -5.40 -6.81
CA VAL A 57 1.98 -6.23 -5.87
C VAL A 57 2.53 -6.09 -4.47
N PHE A 58 1.65 -5.68 -3.55
CA PHE A 58 2.02 -5.58 -2.16
C PHE A 58 1.01 -6.32 -1.30
N LYS A 59 1.42 -6.61 -0.09
CA LYS A 59 0.48 -6.90 0.99
C LYS A 59 0.37 -5.69 1.92
N ALA A 60 -0.86 -5.31 2.27
CA ALA A 60 -1.09 -4.16 3.15
C ALA A 60 -1.65 -4.63 4.49
N TRP A 61 -1.29 -3.95 5.55
CA TRP A 61 -1.77 -4.31 6.88
C TRP A 61 -1.43 -3.20 7.85
N LYS A 62 -2.24 -3.06 8.90
CA LYS A 62 -1.90 -2.11 9.94
C LYS A 62 -1.37 -2.84 11.14
N GLU A 63 -0.17 -2.47 11.53
CA GLU A 63 0.41 -2.96 12.76
C GLU A 63 0.42 -1.86 13.77
N ILE A 64 0.19 -2.21 15.00
CA ILE A 64 0.53 -1.30 16.06
C ILE A 64 1.98 -1.56 16.40
N VAL A 65 2.71 -0.52 16.73
CA VAL A 65 4.15 -0.62 16.89
C VAL A 65 4.51 0.25 18.07
N ASP A 66 5.79 0.43 18.32
CA ASP A 66 6.21 0.98 19.59
C ASP A 66 7.00 2.26 19.41
N ALA A 67 7.43 2.82 20.53
CA ALA A 67 8.05 4.13 20.53
C ALA A 67 9.53 4.05 20.85
N PRO A 68 10.33 4.47 19.88
CA PRO A 68 11.76 4.70 20.07
C PRO A 68 12.01 5.92 20.95
N LYS A 69 13.26 6.29 21.09
CA LYS A 69 13.64 7.45 21.87
C LYS A 69 13.77 8.66 20.96
N ASN A 70 14.55 8.48 19.89
CA ASN A 70 14.77 9.51 18.90
C ASN A 70 13.63 9.52 17.88
N ARG A 71 12.52 8.91 18.24
CA ARG A 71 11.32 8.88 17.41
C ARG A 71 10.82 10.29 17.12
N PRO A 72 10.04 10.44 16.03
CA PRO A 72 9.56 11.74 15.55
C PRO A 72 8.52 12.39 16.46
N ALA A 73 8.18 13.62 16.10
CA ALA A 73 7.28 14.45 16.88
C ALA A 73 5.81 14.16 16.57
N TRP A 74 5.60 13.09 15.85
CA TRP A 74 4.26 12.70 15.44
C TRP A 74 3.93 11.30 15.91
N MET A 75 4.96 10.55 16.31
CA MET A 75 4.76 9.18 16.72
C MET A 75 4.80 9.05 18.23
N PRO A 76 3.72 8.55 18.83
CA PRO A 76 3.65 8.33 20.26
C PRO A 76 4.16 6.95 20.67
N GLU A 77 3.65 6.44 21.78
CA GLU A 77 4.18 5.21 22.38
C GLU A 77 3.88 3.97 21.54
N LYS A 78 2.67 3.90 21.02
CA LYS A 78 2.22 2.75 20.24
C LYS A 78 1.21 3.25 19.24
N ILE A 79 1.36 2.90 17.96
CA ILE A 79 0.43 3.39 16.96
C ILE A 79 0.23 2.36 15.85
N SER A 80 -0.96 2.33 15.29
CA SER A 80 -1.25 1.55 14.10
C SER A 80 -1.07 2.44 12.90
N LYS A 81 -0.75 1.90 11.73
CA LYS A 81 -0.33 2.69 10.61
C LYS A 81 -0.63 1.83 9.38
N PRO A 82 -1.23 2.36 8.30
CA PRO A 82 -1.45 1.55 7.09
C PRO A 82 -0.12 1.16 6.42
N PHE A 83 0.41 0.02 6.85
CA PHE A 83 1.61 -0.55 6.27
C PHE A 83 1.33 -1.35 5.01
N VAL A 84 2.38 -1.48 4.21
CA VAL A 84 2.34 -2.24 2.97
C VAL A 84 3.68 -2.90 2.76
N LYS A 85 3.72 -3.90 1.89
CA LYS A 85 4.94 -4.63 1.65
C LYS A 85 4.95 -5.19 0.24
N LYS A 86 5.90 -4.69 -0.54
CA LYS A 86 6.13 -5.22 -1.87
C LYS A 86 6.50 -6.68 -1.70
N GLU A 87 5.81 -7.57 -2.37
CA GLU A 87 6.11 -8.97 -2.22
C GLU A 87 6.14 -9.67 -3.57
N ARG A 88 5.63 -8.99 -4.61
CA ARG A 88 5.62 -9.53 -5.95
C ARG A 88 5.52 -8.35 -6.92
N ILE A 89 5.79 -8.61 -8.19
CA ILE A 89 5.76 -7.60 -9.22
C ILE A 89 5.30 -8.27 -10.51
N GLU A 90 4.48 -7.60 -11.29
CA GLU A 90 3.93 -8.23 -12.47
C GLU A 90 4.32 -7.48 -13.72
N LYS A 91 4.38 -8.20 -14.82
CA LYS A 91 4.84 -7.63 -16.07
C LYS A 91 3.71 -7.62 -17.08
N LEU A 92 3.53 -6.47 -17.69
CA LEU A 92 2.36 -6.21 -18.53
C LEU A 92 2.71 -6.12 -20.00
N GLU A 93 1.67 -6.01 -20.79
CA GLU A 93 1.79 -5.91 -22.23
C GLU A 93 0.51 -5.34 -22.81
N SER A 1 8.19 14.07 -5.45
CA SER A 1 7.53 15.29 -4.96
C SER A 1 6.19 15.49 -5.65
N ASN A 2 6.13 15.16 -6.94
CA ASN A 2 4.89 15.31 -7.69
C ASN A 2 3.98 14.11 -7.46
N THR A 3 2.69 14.36 -7.34
CA THR A 3 1.74 13.32 -6.99
C THR A 3 1.60 12.26 -8.08
N ARG A 4 1.79 11.02 -7.68
CA ARG A 4 1.60 9.89 -8.58
C ARG A 4 0.17 9.39 -8.57
N ASN A 5 -0.29 9.12 -9.77
CA ASN A 5 -1.63 8.63 -10.02
C ASN A 5 -1.59 7.16 -10.33
N PHE A 6 -2.24 6.37 -9.51
CA PHE A 6 -2.25 4.93 -9.68
C PHE A 6 -3.66 4.41 -9.89
N VAL A 7 -3.69 3.18 -10.37
CA VAL A 7 -4.91 2.42 -10.45
C VAL A 7 -4.69 1.10 -9.77
N LEU A 8 -5.60 0.75 -8.90
CA LEU A 8 -5.49 -0.50 -8.17
C LEU A 8 -6.00 -1.62 -9.07
N ARG A 9 -5.56 -2.84 -8.83
CA ARG A 9 -5.96 -3.96 -9.66
C ARG A 9 -6.29 -5.10 -8.73
N ASP A 10 -7.30 -5.86 -9.08
CA ASP A 10 -7.69 -6.99 -8.26
C ASP A 10 -6.87 -8.21 -8.68
N GLU A 11 -7.28 -9.39 -8.28
CA GLU A 11 -6.45 -10.56 -8.48
C GLU A 11 -6.64 -11.12 -9.87
N ASP A 12 -7.87 -11.39 -10.28
CA ASP A 12 -8.17 -11.93 -11.60
C ASP A 12 -8.05 -10.87 -12.71
N GLY A 13 -7.70 -9.64 -12.36
CA GLY A 13 -7.66 -8.61 -13.38
C GLY A 13 -8.83 -7.65 -13.32
N ASN A 14 -9.27 -7.32 -12.12
CA ASN A 14 -10.33 -6.34 -11.98
C ASN A 14 -9.70 -5.03 -11.56
N GLU A 15 -10.52 -4.02 -11.41
CA GLU A 15 -10.00 -2.70 -11.14
C GLU A 15 -10.57 -2.12 -9.86
N HIS A 16 -9.77 -1.26 -9.27
CA HIS A 16 -10.12 -0.54 -8.06
C HIS A 16 -9.80 0.92 -8.28
N GLY A 17 -9.62 1.69 -7.24
CA GLY A 17 -9.79 3.11 -7.42
C GLY A 17 -8.49 3.76 -7.83
N VAL A 18 -8.48 5.08 -7.89
CA VAL A 18 -7.26 5.80 -8.24
C VAL A 18 -6.49 6.21 -6.98
N PHE A 19 -5.36 5.56 -6.78
CA PHE A 19 -4.51 5.82 -5.63
C PHE A 19 -3.40 6.80 -5.93
N THR A 20 -3.53 7.96 -5.31
CA THR A 20 -2.52 8.98 -5.41
C THR A 20 -1.47 8.90 -4.31
N GLY A 21 -0.27 8.60 -4.74
CA GLY A 21 0.85 8.50 -3.83
C GLY A 21 2.07 9.29 -4.27
N LYS A 22 3.02 9.48 -3.37
CA LYS A 22 4.28 10.12 -3.73
C LYS A 22 5.16 9.12 -4.47
N GLN A 23 4.96 7.85 -4.17
CA GLN A 23 5.65 6.76 -4.81
C GLN A 23 4.86 5.48 -4.60
N PRO A 24 5.13 4.42 -5.37
CA PRO A 24 4.46 3.13 -5.23
C PRO A 24 4.20 2.70 -3.78
N ARG A 25 5.25 2.69 -2.98
CA ARG A 25 5.13 2.33 -1.57
C ARG A 25 4.08 3.19 -0.83
N GLN A 26 4.02 4.49 -1.13
CA GLN A 26 3.04 5.36 -0.49
C GLN A 26 1.67 5.19 -1.11
N ALA A 27 1.65 4.89 -2.39
CA ALA A 27 0.40 4.57 -3.07
C ALA A 27 -0.17 3.28 -2.50
N ALA A 28 0.75 2.40 -2.11
CA ALA A 28 0.38 1.17 -1.45
C ALA A 28 -0.14 1.44 -0.05
N LEU A 29 0.48 2.39 0.64
CA LEU A 29 -0.03 2.86 1.92
C LEU A 29 -1.47 3.32 1.73
N LYS A 30 -1.61 4.35 0.90
CA LYS A 30 -2.92 4.79 0.41
C LYS A 30 -3.87 3.62 0.18
N ALA A 31 -3.42 2.56 -0.48
CA ALA A 31 -4.27 1.43 -0.77
C ALA A 31 -4.66 0.68 0.50
N ALA A 32 -3.78 0.71 1.49
CA ALA A 32 -3.98 -0.04 2.71
C ALA A 32 -4.86 0.71 3.72
N ASN A 33 -4.98 2.01 3.53
CA ASN A 33 -5.81 2.84 4.40
C ASN A 33 -7.20 2.26 4.57
N ARG A 34 -7.72 1.63 3.53
CA ARG A 34 -9.08 1.10 3.52
C ARG A 34 -9.09 -0.35 3.98
N GLY A 35 -7.95 -0.99 3.88
CA GLY A 35 -7.84 -2.40 4.17
C GLY A 35 -6.84 -2.68 5.26
N SER A 36 -7.30 -2.67 6.50
CA SER A 36 -6.42 -2.88 7.64
C SER A 36 -5.88 -4.31 7.67
N GLY A 37 -6.54 -5.21 6.92
CA GLY A 37 -6.22 -6.63 6.93
C GLY A 37 -5.73 -7.10 8.27
N THR A 38 -4.68 -7.90 8.26
CA THR A 38 -3.88 -8.18 9.44
C THR A 38 -2.45 -8.43 8.99
N LYS A 39 -1.51 -8.48 9.91
CA LYS A 39 -0.14 -8.85 9.56
C LYS A 39 -0.09 -10.23 8.92
N ALA A 40 -0.97 -11.10 9.38
CA ALA A 40 -0.93 -12.49 8.97
C ALA A 40 -1.59 -12.69 7.61
N ASN A 41 -2.70 -12.02 7.41
CA ASN A 41 -3.45 -12.11 6.18
C ASN A 41 -3.75 -10.72 5.61
N PRO A 42 -2.70 -9.99 5.22
CA PRO A 42 -2.83 -8.59 4.82
C PRO A 42 -3.68 -8.41 3.56
N ASP A 43 -4.41 -7.31 3.51
CA ASP A 43 -5.20 -6.98 2.32
C ASP A 43 -4.29 -6.79 1.12
N ILE A 44 -4.35 -7.71 0.18
CA ILE A 44 -3.49 -7.68 -0.99
C ILE A 44 -3.76 -6.46 -1.85
N ILE A 45 -2.73 -5.67 -2.07
CA ILE A 45 -2.86 -4.50 -2.92
C ILE A 45 -1.97 -4.60 -4.15
N ARG A 46 -2.55 -4.31 -5.29
CA ARG A 46 -1.81 -4.24 -6.53
C ARG A 46 -1.98 -2.87 -7.16
N LEU A 47 -0.89 -2.13 -7.27
CA LEU A 47 -0.96 -0.79 -7.79
C LEU A 47 -0.38 -0.73 -9.18
N ARG A 48 -1.18 -0.26 -10.10
CA ARG A 48 -0.79 -0.10 -11.46
C ARG A 48 -0.74 1.39 -11.77
N GLU A 49 0.42 2.00 -11.72
CA GLU A 49 0.55 3.40 -12.07
C GLU A 49 0.16 3.61 -13.52
N ARG A 50 -0.47 4.72 -13.81
CA ARG A 50 -1.04 4.95 -15.14
C ARG A 50 0.01 5.53 -16.08
N GLY A 51 1.27 5.48 -15.67
CA GLY A 51 2.35 5.88 -16.53
C GLY A 51 3.48 4.87 -16.56
N THR A 52 3.41 3.87 -15.69
CA THR A 52 4.42 2.83 -15.62
C THR A 52 3.95 1.57 -16.35
N LYS A 53 4.84 0.59 -16.50
CA LYS A 53 4.51 -0.64 -17.20
C LYS A 53 4.48 -1.81 -16.23
N LYS A 54 4.51 -1.51 -14.94
CA LYS A 54 4.50 -2.54 -13.92
C LYS A 54 3.31 -2.40 -12.99
N VAL A 55 2.76 -3.53 -12.58
CA VAL A 55 1.71 -3.57 -11.59
C VAL A 55 2.27 -4.20 -10.32
N HIS A 56 2.60 -3.38 -9.36
CA HIS A 56 3.25 -3.87 -8.15
C HIS A 56 2.24 -4.32 -7.13
N VAL A 57 2.57 -5.42 -6.48
CA VAL A 57 1.68 -6.01 -5.52
C VAL A 57 2.39 -6.18 -4.18
N PHE A 58 1.91 -5.46 -3.19
CA PHE A 58 2.42 -5.59 -1.86
C PHE A 58 1.30 -6.12 -0.99
N LYS A 59 1.61 -6.90 0.02
CA LYS A 59 0.64 -7.06 1.11
C LYS A 59 0.48 -5.72 1.84
N ALA A 60 -0.50 -5.63 2.71
CA ALA A 60 -0.84 -4.36 3.36
C ALA A 60 -1.74 -4.59 4.57
N TRP A 61 -1.44 -3.95 5.69
CA TRP A 61 -2.22 -4.15 6.92
C TRP A 61 -2.00 -3.00 7.90
N LYS A 62 -2.76 -2.99 9.00
CA LYS A 62 -2.63 -1.94 10.02
C LYS A 62 -2.86 -2.51 11.40
N GLU A 63 -1.88 -2.33 12.28
CA GLU A 63 -1.96 -2.81 13.65
C GLU A 63 -0.76 -2.30 14.42
N ILE A 64 -0.83 -2.18 15.74
CA ILE A 64 0.35 -1.85 16.51
C ILE A 64 1.33 -3.01 16.52
N VAL A 65 2.57 -2.73 16.12
CA VAL A 65 3.56 -3.76 15.82
C VAL A 65 4.95 -3.22 16.11
N ASP A 66 5.94 -3.97 15.61
CA ASP A 66 7.35 -3.57 15.54
C ASP A 66 8.14 -4.18 16.65
N ALA A 67 9.39 -3.80 16.77
CA ALA A 67 10.31 -4.56 17.58
C ALA A 67 10.92 -3.69 18.69
N PRO A 68 11.80 -4.26 19.55
CA PRO A 68 12.56 -3.49 20.57
C PRO A 68 13.31 -2.27 20.04
N LYS A 69 14.07 -1.65 20.95
CA LYS A 69 14.64 -0.31 20.76
C LYS A 69 15.52 -0.19 19.51
N ASN A 70 15.87 -1.32 18.92
CA ASN A 70 16.68 -1.34 17.71
C ASN A 70 15.86 -0.95 16.46
N ARG A 71 14.88 -0.07 16.66
CA ARG A 71 14.02 0.40 15.57
C ARG A 71 14.68 1.55 14.82
N PRO A 72 14.16 1.92 13.64
CA PRO A 72 14.66 3.09 12.91
C PRO A 72 14.40 4.38 13.68
N ALA A 73 15.11 5.43 13.29
CA ALA A 73 15.02 6.70 14.00
C ALA A 73 13.67 7.37 13.81
N TRP A 74 12.89 6.89 12.84
CA TRP A 74 11.61 7.51 12.55
C TRP A 74 10.45 6.71 13.11
N MET A 75 10.55 5.38 13.05
CA MET A 75 9.48 4.53 13.57
C MET A 75 9.87 3.92 14.90
N PRO A 76 8.96 3.90 15.86
CA PRO A 76 9.20 3.33 17.16
C PRO A 76 8.78 1.86 17.25
N GLU A 77 8.70 1.42 18.48
CA GLU A 77 8.56 0.01 18.82
C GLU A 77 7.12 -0.45 18.82
N LYS A 78 6.23 0.47 18.56
CA LYS A 78 4.80 0.23 18.59
C LYS A 78 4.16 1.26 17.68
N ILE A 79 3.48 0.84 16.62
CA ILE A 79 2.81 1.79 15.75
C ILE A 79 1.66 1.09 15.02
N SER A 80 0.59 1.83 14.82
CA SER A 80 -0.52 1.32 14.04
C SER A 80 -0.79 2.18 12.82
N LYS A 81 -0.01 1.95 11.78
CA LYS A 81 -0.23 2.65 10.51
C LYS A 81 -0.41 1.70 9.34
N PRO A 82 -0.86 2.21 8.16
CA PRO A 82 -0.96 1.41 6.94
C PRO A 82 0.39 0.80 6.55
N PHE A 83 0.60 -0.42 6.97
CA PHE A 83 1.81 -1.13 6.64
C PHE A 83 1.60 -1.81 5.31
N VAL A 84 2.65 -2.44 4.82
CA VAL A 84 2.69 -2.90 3.44
C VAL A 84 3.88 -3.85 3.34
N LYS A 85 4.02 -4.50 2.20
CA LYS A 85 5.13 -5.43 1.97
C LYS A 85 5.12 -5.96 0.54
N LYS A 86 5.94 -5.37 -0.31
CA LYS A 86 6.18 -5.93 -1.62
C LYS A 86 6.70 -7.35 -1.53
N GLU A 87 6.11 -8.20 -2.35
CA GLU A 87 6.57 -9.59 -2.45
C GLU A 87 5.99 -10.30 -3.66
N ARG A 88 5.60 -9.52 -4.67
CA ARG A 88 5.19 -10.05 -5.95
C ARG A 88 5.10 -8.91 -6.93
N ILE A 89 5.20 -9.22 -8.21
CA ILE A 89 5.21 -8.21 -9.23
C ILE A 89 4.40 -8.67 -10.45
N GLU A 90 3.60 -7.76 -10.97
CA GLU A 90 2.77 -8.05 -12.11
C GLU A 90 3.11 -7.15 -13.29
N LYS A 91 2.61 -7.52 -14.45
CA LYS A 91 2.77 -6.74 -15.66
C LYS A 91 1.60 -5.84 -15.88
N LEU A 92 1.77 -4.96 -16.84
CA LEU A 92 0.76 -3.95 -17.13
C LEU A 92 -0.41 -4.61 -17.80
N GLU A 93 -1.58 -3.98 -17.73
CA GLU A 93 -2.79 -4.57 -18.24
C GLU A 93 -3.13 -3.97 -19.59
N SER A 1 2.06 19.31 -5.03
CA SER A 1 2.90 18.09 -5.01
C SER A 1 2.48 17.16 -6.15
N ASN A 2 3.37 16.96 -7.11
CA ASN A 2 3.10 16.06 -8.22
C ASN A 2 3.37 14.63 -7.79
N THR A 3 2.46 14.12 -7.00
CA THR A 3 2.50 12.75 -6.53
C THR A 3 2.09 11.80 -7.65
N ARG A 4 2.62 10.59 -7.65
CA ARG A 4 2.35 9.66 -8.72
C ARG A 4 1.13 8.81 -8.46
N ASN A 5 0.52 8.42 -9.56
CA ASN A 5 -0.81 7.86 -9.56
C ASN A 5 -0.74 6.35 -9.78
N PHE A 6 -1.51 5.63 -9.02
CA PHE A 6 -1.61 4.20 -9.15
C PHE A 6 -3.06 3.80 -9.29
N VAL A 7 -3.37 3.14 -10.37
CA VAL A 7 -4.72 2.69 -10.58
C VAL A 7 -4.82 1.23 -10.16
N LEU A 8 -5.81 0.97 -9.33
CA LEU A 8 -5.94 -0.32 -8.69
C LEU A 8 -6.23 -1.41 -9.70
N ARG A 9 -5.61 -2.54 -9.51
CA ARG A 9 -5.77 -3.69 -10.38
C ARG A 9 -6.89 -4.61 -9.89
N ASP A 10 -7.19 -5.56 -10.75
CA ASP A 10 -8.20 -6.55 -10.47
C ASP A 10 -7.62 -7.93 -10.70
N GLU A 11 -8.36 -8.93 -10.29
CA GLU A 11 -7.92 -10.32 -10.43
C GLU A 11 -7.72 -10.69 -11.90
N ASP A 12 -8.59 -10.16 -12.76
CA ASP A 12 -8.43 -10.35 -14.20
C ASP A 12 -7.39 -9.37 -14.73
N GLY A 13 -7.46 -8.16 -14.20
CA GLY A 13 -6.50 -7.12 -14.54
C GLY A 13 -7.20 -5.89 -15.06
N ASN A 14 -8.41 -5.69 -14.56
CA ASN A 14 -9.18 -4.49 -14.84
C ASN A 14 -8.62 -3.35 -13.99
N GLU A 15 -9.33 -2.23 -13.97
CA GLU A 15 -8.81 -1.02 -13.39
C GLU A 15 -9.82 -0.38 -12.44
N HIS A 16 -9.51 -0.47 -11.17
CA HIS A 16 -10.36 0.08 -10.12
C HIS A 16 -9.96 1.52 -9.83
N GLY A 17 -10.38 2.03 -8.67
CA GLY A 17 -10.09 3.40 -8.30
C GLY A 17 -8.63 3.78 -8.48
N VAL A 18 -8.41 5.03 -8.89
CA VAL A 18 -7.07 5.58 -9.00
C VAL A 18 -6.61 6.08 -7.63
N PHE A 19 -5.34 5.92 -7.34
CA PHE A 19 -4.80 6.30 -6.05
C PHE A 19 -3.61 7.22 -6.27
N THR A 20 -3.45 8.21 -5.42
CA THR A 20 -2.25 9.01 -5.42
C THR A 20 -1.61 8.93 -4.06
N GLY A 21 -0.31 8.74 -4.03
CA GLY A 21 0.36 8.60 -2.76
C GLY A 21 1.66 9.36 -2.73
N LYS A 22 2.67 8.79 -3.35
CA LYS A 22 3.98 9.40 -3.50
C LYS A 22 4.92 8.37 -4.12
N GLN A 23 4.67 7.13 -3.77
CA GLN A 23 5.41 6.01 -4.32
C GLN A 23 4.60 4.73 -4.14
N PRO A 24 4.96 3.63 -4.81
CA PRO A 24 4.27 2.32 -4.68
C PRO A 24 3.96 1.91 -3.22
N ARG A 25 4.72 2.47 -2.31
CA ARG A 25 4.59 2.12 -0.90
C ARG A 25 3.52 2.99 -0.25
N GLN A 26 3.45 4.24 -0.69
CA GLN A 26 2.51 5.22 -0.15
C GLN A 26 1.16 5.11 -0.86
N ALA A 27 1.14 4.43 -1.99
CA ALA A 27 -0.08 4.27 -2.75
C ALA A 27 -0.81 3.02 -2.30
N ALA A 28 -0.05 1.92 -2.18
CA ALA A 28 -0.55 0.72 -1.55
C ALA A 28 -0.97 1.04 -0.12
N LEU A 29 -0.21 1.93 0.50
CA LEU A 29 -0.55 2.48 1.79
C LEU A 29 -2.00 2.98 1.77
N LYS A 30 -2.22 4.01 0.96
CA LYS A 30 -3.57 4.56 0.71
C LYS A 30 -4.67 3.48 0.69
N ALA A 31 -4.48 2.39 -0.04
CA ALA A 31 -5.50 1.34 -0.12
C ALA A 31 -5.68 0.62 1.21
N ALA A 32 -4.64 0.59 2.02
CA ALA A 32 -4.71 -0.06 3.33
C ALA A 32 -5.58 0.73 4.28
N ASN A 33 -5.70 1.99 3.96
CA ASN A 33 -6.33 2.99 4.80
C ASN A 33 -7.81 2.79 5.12
N ARG A 34 -8.50 1.74 4.63
CA ARG A 34 -9.92 1.68 4.94
C ARG A 34 -10.10 1.29 6.41
N GLY A 35 -9.69 0.09 6.82
CA GLY A 35 -9.12 0.05 8.15
C GLY A 35 -8.92 -1.31 8.75
N SER A 36 -9.96 -2.15 8.74
CA SER A 36 -9.86 -3.46 9.35
C SER A 36 -8.66 -4.20 8.77
N GLY A 37 -8.32 -3.78 7.56
CA GLY A 37 -7.01 -4.12 6.99
C GLY A 37 -5.91 -4.15 8.05
N THR A 38 -5.59 -5.35 8.48
CA THR A 38 -4.68 -5.58 9.62
C THR A 38 -3.68 -6.66 9.30
N LYS A 39 -2.82 -7.02 10.24
CA LYS A 39 -1.82 -8.04 9.97
C LYS A 39 -2.51 -9.37 9.74
N ALA A 40 -3.66 -9.54 10.39
CA ALA A 40 -4.39 -10.79 10.30
C ALA A 40 -4.95 -10.97 8.90
N ASN A 41 -5.40 -9.87 8.33
CA ASN A 41 -5.99 -9.87 7.01
C ASN A 41 -5.55 -8.65 6.20
N PRO A 42 -4.28 -8.60 5.75
CA PRO A 42 -3.81 -7.47 4.97
C PRO A 42 -4.51 -7.47 3.63
N ASP A 43 -5.04 -6.33 3.24
CA ASP A 43 -5.85 -6.27 2.05
C ASP A 43 -4.93 -6.40 0.86
N ILE A 44 -4.98 -7.56 0.21
CA ILE A 44 -4.09 -7.84 -0.88
C ILE A 44 -4.47 -7.01 -2.09
N ILE A 45 -3.76 -5.91 -2.22
CA ILE A 45 -3.98 -4.99 -3.32
C ILE A 45 -2.88 -5.17 -4.35
N ARG A 46 -3.19 -4.86 -5.57
CA ARG A 46 -2.20 -4.87 -6.62
C ARG A 46 -2.25 -3.52 -7.30
N LEU A 47 -1.30 -2.67 -6.99
CA LEU A 47 -1.30 -1.34 -7.55
C LEU A 47 -0.57 -1.37 -8.87
N ARG A 48 -1.11 -0.70 -9.82
CA ARG A 48 -0.44 -0.59 -11.09
C ARG A 48 -0.24 0.87 -11.36
N GLU A 49 1.00 1.34 -11.36
CA GLU A 49 1.26 2.75 -11.56
C GLU A 49 0.77 3.11 -12.93
N ARG A 50 0.24 4.31 -13.08
CA ARG A 50 -0.51 4.64 -14.28
C ARG A 50 0.43 4.85 -15.44
N GLY A 51 1.69 5.11 -15.13
CA GLY A 51 2.66 5.28 -16.15
C GLY A 51 3.38 3.98 -16.48
N THR A 52 3.15 2.95 -15.66
CA THR A 52 3.76 1.66 -15.89
C THR A 52 2.72 0.63 -16.29
N LYS A 53 3.13 -0.34 -17.10
CA LYS A 53 2.29 -1.50 -17.33
C LYS A 53 2.73 -2.60 -16.39
N LYS A 54 3.44 -2.17 -15.36
CA LYS A 54 3.94 -3.05 -14.34
C LYS A 54 3.05 -2.97 -13.11
N VAL A 55 2.82 -4.11 -12.52
CA VAL A 55 1.93 -4.24 -11.39
C VAL A 55 2.73 -4.36 -10.10
N HIS A 56 2.53 -3.40 -9.24
CA HIS A 56 3.20 -3.32 -7.96
C HIS A 56 2.28 -3.90 -6.89
N VAL A 57 2.49 -5.14 -6.49
CA VAL A 57 1.57 -5.82 -5.58
C VAL A 57 2.06 -5.79 -4.13
N PHE A 58 1.21 -5.32 -3.22
CA PHE A 58 1.55 -5.26 -1.79
C PHE A 58 0.36 -5.72 -0.94
N LYS A 59 0.51 -6.72 -0.08
CA LYS A 59 -0.48 -6.85 1.00
C LYS A 59 -0.32 -5.73 2.04
N ALA A 60 -1.26 -4.80 2.02
CA ALA A 60 -1.26 -3.67 2.95
C ALA A 60 -2.12 -3.92 4.19
N TRP A 61 -1.68 -3.36 5.31
CA TRP A 61 -2.42 -3.49 6.57
C TRP A 61 -2.00 -2.37 7.53
N LYS A 62 -2.95 -1.85 8.29
CA LYS A 62 -2.64 -0.78 9.24
C LYS A 62 -2.60 -1.39 10.62
N GLU A 63 -1.49 -1.21 11.29
CA GLU A 63 -1.23 -1.96 12.48
C GLU A 63 -0.36 -1.17 13.46
N ILE A 64 -0.49 -1.52 14.72
CA ILE A 64 0.32 -0.96 15.79
C ILE A 64 1.11 -2.07 16.43
N VAL A 65 2.41 -1.95 16.43
CA VAL A 65 3.24 -2.98 17.00
C VAL A 65 4.13 -2.37 18.07
N ASP A 66 4.49 -3.18 19.06
CA ASP A 66 5.26 -2.70 20.22
C ASP A 66 6.78 -2.55 19.96
N ALA A 67 7.49 -2.22 21.05
CA ALA A 67 8.92 -1.86 21.06
C ALA A 67 9.84 -2.83 20.30
N PRO A 68 11.04 -2.33 19.92
CA PRO A 68 11.97 -3.01 19.01
C PRO A 68 12.58 -4.31 19.51
N LYS A 69 11.75 -5.30 19.66
CA LYS A 69 12.21 -6.68 19.75
C LYS A 69 12.16 -7.24 18.34
N ASN A 70 11.58 -6.43 17.47
CA ASN A 70 11.27 -6.82 16.09
C ASN A 70 11.70 -5.75 15.10
N ARG A 71 12.30 -4.69 15.60
CA ARG A 71 12.34 -3.42 14.86
C ARG A 71 13.75 -2.97 14.53
N PRO A 72 13.84 -1.97 13.64
CA PRO A 72 14.97 -1.05 13.57
C PRO A 72 15.01 -0.20 14.83
N ALA A 73 16.18 0.21 15.25
CA ALA A 73 16.38 0.82 16.55
C ALA A 73 15.89 2.26 16.65
N TRP A 74 15.36 2.78 15.56
CA TRP A 74 14.83 4.14 15.55
C TRP A 74 13.33 4.15 15.80
N MET A 75 12.69 3.01 15.54
CA MET A 75 11.25 2.89 15.66
C MET A 75 10.86 2.66 17.12
N PRO A 76 9.88 3.45 17.63
CA PRO A 76 9.47 3.39 19.03
C PRO A 76 8.64 2.16 19.34
N GLU A 77 8.27 2.01 20.62
CA GLU A 77 7.43 0.95 21.05
C GLU A 77 6.19 0.91 20.19
N LYS A 78 5.24 1.75 20.50
CA LYS A 78 3.99 1.75 19.77
C LYS A 78 4.05 2.67 18.57
N ILE A 79 3.64 2.16 17.42
CA ILE A 79 3.49 3.00 16.24
C ILE A 79 2.31 2.49 15.41
N SER A 80 1.67 3.38 14.70
CA SER A 80 0.52 3.05 13.87
C SER A 80 0.75 3.50 12.42
N LYS A 81 0.60 2.59 11.48
CA LYS A 81 0.92 2.86 10.07
C LYS A 81 0.20 1.86 9.17
N PRO A 82 -0.23 2.30 7.99
CA PRO A 82 -0.62 1.38 6.92
C PRO A 82 0.61 0.76 6.30
N PHE A 83 0.94 -0.43 6.76
CA PHE A 83 2.11 -1.13 6.30
C PHE A 83 1.84 -1.78 4.96
N VAL A 84 2.91 -2.32 4.40
CA VAL A 84 2.89 -2.86 3.04
C VAL A 84 4.21 -3.55 2.76
N LYS A 85 4.19 -4.83 2.53
CA LYS A 85 5.29 -5.41 1.79
C LYS A 85 4.81 -5.88 0.44
N LYS A 86 5.36 -5.30 -0.62
CA LYS A 86 5.16 -5.85 -1.93
C LYS A 86 5.56 -7.32 -1.96
N GLU A 87 4.75 -8.08 -2.65
CA GLU A 87 5.02 -9.49 -2.80
C GLU A 87 6.03 -9.66 -3.92
N ARG A 88 5.93 -8.74 -4.88
CA ARG A 88 6.79 -8.72 -6.05
C ARG A 88 6.33 -7.65 -7.03
N ILE A 89 6.96 -7.60 -8.18
CA ILE A 89 6.62 -6.65 -9.22
C ILE A 89 6.39 -7.37 -10.53
N GLU A 90 5.15 -7.43 -10.95
CA GLU A 90 4.78 -8.14 -12.17
C GLU A 90 4.29 -7.20 -13.24
N LYS A 91 3.87 -7.77 -14.34
CA LYS A 91 3.30 -7.05 -15.46
C LYS A 91 1.82 -7.39 -15.52
N LEU A 92 1.04 -6.72 -16.35
CA LEU A 92 -0.37 -7.05 -16.47
C LEU A 92 -0.51 -8.43 -17.10
N GLU A 93 -1.57 -9.11 -16.73
CA GLU A 93 -1.76 -10.50 -17.10
C GLU A 93 -2.78 -10.62 -18.24
N SER A 1 7.35 17.00 -3.87
CA SER A 1 8.04 16.72 -5.15
C SER A 1 7.85 15.25 -5.52
N ASN A 2 7.83 15.00 -6.83
CA ASN A 2 7.65 13.65 -7.38
C ASN A 2 6.30 13.07 -6.98
N THR A 3 5.32 13.30 -7.82
CA THR A 3 3.99 12.76 -7.62
C THR A 3 3.71 11.66 -8.64
N ARG A 4 3.68 10.43 -8.13
CA ARG A 4 3.40 9.28 -8.96
C ARG A 4 1.92 8.93 -8.90
N ASN A 5 1.41 8.25 -9.92
CA ASN A 5 -0.02 7.95 -10.00
C ASN A 5 -0.25 6.45 -10.07
N PHE A 6 -1.17 5.96 -9.27
CA PHE A 6 -1.49 4.54 -9.23
C PHE A 6 -2.97 4.35 -8.99
N VAL A 7 -3.63 3.48 -9.75
CA VAL A 7 -5.00 3.13 -9.45
C VAL A 7 -5.03 1.64 -9.08
N LEU A 8 -5.72 1.34 -8.00
CA LEU A 8 -5.72 -0.01 -7.44
C LEU A 8 -6.39 -1.02 -8.36
N ARG A 9 -5.93 -2.27 -8.30
CA ARG A 9 -6.68 -3.38 -8.84
C ARG A 9 -6.99 -4.32 -7.68
N ASP A 10 -8.26 -4.62 -7.47
CA ASP A 10 -8.67 -5.34 -6.27
C ASP A 10 -8.58 -6.83 -6.47
N GLU A 11 -8.85 -7.56 -5.41
CA GLU A 11 -8.76 -9.02 -5.40
C GLU A 11 -9.39 -9.67 -6.65
N ASP A 12 -10.57 -9.20 -7.04
CA ASP A 12 -11.25 -9.75 -8.22
C ASP A 12 -10.38 -9.57 -9.47
N GLY A 13 -9.77 -8.41 -9.56
CA GLY A 13 -8.85 -8.14 -10.63
C GLY A 13 -9.31 -6.97 -11.46
N ASN A 14 -10.08 -6.09 -10.84
CA ASN A 14 -10.61 -4.93 -11.52
C ASN A 14 -9.95 -3.68 -10.98
N GLU A 15 -10.20 -2.57 -11.63
CA GLU A 15 -9.54 -1.33 -11.32
C GLU A 15 -10.39 -0.48 -10.38
N HIS A 16 -9.73 0.19 -9.45
CA HIS A 16 -10.42 1.00 -8.45
C HIS A 16 -9.78 2.37 -8.32
N GLY A 17 -10.38 3.13 -7.40
CA GLY A 17 -9.93 4.45 -7.00
C GLY A 17 -8.48 4.76 -7.33
N VAL A 18 -8.27 5.86 -8.02
CA VAL A 18 -6.93 6.31 -8.33
C VAL A 18 -6.34 7.02 -7.12
N PHE A 19 -5.18 6.56 -6.70
CA PHE A 19 -4.49 7.14 -5.57
C PHE A 19 -3.23 7.80 -6.07
N THR A 20 -2.78 8.85 -5.44
CA THR A 20 -1.61 9.55 -5.89
C THR A 20 -0.75 9.84 -4.67
N GLY A 21 0.54 9.74 -4.83
CA GLY A 21 1.41 9.86 -3.68
C GLY A 21 2.80 10.29 -4.04
N LYS A 22 3.65 10.32 -3.03
CA LYS A 22 5.04 10.67 -3.20
C LYS A 22 5.87 9.43 -3.56
N GLN A 23 5.44 8.28 -3.05
CA GLN A 23 6.06 7.00 -3.39
C GLN A 23 5.03 5.89 -3.20
N PRO A 24 5.23 4.75 -3.91
CA PRO A 24 4.23 3.67 -4.03
C PRO A 24 3.65 3.20 -2.70
N ARG A 25 4.39 3.40 -1.62
CA ARG A 25 3.95 3.02 -0.29
C ARG A 25 2.62 3.72 0.06
N GLN A 26 2.58 5.04 -0.05
CA GLN A 26 1.34 5.82 0.16
C GLN A 26 0.22 5.33 -0.75
N ALA A 27 0.59 5.10 -2.00
CA ALA A 27 -0.34 4.55 -3.00
C ALA A 27 -0.93 3.25 -2.53
N ALA A 28 -0.11 2.50 -1.83
CA ALA A 28 -0.47 1.19 -1.33
C ALA A 28 -1.10 1.31 0.04
N LEU A 29 -0.82 2.41 0.71
CA LEU A 29 -1.54 2.76 1.92
C LEU A 29 -2.98 3.02 1.54
N LYS A 30 -3.15 4.05 0.72
CA LYS A 30 -4.42 4.30 0.00
C LYS A 30 -5.09 3.02 -0.53
N ALA A 31 -4.34 1.94 -0.60
CA ALA A 31 -4.87 0.63 -0.94
C ALA A 31 -5.19 -0.16 0.34
N ALA A 32 -4.19 -0.23 1.22
CA ALA A 32 -4.24 -0.99 2.47
C ALA A 32 -5.30 -0.45 3.42
N ASN A 33 -5.56 0.85 3.32
CA ASN A 33 -6.54 1.59 4.14
C ASN A 33 -7.92 0.92 4.23
N ARG A 34 -8.14 -0.18 3.51
CA ARG A 34 -9.42 -0.85 3.60
C ARG A 34 -9.37 -1.85 4.75
N GLY A 35 -8.43 -2.80 4.67
CA GLY A 35 -7.86 -3.36 5.85
C GLY A 35 -7.86 -4.86 5.79
N SER A 36 -8.33 -5.48 6.85
CA SER A 36 -8.47 -6.92 6.96
C SER A 36 -7.11 -7.62 7.02
N GLY A 37 -6.07 -6.88 7.37
CA GLY A 37 -4.75 -7.46 7.48
C GLY A 37 -3.96 -6.92 8.64
N THR A 38 -3.13 -7.77 9.24
CA THR A 38 -2.22 -7.36 10.30
C THR A 38 -0.80 -7.74 9.94
N LYS A 39 0.16 -7.38 10.77
CA LYS A 39 1.55 -7.73 10.53
C LYS A 39 1.71 -9.23 10.44
N ALA A 40 0.95 -9.93 11.25
CA ALA A 40 1.07 -11.37 11.34
C ALA A 40 0.51 -12.03 10.08
N ASN A 41 -0.40 -11.32 9.44
CA ASN A 41 -1.11 -11.82 8.28
C ASN A 41 -1.66 -10.68 7.43
N PRO A 42 -0.81 -10.10 6.56
CA PRO A 42 -1.16 -8.95 5.74
C PRO A 42 -1.86 -9.39 4.47
N ASP A 43 -2.92 -8.70 4.09
CA ASP A 43 -3.65 -9.03 2.88
C ASP A 43 -2.85 -8.60 1.66
N ILE A 44 -3.32 -8.96 0.48
CA ILE A 44 -2.59 -8.71 -0.74
C ILE A 44 -3.29 -7.66 -1.59
N ILE A 45 -2.61 -6.56 -1.82
CA ILE A 45 -3.16 -5.50 -2.67
C ILE A 45 -2.25 -5.19 -3.83
N ARG A 46 -2.85 -5.16 -5.00
CA ARG A 46 -2.12 -4.81 -6.20
C ARG A 46 -2.46 -3.42 -6.70
N LEU A 47 -1.48 -2.52 -6.66
CA LEU A 47 -1.61 -1.24 -7.33
C LEU A 47 -1.28 -1.40 -8.80
N ARG A 48 -1.66 -0.42 -9.56
CA ARG A 48 -1.35 -0.42 -10.96
C ARG A 48 -0.81 0.94 -11.27
N GLU A 49 0.22 1.01 -12.10
CA GLU A 49 0.77 2.29 -12.41
C GLU A 49 -0.08 2.88 -13.52
N ARG A 50 -1.26 3.25 -13.07
CA ARG A 50 -2.43 3.59 -13.88
C ARG A 50 -2.71 2.56 -14.99
N GLY A 51 -1.82 2.41 -15.94
CA GLY A 51 -2.08 1.50 -17.04
C GLY A 51 -0.83 0.80 -17.52
N THR A 52 -0.09 0.18 -16.62
CA THR A 52 1.12 -0.53 -16.99
C THR A 52 0.86 -2.00 -17.23
N LYS A 53 1.77 -2.65 -17.94
CA LYS A 53 1.71 -4.09 -18.14
C LYS A 53 2.17 -4.77 -16.87
N LYS A 54 2.91 -4.04 -16.06
CA LYS A 54 3.39 -4.55 -14.79
C LYS A 54 2.52 -4.00 -13.66
N VAL A 55 1.78 -4.90 -13.04
CA VAL A 55 0.94 -4.54 -11.91
C VAL A 55 1.75 -4.62 -10.63
N HIS A 56 1.66 -3.60 -9.80
CA HIS A 56 2.47 -3.52 -8.60
C HIS A 56 1.78 -4.29 -7.49
N VAL A 57 2.53 -5.03 -6.70
CA VAL A 57 1.92 -5.94 -5.71
C VAL A 57 2.55 -5.76 -4.35
N PHE A 58 1.75 -5.33 -3.38
CA PHE A 58 2.23 -5.17 -2.01
C PHE A 58 1.30 -5.90 -1.04
N LYS A 59 1.87 -6.55 -0.03
CA LYS A 59 1.07 -6.94 1.14
C LYS A 59 0.73 -5.69 1.92
N ALA A 60 -0.26 -5.76 2.77
CA ALA A 60 -0.78 -4.57 3.41
C ALA A 60 -1.41 -4.91 4.76
N TRP A 61 -1.24 -4.05 5.75
CA TRP A 61 -1.75 -4.32 7.10
C TRP A 61 -1.81 -3.03 7.91
N LYS A 62 -2.01 -3.15 9.21
CA LYS A 62 -1.96 -2.00 10.12
C LYS A 62 -1.32 -2.42 11.44
N GLU A 63 -0.44 -1.57 11.94
CA GLU A 63 0.24 -1.83 13.20
C GLU A 63 0.46 -0.52 13.94
N ILE A 64 0.90 -0.62 15.17
CA ILE A 64 1.32 0.55 15.92
C ILE A 64 2.82 0.45 16.16
N VAL A 65 3.54 0.71 15.10
CA VAL A 65 4.99 0.49 15.09
C VAL A 65 5.82 1.65 15.62
N ASP A 66 7.11 1.55 15.37
CA ASP A 66 8.10 2.46 15.93
C ASP A 66 9.06 2.99 14.87
N ALA A 67 9.16 4.31 14.77
CA ALA A 67 10.10 4.95 13.86
C ALA A 67 11.09 5.83 14.61
N PRO A 68 12.35 5.82 14.17
CA PRO A 68 13.42 6.63 14.76
C PRO A 68 13.42 8.07 14.27
N LYS A 69 14.54 8.74 14.55
CA LYS A 69 14.70 10.20 14.45
C LYS A 69 14.26 10.80 13.11
N ASN A 70 14.19 9.99 12.06
CA ASN A 70 13.90 10.51 10.72
C ASN A 70 12.40 10.71 10.54
N ARG A 71 11.66 10.55 11.62
CA ARG A 71 10.22 10.78 11.63
C ARG A 71 9.92 12.28 11.76
N PRO A 72 8.70 12.69 11.44
CA PRO A 72 8.25 14.07 11.67
C PRO A 72 8.12 14.38 13.14
N ALA A 73 8.00 15.65 13.44
CA ALA A 73 7.88 16.08 14.81
C ALA A 73 6.43 16.16 15.25
N TRP A 74 5.54 16.30 14.28
CA TRP A 74 4.10 16.31 14.56
C TRP A 74 3.61 14.91 14.88
N MET A 75 4.28 13.91 14.31
CA MET A 75 3.84 12.53 14.49
C MET A 75 4.68 11.85 15.56
N PRO A 76 4.06 10.94 16.32
CA PRO A 76 4.78 10.03 17.20
C PRO A 76 5.71 9.13 16.39
N GLU A 77 6.51 8.31 17.06
CA GLU A 77 7.40 7.36 16.41
C GLU A 77 6.66 6.74 15.25
N LYS A 78 5.60 6.04 15.59
CA LYS A 78 4.67 5.56 14.61
C LYS A 78 3.29 5.43 15.23
N ILE A 79 2.42 4.86 14.44
CA ILE A 79 0.99 5.00 14.62
C ILE A 79 0.26 3.91 13.86
N SER A 80 -0.98 3.67 14.25
CA SER A 80 -1.75 2.59 13.64
C SER A 80 -2.16 2.98 12.23
N LYS A 81 -1.22 2.83 11.32
CA LYS A 81 -1.47 3.11 9.91
C LYS A 81 -1.42 1.88 9.05
N PRO A 82 -1.99 2.01 7.84
CA PRO A 82 -1.89 1.00 6.80
C PRO A 82 -0.44 0.83 6.38
N PHE A 83 0.06 -0.37 6.55
CA PHE A 83 1.39 -0.70 6.16
C PHE A 83 1.33 -1.58 4.96
N VAL A 84 2.47 -1.92 4.42
CA VAL A 84 2.53 -2.43 3.05
C VAL A 84 3.90 -3.07 2.83
N LYS A 85 4.07 -3.70 1.67
CA LYS A 85 5.30 -4.43 1.36
C LYS A 85 5.20 -5.06 -0.03
N LYS A 86 5.79 -4.42 -1.04
CA LYS A 86 5.92 -5.05 -2.35
C LYS A 86 6.89 -6.22 -2.34
N GLU A 87 6.32 -7.41 -2.35
CA GLU A 87 7.09 -8.65 -2.39
C GLU A 87 7.05 -9.30 -3.76
N ARG A 88 6.38 -8.68 -4.71
CA ARG A 88 6.25 -9.23 -6.06
C ARG A 88 5.55 -8.28 -7.00
N ILE A 89 5.49 -8.69 -8.26
CA ILE A 89 4.83 -7.93 -9.31
C ILE A 89 3.94 -8.87 -10.12
N GLU A 90 2.81 -8.35 -10.59
CA GLU A 90 1.91 -9.11 -11.46
C GLU A 90 1.89 -8.48 -12.83
N LYS A 91 1.15 -9.09 -13.74
CA LYS A 91 1.03 -8.56 -15.08
C LYS A 91 -0.39 -8.05 -15.28
N LEU A 92 -0.57 -7.24 -16.30
CA LEU A 92 -1.89 -6.80 -16.69
C LEU A 92 -2.76 -8.00 -17.05
N GLU A 93 -4.08 -7.79 -17.01
CA GLU A 93 -5.07 -8.83 -17.25
C GLU A 93 -5.15 -9.75 -16.03
N SER A 1 8.88 16.61 -5.16
CA SER A 1 7.77 15.94 -4.46
C SER A 1 6.49 16.00 -5.30
N ASN A 2 6.29 15.01 -6.14
CA ASN A 2 5.11 14.94 -7.00
C ASN A 2 4.17 13.86 -6.49
N THR A 3 2.89 14.20 -6.39
CA THR A 3 1.89 13.24 -6.00
C THR A 3 1.47 12.40 -7.20
N ARG A 4 2.05 11.22 -7.29
CA ARG A 4 1.80 10.37 -8.45
C ARG A 4 0.53 9.56 -8.28
N ASN A 5 -0.13 9.36 -9.41
CA ASN A 5 -1.40 8.68 -9.47
C ASN A 5 -1.20 7.23 -9.83
N PHE A 6 -1.89 6.36 -9.12
CA PHE A 6 -1.83 4.93 -9.37
C PHE A 6 -3.22 4.34 -9.48
N VAL A 7 -3.35 3.35 -10.32
CA VAL A 7 -4.61 2.65 -10.45
C VAL A 7 -4.59 1.41 -9.59
N LEU A 8 -5.75 1.00 -9.09
CA LEU A 8 -5.84 -0.13 -8.18
C LEU A 8 -6.59 -1.25 -8.86
N ARG A 9 -6.25 -2.49 -8.56
CA ARG A 9 -7.05 -3.62 -9.00
C ARG A 9 -6.99 -4.72 -7.96
N ASP A 10 -7.91 -5.67 -8.02
CA ASP A 10 -7.83 -6.87 -7.17
C ASP A 10 -6.94 -7.92 -7.83
N GLU A 11 -7.07 -9.17 -7.40
CA GLU A 11 -6.30 -10.27 -7.99
C GLU A 11 -7.10 -10.85 -9.15
N ASP A 12 -8.28 -10.26 -9.35
CA ASP A 12 -9.29 -10.81 -10.24
C ASP A 12 -9.48 -9.95 -11.49
N GLY A 13 -8.99 -8.72 -11.46
CA GLY A 13 -9.22 -7.84 -12.59
C GLY A 13 -10.27 -6.81 -12.30
N ASN A 14 -10.30 -6.34 -11.06
CA ASN A 14 -11.30 -5.37 -10.64
C ASN A 14 -10.62 -4.04 -10.46
N GLU A 15 -10.79 -3.17 -11.43
CA GLU A 15 -10.07 -1.90 -11.44
C GLU A 15 -10.77 -0.88 -10.55
N HIS A 16 -10.02 -0.36 -9.58
CA HIS A 16 -10.57 0.53 -8.58
C HIS A 16 -10.07 1.96 -8.75
N GLY A 17 -10.31 2.75 -7.72
CA GLY A 17 -9.92 4.14 -7.67
C GLY A 17 -8.47 4.41 -7.98
N VAL A 18 -8.16 5.67 -8.23
CA VAL A 18 -6.79 6.07 -8.49
C VAL A 18 -6.12 6.56 -7.21
N PHE A 19 -5.17 5.78 -6.75
CA PHE A 19 -4.45 6.07 -5.53
C PHE A 19 -3.25 6.96 -5.78
N THR A 20 -3.30 8.08 -5.13
CA THR A 20 -2.22 9.04 -5.17
C THR A 20 -1.21 8.70 -4.11
N GLY A 21 0.06 8.88 -4.41
CA GLY A 21 1.11 8.43 -3.54
C GLY A 21 2.44 8.84 -4.13
N LYS A 22 3.37 9.29 -3.31
CA LYS A 22 4.65 9.80 -3.83
C LYS A 22 5.43 8.69 -4.52
N GLN A 23 5.07 7.46 -4.20
CA GLN A 23 5.64 6.28 -4.85
C GLN A 23 4.72 5.10 -4.61
N PRO A 24 4.87 3.99 -5.34
CA PRO A 24 4.03 2.80 -5.19
C PRO A 24 3.79 2.42 -3.72
N ARG A 25 4.87 2.31 -2.95
CA ARG A 25 4.77 2.03 -1.51
C ARG A 25 3.80 2.98 -0.80
N GLN A 26 3.86 4.26 -1.14
CA GLN A 26 3.00 5.25 -0.50
C GLN A 26 1.59 5.19 -1.07
N ALA A 27 1.48 4.89 -2.35
CA ALA A 27 0.19 4.67 -2.99
C ALA A 27 -0.45 3.42 -2.41
N ALA A 28 0.39 2.44 -2.10
CA ALA A 28 -0.03 1.21 -1.48
C ALA A 28 -0.48 1.46 -0.05
N LEU A 29 0.17 2.42 0.60
CA LEU A 29 -0.26 2.85 1.93
C LEU A 29 -1.72 3.26 1.87
N LYS A 30 -1.99 4.25 1.03
CA LYS A 30 -3.36 4.69 0.72
C LYS A 30 -4.28 3.54 0.32
N ALA A 31 -3.74 2.44 -0.18
CA ALA A 31 -4.58 1.32 -0.61
C ALA A 31 -4.80 0.36 0.56
N ALA A 32 -3.87 0.37 1.49
CA ALA A 32 -3.91 -0.51 2.64
C ALA A 32 -4.68 0.12 3.79
N ASN A 33 -4.88 1.43 3.71
CA ASN A 33 -5.50 2.17 4.80
C ASN A 33 -6.93 1.71 5.07
N ARG A 34 -7.50 0.97 4.12
CA ARG A 34 -8.89 0.57 4.19
C ARG A 34 -9.02 -0.81 4.82
N GLY A 35 -7.98 -1.63 4.66
CA GLY A 35 -8.00 -2.99 5.11
C GLY A 35 -7.00 -3.20 6.22
N SER A 36 -7.51 -3.26 7.44
CA SER A 36 -6.67 -3.46 8.60
C SER A 36 -5.92 -4.78 8.50
N GLY A 37 -6.61 -5.82 8.03
CA GLY A 37 -6.06 -7.18 8.08
C GLY A 37 -5.27 -7.42 9.35
N THR A 38 -4.16 -8.11 9.21
CA THR A 38 -3.14 -8.15 10.25
C THR A 38 -1.77 -8.27 9.61
N LYS A 39 -0.73 -8.12 10.40
CA LYS A 39 0.63 -8.35 9.94
C LYS A 39 0.81 -9.80 9.49
N ALA A 40 0.03 -10.69 10.09
CA ALA A 40 0.20 -12.12 9.88
C ALA A 40 -0.57 -12.59 8.67
N ASN A 41 -1.61 -11.85 8.30
CA ASN A 41 -2.43 -12.18 7.15
C ASN A 41 -2.88 -10.92 6.44
N PRO A 42 -1.93 -10.17 5.89
CA PRO A 42 -2.20 -8.91 5.22
C PRO A 42 -3.06 -9.06 3.98
N ASP A 43 -3.84 -8.03 3.68
CA ASP A 43 -4.64 -8.02 2.46
C ASP A 43 -3.75 -7.63 1.29
N ILE A 44 -3.72 -8.46 0.28
CA ILE A 44 -2.86 -8.22 -0.86
C ILE A 44 -3.43 -7.12 -1.74
N ILE A 45 -2.68 -6.02 -1.86
CA ILE A 45 -3.12 -4.92 -2.70
C ILE A 45 -2.31 -4.83 -3.98
N ARG A 46 -3.00 -4.55 -5.05
CA ARG A 46 -2.34 -4.33 -6.32
C ARG A 46 -2.10 -2.85 -6.56
N LEU A 47 -1.35 -2.60 -7.61
CA LEU A 47 -0.96 -1.23 -7.96
C LEU A 47 -0.67 -1.13 -9.43
N ARG A 48 -1.66 -0.72 -10.18
CA ARG A 48 -1.48 -0.54 -11.59
C ARG A 48 -0.78 0.78 -11.84
N GLU A 49 0.07 0.77 -12.84
CA GLU A 49 0.83 1.96 -13.15
C GLU A 49 0.30 2.56 -14.42
N ARG A 50 0.08 3.85 -14.38
CA ARG A 50 -0.40 4.56 -15.56
C ARG A 50 0.78 5.11 -16.35
N GLY A 51 1.94 4.54 -16.09
CA GLY A 51 3.13 4.87 -16.85
C GLY A 51 3.85 3.63 -17.38
N THR A 52 3.55 2.46 -16.80
CA THR A 52 4.18 1.21 -17.24
C THR A 52 3.14 0.16 -17.62
N LYS A 53 3.60 -1.00 -18.04
CA LYS A 53 2.74 -2.14 -18.29
C LYS A 53 2.93 -3.19 -17.20
N LYS A 54 3.20 -2.72 -16.00
CA LYS A 54 3.51 -3.60 -14.89
C LYS A 54 2.73 -3.20 -13.65
N VAL A 55 1.97 -4.14 -13.12
CA VAL A 55 1.19 -3.89 -11.92
C VAL A 55 1.97 -4.31 -10.69
N HIS A 56 2.13 -3.40 -9.75
CA HIS A 56 2.87 -3.68 -8.53
C HIS A 56 1.96 -4.41 -7.56
N VAL A 57 2.52 -5.30 -6.76
CA VAL A 57 1.72 -5.96 -5.73
C VAL A 57 2.48 -6.00 -4.41
N PHE A 58 1.81 -5.52 -3.36
CA PHE A 58 2.34 -5.58 -2.03
C PHE A 58 1.26 -6.18 -1.14
N LYS A 59 1.62 -6.98 -0.16
CA LYS A 59 0.71 -7.19 0.94
C LYS A 59 0.59 -5.90 1.73
N ALA A 60 -0.32 -5.88 2.66
CA ALA A 60 -0.79 -4.62 3.19
C ALA A 60 -1.69 -4.88 4.38
N TRP A 61 -1.45 -4.14 5.44
CA TRP A 61 -2.12 -4.38 6.68
C TRP A 61 -2.05 -3.11 7.51
N LYS A 62 -2.56 -3.15 8.71
CA LYS A 62 -2.45 -2.02 9.59
C LYS A 62 -1.97 -2.48 10.96
N GLU A 63 -1.13 -1.66 11.58
CA GLU A 63 -0.50 -2.00 12.84
C GLU A 63 -0.65 -0.83 13.80
N ILE A 64 -0.22 -1.00 15.03
CA ILE A 64 -0.34 0.06 16.00
C ILE A 64 0.95 0.89 16.10
N VAL A 65 0.73 2.19 16.11
CA VAL A 65 1.78 3.21 16.15
C VAL A 65 1.44 4.28 17.16
N ASP A 66 2.25 5.34 17.23
CA ASP A 66 1.86 6.53 17.96
C ASP A 66 1.35 7.58 16.98
N ALA A 67 0.69 8.59 17.49
CA ALA A 67 -0.08 9.51 16.68
C ALA A 67 0.08 10.93 17.25
N PRO A 68 -0.60 11.94 16.67
CA PRO A 68 -0.61 13.27 17.23
C PRO A 68 -1.67 13.41 18.33
N LYS A 69 -1.39 14.24 19.32
CA LYS A 69 -2.23 14.34 20.51
C LYS A 69 -3.50 15.15 20.23
N ASN A 70 -3.69 15.60 19.00
CA ASN A 70 -4.85 16.39 18.64
C ASN A 70 -5.98 15.51 18.15
N ARG A 71 -5.79 14.22 18.27
CA ARG A 71 -6.78 13.22 17.91
C ARG A 71 -7.99 13.24 18.88
N PRO A 72 -9.08 12.49 18.56
CA PRO A 72 -10.30 12.46 19.39
C PRO A 72 -10.07 12.13 20.86
N ALA A 73 -11.13 12.13 21.65
CA ALA A 73 -11.03 11.79 23.06
C ALA A 73 -10.47 10.38 23.25
N TRP A 74 -11.03 9.43 22.51
CA TRP A 74 -10.64 8.04 22.65
C TRP A 74 -9.36 7.73 21.88
N MET A 75 -9.26 8.32 20.70
CA MET A 75 -8.08 8.12 19.87
C MET A 75 -6.89 8.92 20.34
N PRO A 76 -5.83 8.25 20.77
CA PRO A 76 -4.57 8.85 21.06
C PRO A 76 -3.51 8.48 20.04
N GLU A 77 -2.26 8.56 20.47
CA GLU A 77 -1.14 8.02 19.75
C GLU A 77 -1.34 6.58 19.37
N LYS A 78 -1.52 5.72 20.35
CA LYS A 78 -1.55 4.31 20.04
C LYS A 78 -2.88 3.95 19.42
N ILE A 79 -2.81 3.54 18.14
CA ILE A 79 -3.97 3.25 17.31
C ILE A 79 -3.50 2.45 16.10
N SER A 80 -4.42 2.12 15.22
CA SER A 80 -4.11 1.47 13.96
C SER A 80 -3.46 2.44 12.95
N LYS A 81 -2.75 1.88 11.98
CA LYS A 81 -1.94 2.67 11.06
C LYS A 81 -1.63 1.82 9.83
N PRO A 82 -1.74 2.39 8.62
CA PRO A 82 -1.37 1.68 7.38
C PRO A 82 0.04 1.09 7.40
N PHE A 83 0.21 0.04 6.58
CA PHE A 83 1.42 -0.77 6.50
C PHE A 83 1.32 -1.62 5.24
N VAL A 84 2.46 -2.07 4.71
CA VAL A 84 2.52 -2.63 3.36
C VAL A 84 3.84 -3.37 3.22
N LYS A 85 3.99 -4.13 2.14
CA LYS A 85 5.22 -4.86 1.89
C LYS A 85 5.20 -5.47 0.50
N LYS A 86 5.84 -4.81 -0.45
CA LYS A 86 6.07 -5.37 -1.78
C LYS A 86 6.73 -6.74 -1.69
N GLU A 87 6.14 -7.71 -2.36
CA GLU A 87 6.65 -9.07 -2.33
C GLU A 87 6.78 -9.65 -3.74
N ARG A 88 6.31 -8.92 -4.72
CA ARG A 88 6.12 -9.48 -6.05
C ARG A 88 5.77 -8.38 -7.05
N ILE A 89 5.69 -8.75 -8.32
CA ILE A 89 5.23 -7.88 -9.39
C ILE A 89 4.27 -8.65 -10.29
N GLU A 90 3.20 -7.99 -10.68
CA GLU A 90 2.18 -8.60 -11.50
C GLU A 90 2.16 -7.99 -12.89
N LYS A 91 1.30 -8.55 -13.71
CA LYS A 91 1.18 -8.17 -15.11
C LYS A 91 -0.04 -7.29 -15.31
N LEU A 92 -0.15 -6.68 -16.48
CA LEU A 92 -1.35 -5.95 -16.82
C LEU A 92 -2.45 -6.93 -17.20
N GLU A 93 -3.67 -6.44 -17.18
CA GLU A 93 -4.81 -7.23 -17.54
C GLU A 93 -6.00 -6.31 -17.77
N SER A 1 10.10 14.99 -5.25
CA SER A 1 8.98 14.10 -4.85
C SER A 1 7.72 14.45 -5.64
N ASN A 2 7.60 13.91 -6.84
CA ASN A 2 6.44 14.16 -7.67
C ASN A 2 5.32 13.19 -7.31
N THR A 3 4.08 13.66 -7.45
CA THR A 3 2.92 12.84 -7.15
C THR A 3 2.83 11.66 -8.11
N ARG A 4 2.73 10.47 -7.55
CA ARG A 4 2.66 9.26 -8.33
C ARG A 4 1.22 8.87 -8.60
N ASN A 5 1.03 8.47 -9.83
CA ASN A 5 -0.27 8.12 -10.34
C ASN A 5 -0.43 6.63 -10.51
N PHE A 6 -1.35 6.07 -9.75
CA PHE A 6 -1.53 4.63 -9.71
C PHE A 6 -2.98 4.22 -9.91
N VAL A 7 -3.13 2.92 -9.93
CA VAL A 7 -4.40 2.26 -10.16
C VAL A 7 -4.41 0.96 -9.38
N LEU A 8 -5.58 0.55 -8.97
CA LEU A 8 -5.74 -0.74 -8.37
C LEU A 8 -6.22 -1.68 -9.47
N ARG A 9 -6.05 -2.97 -9.32
CA ARG A 9 -6.54 -3.90 -10.32
C ARG A 9 -7.43 -4.88 -9.59
N ASP A 10 -8.47 -5.37 -10.24
CA ASP A 10 -9.39 -6.32 -9.59
C ASP A 10 -8.70 -7.67 -9.37
N GLU A 11 -9.48 -8.69 -9.04
CA GLU A 11 -8.93 -10.00 -8.66
C GLU A 11 -8.15 -10.63 -9.81
N ASP A 12 -8.66 -10.47 -11.03
CA ASP A 12 -7.96 -10.96 -12.22
C ASP A 12 -6.94 -9.93 -12.66
N GLY A 13 -7.33 -8.67 -12.53
CA GLY A 13 -6.40 -7.62 -12.93
C GLY A 13 -7.08 -6.59 -13.79
N ASN A 14 -8.27 -6.18 -13.36
CA ASN A 14 -9.08 -5.27 -14.17
C ASN A 14 -8.65 -3.83 -13.85
N GLU A 15 -9.40 -3.14 -12.98
CA GLU A 15 -9.05 -1.78 -12.57
C GLU A 15 -9.95 -1.26 -11.45
N HIS A 16 -9.33 -0.59 -10.47
CA HIS A 16 -10.07 0.08 -9.40
C HIS A 16 -9.35 1.35 -9.00
N GLY A 17 -10.08 2.16 -8.25
CA GLY A 17 -9.62 3.46 -7.78
C GLY A 17 -8.72 4.25 -8.71
N VAL A 18 -8.22 5.33 -8.15
CA VAL A 18 -7.09 6.07 -8.68
C VAL A 18 -6.21 6.44 -7.49
N PHE A 19 -5.04 5.83 -7.40
CA PHE A 19 -4.23 6.04 -6.21
C PHE A 19 -3.06 6.97 -6.44
N THR A 20 -3.23 8.13 -5.91
CA THR A 20 -2.16 9.12 -5.83
C THR A 20 -1.37 9.03 -4.54
N GLY A 21 -0.09 8.73 -4.72
CA GLY A 21 0.84 8.62 -3.62
C GLY A 21 2.18 9.22 -3.95
N LYS A 22 3.05 9.38 -2.95
CA LYS A 22 4.40 9.86 -3.19
C LYS A 22 5.33 8.68 -3.48
N GLN A 23 4.82 7.49 -3.23
CA GLN A 23 5.54 6.25 -3.43
C GLN A 23 4.53 5.11 -3.51
N PRO A 24 4.79 4.06 -4.30
CA PRO A 24 3.89 2.90 -4.38
C PRO A 24 3.37 2.45 -3.02
N ARG A 25 4.24 2.40 -2.02
CA ARG A 25 3.87 1.99 -0.67
C ARG A 25 2.80 2.91 -0.08
N GLN A 26 2.85 4.20 -0.39
CA GLN A 26 1.86 5.17 0.09
C GLN A 26 0.56 5.02 -0.69
N ALA A 27 0.74 4.78 -1.97
CA ALA A 27 -0.38 4.51 -2.87
C ALA A 27 -1.06 3.20 -2.48
N ALA A 28 -0.26 2.27 -1.99
CA ALA A 28 -0.76 0.99 -1.53
C ALA A 28 -1.25 1.11 -0.13
N LEU A 29 -0.68 2.07 0.57
CA LEU A 29 -1.11 2.44 1.88
C LEU A 29 -2.52 2.99 1.75
N LYS A 30 -2.61 4.09 1.04
CA LYS A 30 -3.91 4.60 0.53
C LYS A 30 -4.91 3.47 0.20
N ALA A 31 -4.41 2.29 -0.15
CA ALA A 31 -5.27 1.12 -0.38
C ALA A 31 -5.41 0.29 0.92
N ALA A 32 -4.31 0.22 1.66
CA ALA A 32 -4.20 -0.49 2.94
C ALA A 32 -4.97 0.19 4.06
N ASN A 33 -5.47 1.39 3.80
CA ASN A 33 -6.17 2.16 4.83
C ASN A 33 -7.39 1.41 5.30
N ARG A 34 -8.21 0.99 4.35
CA ARG A 34 -9.36 0.17 4.69
C ARG A 34 -8.86 -1.16 5.25
N GLY A 35 -8.03 -1.88 4.48
CA GLY A 35 -7.06 -2.76 5.07
C GLY A 35 -7.68 -4.08 5.41
N SER A 36 -8.11 -4.19 6.66
CA SER A 36 -8.68 -5.40 7.18
C SER A 36 -7.64 -6.53 7.17
N GLY A 37 -6.41 -6.16 7.46
CA GLY A 37 -5.33 -7.13 7.51
C GLY A 37 -4.39 -6.85 8.66
N THR A 38 -3.64 -7.87 9.08
CA THR A 38 -2.68 -7.72 10.17
C THR A 38 -1.31 -8.16 9.70
N LYS A 39 -0.30 -8.15 10.56
CA LYS A 39 1.01 -8.62 10.12
C LYS A 39 0.96 -10.14 9.97
N ALA A 40 0.06 -10.76 10.72
CA ALA A 40 -0.12 -12.21 10.71
C ALA A 40 -0.86 -12.66 9.45
N ASN A 41 -1.69 -11.78 8.94
CA ASN A 41 -2.52 -12.07 7.79
C ASN A 41 -2.75 -10.81 6.96
N PRO A 42 -1.67 -10.27 6.37
CA PRO A 42 -1.74 -9.03 5.60
C PRO A 42 -2.61 -9.22 4.38
N ASP A 43 -3.47 -8.24 4.13
CA ASP A 43 -4.35 -8.28 2.97
C ASP A 43 -3.55 -8.02 1.72
N ILE A 44 -4.19 -8.08 0.59
CA ILE A 44 -3.50 -7.92 -0.67
C ILE A 44 -4.10 -6.80 -1.52
N ILE A 45 -3.22 -6.01 -2.11
CA ILE A 45 -3.62 -4.97 -3.06
C ILE A 45 -2.64 -4.95 -4.23
N ARG A 46 -3.18 -4.85 -5.42
CA ARG A 46 -2.35 -4.83 -6.62
C ARG A 46 -2.42 -3.46 -7.27
N LEU A 47 -1.29 -2.77 -7.26
CA LEU A 47 -1.24 -1.40 -7.73
C LEU A 47 -0.66 -1.30 -9.12
N ARG A 48 -1.54 -1.09 -10.05
CA ARG A 48 -1.20 -0.79 -11.41
C ARG A 48 -0.58 0.61 -11.45
N GLU A 49 0.26 0.87 -12.44
CA GLU A 49 0.86 2.19 -12.53
C GLU A 49 0.51 2.78 -13.87
N ARG A 50 0.02 4.00 -13.86
CA ARG A 50 -0.28 4.69 -15.11
C ARG A 50 0.89 5.57 -15.52
N GLY A 51 2.04 5.27 -14.95
CA GLY A 51 3.28 5.88 -15.37
C GLY A 51 4.16 4.86 -16.07
N THR A 52 4.48 3.81 -15.34
CA THR A 52 5.25 2.71 -15.90
C THR A 52 4.34 1.62 -16.45
N LYS A 53 4.93 0.61 -17.07
CA LYS A 53 4.20 -0.55 -17.56
C LYS A 53 4.23 -1.65 -16.52
N LYS A 54 4.66 -1.28 -15.32
CA LYS A 54 4.86 -2.23 -14.25
C LYS A 54 3.80 -2.06 -13.17
N VAL A 55 3.24 -3.18 -12.75
CA VAL A 55 2.24 -3.18 -11.70
C VAL A 55 2.89 -3.62 -10.39
N HIS A 56 2.71 -2.85 -9.36
CA HIS A 56 3.33 -3.11 -8.08
C HIS A 56 2.38 -3.90 -7.20
N VAL A 57 2.84 -5.01 -6.63
CA VAL A 57 1.96 -5.84 -5.82
C VAL A 57 2.37 -5.79 -4.36
N PHE A 58 1.43 -5.42 -3.50
CA PHE A 58 1.74 -5.24 -2.10
C PHE A 58 0.72 -5.94 -1.20
N LYS A 59 1.19 -6.78 -0.27
CA LYS A 59 0.39 -7.07 0.92
C LYS A 59 0.33 -5.87 1.85
N ALA A 60 -0.73 -5.83 2.66
CA ALA A 60 -1.05 -4.66 3.46
C ALA A 60 -1.43 -5.05 4.89
N TRP A 61 -1.11 -4.20 5.85
CA TRP A 61 -1.56 -4.38 7.22
C TRP A 61 -1.43 -3.07 7.99
N LYS A 62 -1.79 -3.06 9.26
CA LYS A 62 -1.72 -1.85 10.09
C LYS A 62 -1.19 -2.16 11.47
N GLU A 63 -0.29 -1.31 11.94
CA GLU A 63 0.51 -1.55 13.14
C GLU A 63 0.90 -0.24 13.81
N ILE A 64 1.50 -0.33 15.00
CA ILE A 64 2.15 0.82 15.64
C ILE A 64 3.66 0.59 15.60
N VAL A 65 4.24 0.95 14.47
CA VAL A 65 5.63 0.63 14.15
C VAL A 65 6.66 1.67 14.62
N ASP A 66 7.84 1.58 14.02
CA ASP A 66 9.03 2.29 14.48
C ASP A 66 9.77 2.96 13.32
N ALA A 67 9.43 4.23 13.01
CA ALA A 67 10.24 5.01 12.07
C ALA A 67 11.60 5.39 12.64
N PRO A 68 12.59 5.61 11.77
CA PRO A 68 13.94 5.99 12.16
C PRO A 68 14.06 7.41 12.71
N LYS A 69 15.26 7.96 12.66
CA LYS A 69 15.53 9.25 13.28
C LYS A 69 14.95 10.40 12.45
N ASN A 70 14.76 10.16 11.15
CA ASN A 70 14.36 11.23 10.22
C ASN A 70 12.85 11.47 10.23
N ARG A 71 12.18 10.98 11.25
CA ARG A 71 10.75 11.20 11.45
C ARG A 71 10.48 12.65 11.88
N PRO A 72 9.19 13.07 11.91
CA PRO A 72 8.80 14.40 12.37
C PRO A 72 8.87 14.54 13.87
N ALA A 73 8.76 15.77 14.34
CA ALA A 73 8.83 16.06 15.77
C ALA A 73 7.44 16.02 16.40
N TRP A 74 6.41 16.17 15.59
CA TRP A 74 5.05 16.04 16.07
C TRP A 74 4.66 14.57 16.14
N MET A 75 5.28 13.76 15.30
CA MET A 75 4.95 12.35 15.23
C MET A 75 5.89 11.57 16.12
N PRO A 76 5.41 10.50 16.76
CA PRO A 76 6.28 9.54 17.42
C PRO A 76 7.10 8.78 16.39
N GLU A 77 7.92 7.82 16.84
CA GLU A 77 8.64 6.95 15.92
C GLU A 77 7.69 6.49 14.84
N LYS A 78 6.72 5.70 15.22
CA LYS A 78 5.59 5.42 14.35
C LYS A 78 4.35 5.11 15.16
N ILE A 79 3.29 4.78 14.45
CA ILE A 79 1.94 4.84 14.96
C ILE A 79 1.06 3.92 14.15
N SER A 80 -0.17 3.77 14.60
CA SER A 80 -1.13 2.90 13.93
C SER A 80 -1.45 3.43 12.53
N LYS A 81 -0.59 3.04 11.58
CA LYS A 81 -0.75 3.37 10.17
C LYS A 81 -0.93 2.13 9.31
N PRO A 82 -1.35 2.33 8.06
CA PRO A 82 -1.34 1.29 7.03
C PRO A 82 0.06 1.07 6.48
N PHE A 83 0.51 -0.17 6.48
CA PHE A 83 1.86 -0.51 6.08
C PHE A 83 1.81 -1.55 5.01
N VAL A 84 2.42 -1.25 3.89
CA VAL A 84 2.32 -2.13 2.76
C VAL A 84 3.68 -2.63 2.34
N LYS A 85 3.77 -3.95 2.21
CA LYS A 85 5.00 -4.58 1.77
C LYS A 85 4.87 -5.06 0.33
N LYS A 86 5.98 -5.48 -0.26
CA LYS A 86 5.98 -5.78 -1.69
C LYS A 86 6.11 -7.29 -1.86
N GLU A 87 5.01 -7.92 -2.25
CA GLU A 87 4.96 -9.38 -2.30
C GLU A 87 5.15 -9.91 -3.71
N ARG A 88 5.18 -9.00 -4.69
CA ARG A 88 5.29 -9.41 -6.08
C ARG A 88 5.39 -8.18 -6.97
N ILE A 89 5.86 -8.38 -8.19
CA ILE A 89 5.88 -7.32 -9.18
C ILE A 89 5.30 -7.82 -10.50
N GLU A 90 4.57 -6.93 -11.14
CA GLU A 90 3.82 -7.23 -12.33
C GLU A 90 4.10 -6.24 -13.44
N LYS A 91 3.47 -6.50 -14.56
CA LYS A 91 3.53 -5.64 -15.75
C LYS A 91 2.16 -5.69 -16.41
N LEU A 92 1.89 -4.83 -17.38
CA LEU A 92 0.64 -4.95 -18.11
C LEU A 92 0.84 -5.96 -19.21
N GLU A 93 -0.22 -6.39 -19.85
CA GLU A 93 -0.12 -7.37 -20.91
C GLU A 93 -1.29 -7.23 -21.86
N SER A 1 5.37 16.62 -12.09
CA SER A 1 4.41 17.73 -11.99
C SER A 1 3.66 17.67 -10.67
N ASN A 2 3.13 16.49 -10.36
CA ASN A 2 2.44 16.25 -9.11
C ASN A 2 2.90 14.93 -8.53
N THR A 3 2.34 14.55 -7.40
CA THR A 3 2.54 13.21 -6.88
C THR A 3 1.94 12.21 -7.87
N ARG A 4 2.36 10.97 -7.82
CA ARG A 4 1.97 10.04 -8.84
C ARG A 4 0.74 9.25 -8.46
N ASN A 5 -0.23 9.33 -9.34
CA ASN A 5 -1.51 8.68 -9.16
C ASN A 5 -1.46 7.27 -9.68
N PHE A 6 -2.18 6.38 -9.02
CA PHE A 6 -2.23 4.98 -9.39
C PHE A 6 -3.68 4.52 -9.51
N VAL A 7 -3.86 3.33 -10.02
CA VAL A 7 -5.16 2.67 -10.01
C VAL A 7 -4.97 1.27 -9.46
N LEU A 8 -5.92 0.80 -8.68
CA LEU A 8 -5.84 -0.55 -8.13
C LEU A 8 -6.18 -1.60 -9.18
N ARG A 9 -5.29 -2.54 -9.41
CA ARG A 9 -5.57 -3.67 -10.29
C ARG A 9 -6.03 -4.85 -9.48
N ASP A 10 -7.14 -5.46 -9.86
CA ASP A 10 -7.63 -6.62 -9.14
C ASP A 10 -7.03 -7.90 -9.70
N GLU A 11 -7.54 -9.03 -9.23
CA GLU A 11 -7.09 -10.35 -9.65
C GLU A 11 -6.86 -10.45 -11.16
N ASP A 12 -7.80 -9.95 -11.94
CA ASP A 12 -7.66 -9.96 -13.39
C ASP A 12 -6.83 -8.77 -13.87
N GLY A 13 -7.01 -7.65 -13.21
CA GLY A 13 -6.25 -6.47 -13.59
C GLY A 13 -7.13 -5.29 -13.94
N ASN A 14 -8.24 -5.16 -13.23
CA ASN A 14 -9.20 -4.12 -13.53
C ASN A 14 -8.82 -2.83 -12.81
N GLU A 15 -9.65 -1.82 -12.97
CA GLU A 15 -9.44 -0.54 -12.32
C GLU A 15 -10.40 -0.40 -11.17
N HIS A 16 -9.89 -0.27 -9.97
CA HIS A 16 -10.76 -0.09 -8.81
C HIS A 16 -10.21 0.94 -7.87
N GLY A 17 -10.83 2.09 -7.94
CA GLY A 17 -10.41 3.20 -7.14
C GLY A 17 -9.12 3.82 -7.64
N VAL A 18 -9.02 5.11 -7.47
CA VAL A 18 -7.79 5.80 -7.76
C VAL A 18 -6.94 5.87 -6.49
N PHE A 19 -5.65 6.12 -6.63
CA PHE A 19 -4.72 6.00 -5.53
C PHE A 19 -3.59 6.99 -5.79
N THR A 20 -2.86 7.37 -4.76
CA THR A 20 -1.81 8.36 -4.91
C THR A 20 -0.59 8.00 -4.08
N GLY A 21 0.55 8.54 -4.46
CA GLY A 21 1.74 8.39 -3.68
C GLY A 21 2.91 9.04 -4.37
N LYS A 22 3.98 9.29 -3.65
CA LYS A 22 5.19 9.78 -4.30
C LYS A 22 6.03 8.60 -4.75
N GLN A 23 5.48 7.42 -4.48
CA GLN A 23 6.08 6.16 -4.84
C GLN A 23 5.00 5.08 -4.81
N PRO A 24 5.11 4.01 -5.59
CA PRO A 24 4.18 2.87 -5.53
C PRO A 24 3.85 2.46 -4.09
N ARG A 25 4.90 2.08 -3.36
CA ARG A 25 4.84 1.90 -1.90
C ARG A 25 3.88 2.91 -1.24
N GLN A 26 3.91 4.17 -1.66
CA GLN A 26 3.04 5.17 -1.11
C GLN A 26 1.61 5.03 -1.65
N ALA A 27 1.48 4.54 -2.86
CA ALA A 27 0.17 4.20 -3.42
C ALA A 27 -0.47 3.10 -2.60
N ALA A 28 0.17 1.93 -2.59
CA ALA A 28 -0.13 0.87 -1.64
C ALA A 28 -0.37 1.41 -0.22
N LEU A 29 0.42 2.41 0.18
CA LEU A 29 0.29 3.06 1.48
C LEU A 29 -1.08 3.73 1.63
N LYS A 30 -1.78 3.88 0.52
CA LYS A 30 -3.13 4.35 0.56
C LYS A 30 -4.06 3.17 0.74
N ALA A 31 -3.97 2.18 -0.15
CA ALA A 31 -4.90 1.06 -0.17
C ALA A 31 -5.06 0.36 1.17
N ALA A 32 -4.02 0.37 1.98
CA ALA A 32 -4.07 -0.31 3.26
C ALA A 32 -5.15 0.28 4.17
N ASN A 33 -5.42 1.58 4.00
CA ASN A 33 -6.41 2.31 4.79
C ASN A 33 -7.84 1.79 4.64
N ARG A 34 -8.04 0.72 3.87
CA ARG A 34 -9.38 0.43 3.38
C ARG A 34 -9.92 -0.83 4.06
N GLY A 35 -9.19 -1.93 3.97
CA GLY A 35 -9.50 -3.04 4.83
C GLY A 35 -8.62 -3.09 6.06
N SER A 36 -7.38 -2.65 5.89
CA SER A 36 -6.40 -2.60 6.98
C SER A 36 -5.91 -3.99 7.37
N GLY A 37 -6.47 -5.03 6.73
CA GLY A 37 -6.10 -6.41 7.01
C GLY A 37 -5.82 -6.65 8.47
N THR A 38 -4.80 -7.45 8.74
CA THR A 38 -4.21 -7.56 10.06
C THR A 38 -2.74 -7.89 9.89
N LYS A 39 -1.97 -7.78 10.95
CA LYS A 39 -0.58 -8.23 10.92
C LYS A 39 -0.51 -9.71 10.56
N ALA A 40 -1.52 -10.45 10.97
CA ALA A 40 -1.51 -11.89 10.83
C ALA A 40 -1.96 -12.31 9.44
N ASN A 41 -2.81 -11.51 8.84
CA ASN A 41 -3.38 -11.82 7.53
C ASN A 41 -3.70 -10.55 6.75
N PRO A 42 -2.67 -9.84 6.30
CA PRO A 42 -2.84 -8.63 5.50
C PRO A 42 -3.54 -8.94 4.17
N ASP A 43 -3.99 -7.90 3.47
CA ASP A 43 -4.74 -8.10 2.22
C ASP A 43 -3.82 -7.96 1.02
N ILE A 44 -4.14 -8.66 -0.05
CA ILE A 44 -3.33 -8.63 -1.27
C ILE A 44 -3.86 -7.64 -2.29
N ILE A 45 -3.20 -6.50 -2.34
CA ILE A 45 -3.48 -5.49 -3.34
C ILE A 45 -2.27 -5.24 -4.21
N ARG A 46 -2.46 -5.03 -5.49
CA ARG A 46 -1.39 -4.47 -6.28
C ARG A 46 -1.85 -3.26 -7.09
N LEU A 47 -1.09 -2.19 -7.04
CA LEU A 47 -1.43 -0.98 -7.78
C LEU A 47 -0.81 -0.97 -9.18
N ARG A 48 -1.39 -0.13 -10.01
CA ARG A 48 -0.92 0.11 -11.37
C ARG A 48 -0.69 1.59 -11.52
N GLU A 49 0.43 2.00 -12.07
CA GLU A 49 0.73 3.43 -12.12
C GLU A 49 0.03 4.06 -13.31
N ARG A 50 -1.28 4.18 -13.14
CA ARG A 50 -2.22 4.76 -14.10
C ARG A 50 -1.81 4.58 -15.56
N GLY A 51 -1.06 5.52 -16.09
CA GLY A 51 -0.66 5.45 -17.49
C GLY A 51 0.51 4.53 -17.74
N THR A 52 0.49 3.35 -17.13
CA THR A 52 1.54 2.36 -17.32
C THR A 52 0.94 0.98 -17.45
N LYS A 53 1.74 0.05 -17.91
CA LYS A 53 1.32 -1.33 -18.03
C LYS A 53 2.10 -2.18 -17.02
N LYS A 54 2.35 -1.59 -15.86
CA LYS A 54 3.14 -2.24 -14.82
C LYS A 54 2.33 -2.30 -13.52
N VAL A 55 2.44 -3.40 -12.80
CA VAL A 55 1.75 -3.56 -11.53
C VAL A 55 2.72 -3.90 -10.40
N HIS A 56 2.44 -3.39 -9.19
CA HIS A 56 3.24 -3.72 -8.01
C HIS A 56 2.40 -4.32 -6.91
N VAL A 57 2.73 -5.55 -6.54
CA VAL A 57 2.00 -6.28 -5.51
C VAL A 57 2.54 -5.94 -4.13
N PHE A 58 1.67 -5.40 -3.29
CA PHE A 58 2.03 -5.10 -1.92
C PHE A 58 0.95 -5.66 -0.99
N LYS A 59 1.34 -6.48 -0.03
CA LYS A 59 0.40 -6.99 0.96
C LYS A 59 0.27 -6.00 2.12
N ALA A 60 -0.96 -5.55 2.36
CA ALA A 60 -1.20 -4.38 3.21
C ALA A 60 -2.04 -4.71 4.45
N TRP A 61 -1.72 -4.02 5.54
CA TRP A 61 -2.47 -4.12 6.80
C TRP A 61 -2.09 -2.93 7.66
N LYS A 62 -2.73 -2.74 8.81
CA LYS A 62 -2.28 -1.69 9.70
C LYS A 62 -2.35 -2.12 11.17
N GLU A 63 -1.19 -2.38 11.79
CA GLU A 63 -1.01 -2.38 13.25
C GLU A 63 0.43 -2.77 13.67
N ILE A 64 1.33 -1.84 13.79
CA ILE A 64 2.61 -2.12 14.43
C ILE A 64 3.40 -0.87 14.67
N VAL A 65 3.46 -0.35 15.87
CA VAL A 65 4.50 0.64 16.13
C VAL A 65 5.04 0.49 17.52
N ASP A 66 6.31 0.81 17.67
CA ASP A 66 6.91 0.90 18.99
C ASP A 66 7.00 2.35 19.42
N ALA A 67 5.84 2.92 19.73
CA ALA A 67 5.74 4.32 20.12
C ALA A 67 6.69 4.66 21.27
N PRO A 68 7.38 5.80 21.15
CA PRO A 68 8.41 6.23 22.11
C PRO A 68 7.82 6.83 23.37
N LYS A 69 8.55 7.75 23.94
CA LYS A 69 8.08 8.52 25.08
C LYS A 69 7.46 9.83 24.60
N ASN A 70 8.14 10.44 23.63
CA ASN A 70 7.68 11.69 22.98
C ASN A 70 6.46 11.44 22.08
N ARG A 71 5.64 10.48 22.45
CA ARG A 71 4.43 10.15 21.71
C ARG A 71 3.43 11.31 21.68
N PRO A 72 2.48 11.24 20.74
CA PRO A 72 1.27 12.06 20.77
C PRO A 72 0.34 11.54 21.86
N ALA A 73 -0.46 12.45 22.40
CA ALA A 73 -1.29 12.16 23.57
C ALA A 73 -2.30 11.05 23.31
N TRP A 74 -2.61 10.81 22.05
CA TRP A 74 -3.57 9.78 21.67
C TRP A 74 -2.89 8.42 21.48
N MET A 75 -1.61 8.44 21.16
CA MET A 75 -0.92 7.23 20.73
C MET A 75 -0.42 6.41 21.92
N PRO A 76 -0.80 5.13 22.00
CA PRO A 76 -0.29 4.20 22.98
C PRO A 76 0.95 3.46 22.50
N GLU A 77 1.25 2.36 23.19
CA GLU A 77 2.43 1.56 22.92
C GLU A 77 2.55 1.20 21.46
N LYS A 78 1.66 0.34 21.00
CA LYS A 78 1.74 -0.15 19.64
C LYS A 78 0.49 0.26 18.88
N ILE A 79 0.65 0.68 17.63
CA ILE A 79 -0.44 1.32 16.91
C ILE A 79 -0.34 0.99 15.44
N SER A 80 -1.39 1.32 14.73
CA SER A 80 -1.48 1.02 13.32
C SER A 80 -1.13 2.22 12.45
N LYS A 81 -0.69 1.94 11.22
CA LYS A 81 -0.32 2.94 10.21
C LYS A 81 -0.44 2.15 8.93
N PRO A 82 -0.77 2.75 7.77
CA PRO A 82 -0.83 1.98 6.51
C PRO A 82 0.44 1.21 6.22
N PHE A 83 0.47 -0.03 6.68
CA PHE A 83 1.56 -0.92 6.34
C PHE A 83 1.28 -1.69 5.09
N VAL A 84 2.32 -1.87 4.35
CA VAL A 84 2.27 -2.62 3.12
C VAL A 84 3.57 -3.34 2.92
N LYS A 85 3.52 -4.46 2.23
CA LYS A 85 4.68 -5.27 2.08
C LYS A 85 4.76 -5.70 0.63
N LYS A 86 5.65 -5.06 -0.09
CA LYS A 86 5.87 -5.37 -1.48
C LYS A 86 6.47 -6.76 -1.55
N GLU A 87 5.80 -7.67 -2.23
CA GLU A 87 6.20 -9.05 -2.18
C GLU A 87 6.45 -9.56 -3.59
N ARG A 88 5.98 -8.80 -4.58
CA ARG A 88 5.98 -9.26 -5.95
C ARG A 88 5.69 -8.08 -6.88
N ILE A 89 5.83 -8.34 -8.16
CA ILE A 89 5.59 -7.37 -9.18
C ILE A 89 4.83 -8.08 -10.29
N GLU A 90 3.81 -7.44 -10.83
CA GLU A 90 3.02 -8.06 -11.86
C GLU A 90 3.14 -7.28 -13.14
N LYS A 91 3.23 -7.96 -14.26
CA LYS A 91 3.42 -7.30 -15.52
C LYS A 91 2.64 -7.97 -16.62
N LEU A 92 2.24 -7.16 -17.58
CA LEU A 92 1.78 -7.67 -18.86
C LEU A 92 2.62 -7.02 -19.94
N GLU A 93 2.74 -7.66 -21.09
CA GLU A 93 3.65 -7.21 -22.10
C GLU A 93 3.00 -7.30 -23.47
N SER A 1 10.13 15.73 -8.38
CA SER A 1 9.45 14.47 -8.04
C SER A 1 8.29 14.76 -7.09
N ASN A 2 7.08 14.50 -7.56
CA ASN A 2 5.89 14.85 -6.81
C ASN A 2 4.99 13.61 -6.66
N THR A 3 3.71 13.84 -6.40
CA THR A 3 2.74 12.78 -6.24
C THR A 3 2.62 11.92 -7.51
N ARG A 4 2.05 10.73 -7.36
CA ARG A 4 1.89 9.77 -8.43
C ARG A 4 0.43 9.38 -8.47
N ASN A 5 0.03 8.64 -9.48
CA ASN A 5 -1.35 8.31 -9.66
C ASN A 5 -1.50 6.83 -10.01
N PHE A 6 -2.01 6.05 -9.08
CA PHE A 6 -2.10 4.60 -9.27
C PHE A 6 -3.54 4.15 -9.37
N VAL A 7 -3.73 3.10 -10.12
CA VAL A 7 -5.00 2.41 -10.16
C VAL A 7 -4.90 1.13 -9.36
N LEU A 8 -5.95 0.80 -8.65
CA LEU A 8 -5.93 -0.35 -7.77
C LEU A 8 -6.45 -1.57 -8.49
N ARG A 9 -6.05 -2.74 -8.00
CA ARG A 9 -6.63 -3.99 -8.42
C ARG A 9 -6.67 -4.88 -7.20
N ASP A 10 -7.86 -5.21 -6.75
CA ASP A 10 -8.01 -5.89 -5.49
C ASP A 10 -8.36 -7.33 -5.71
N GLU A 11 -8.31 -8.07 -4.63
CA GLU A 11 -8.81 -9.46 -4.57
C GLU A 11 -9.95 -9.75 -5.57
N ASP A 12 -10.84 -8.77 -5.74
CA ASP A 12 -11.94 -8.88 -6.72
C ASP A 12 -11.41 -9.22 -8.12
N GLY A 13 -10.28 -8.62 -8.45
CA GLY A 13 -9.61 -8.87 -9.70
C GLY A 13 -10.01 -7.87 -10.76
N ASN A 14 -10.26 -6.65 -10.31
CA ASN A 14 -10.81 -5.61 -11.16
C ASN A 14 -10.16 -4.31 -10.77
N GLU A 15 -10.59 -3.21 -11.35
CA GLU A 15 -10.11 -1.91 -10.95
C GLU A 15 -10.83 -1.42 -9.72
N HIS A 16 -10.14 -0.56 -8.99
CA HIS A 16 -10.71 0.15 -7.87
C HIS A 16 -10.30 1.61 -7.94
N GLY A 17 -10.49 2.32 -6.83
CA GLY A 17 -10.13 3.73 -6.73
C GLY A 17 -8.76 4.07 -7.27
N VAL A 18 -8.57 5.34 -7.62
CA VAL A 18 -7.25 5.79 -8.04
C VAL A 18 -6.47 6.28 -6.84
N PHE A 19 -5.53 5.47 -6.42
CA PHE A 19 -4.68 5.81 -5.29
C PHE A 19 -3.46 6.61 -5.69
N THR A 20 -3.47 7.83 -5.22
CA THR A 20 -2.37 8.75 -5.42
C THR A 20 -1.45 8.70 -4.22
N GLY A 21 -0.16 8.77 -4.46
CA GLY A 21 0.81 8.63 -3.40
C GLY A 21 2.14 9.08 -3.90
N LYS A 22 3.10 9.33 -3.02
CA LYS A 22 4.39 9.86 -3.46
C LYS A 22 5.23 8.79 -4.17
N GLN A 23 4.88 7.53 -3.94
CA GLN A 23 5.53 6.42 -4.62
C GLN A 23 4.61 5.21 -4.58
N PRO A 24 4.91 4.13 -5.35
CA PRO A 24 4.11 2.92 -5.36
C PRO A 24 3.73 2.44 -3.96
N ARG A 25 4.75 2.14 -3.16
CA ARG A 25 4.57 1.82 -1.75
C ARG A 25 3.52 2.71 -1.08
N GLN A 26 3.63 4.03 -1.27
CA GLN A 26 2.77 4.98 -0.58
C GLN A 26 1.36 4.96 -1.16
N ALA A 27 1.23 4.54 -2.41
CA ALA A 27 -0.06 4.43 -3.06
C ALA A 27 -0.81 3.22 -2.51
N ALA A 28 -0.06 2.13 -2.33
CA ALA A 28 -0.60 0.94 -1.69
C ALA A 28 -0.85 1.20 -0.23
N LEU A 29 0.02 2.00 0.36
CA LEU A 29 -0.18 2.49 1.72
C LEU A 29 -1.54 3.15 1.80
N LYS A 30 -1.78 4.12 0.92
CA LYS A 30 -3.11 4.70 0.73
C LYS A 30 -4.21 3.65 0.67
N ALA A 31 -3.98 2.55 -0.03
CA ALA A 31 -5.01 1.51 -0.16
C ALA A 31 -5.17 0.72 1.13
N ALA A 32 -4.11 0.71 1.94
CA ALA A 32 -4.14 0.05 3.23
C ALA A 32 -5.09 0.77 4.18
N ASN A 33 -5.49 1.96 3.78
CA ASN A 33 -6.39 2.80 4.56
C ASN A 33 -7.83 2.36 4.44
N ARG A 34 -8.09 1.26 3.73
CA ARG A 34 -9.47 0.84 3.51
C ARG A 34 -9.86 -0.09 4.65
N GLY A 35 -8.85 -0.76 5.20
CA GLY A 35 -8.99 -1.54 6.40
C GLY A 35 -9.73 -2.85 6.22
N SER A 36 -9.51 -3.52 5.10
CA SER A 36 -10.10 -4.83 4.88
C SER A 36 -9.09 -5.92 5.23
N GLY A 37 -7.95 -5.50 5.76
CA GLY A 37 -6.87 -6.43 6.01
C GLY A 37 -6.11 -6.12 7.28
N THR A 38 -5.44 -7.14 7.81
CA THR A 38 -4.64 -7.01 9.01
C THR A 38 -3.26 -7.57 8.79
N LYS A 39 -2.42 -7.57 9.80
CA LYS A 39 -1.09 -8.14 9.67
C LYS A 39 -1.17 -9.63 9.33
N ALA A 40 -2.21 -10.29 9.82
CA ALA A 40 -2.38 -11.71 9.59
C ALA A 40 -3.00 -11.99 8.22
N ASN A 41 -3.94 -11.16 7.84
CA ASN A 41 -4.58 -11.26 6.53
C ASN A 41 -4.62 -9.91 5.83
N PRO A 42 -3.48 -9.45 5.31
CA PRO A 42 -3.36 -8.12 4.70
C PRO A 42 -4.15 -7.98 3.41
N ASP A 43 -4.45 -6.74 3.07
CA ASP A 43 -5.06 -6.43 1.77
C ASP A 43 -4.02 -6.61 0.68
N ILE A 44 -3.99 -7.79 0.08
CA ILE A 44 -3.05 -8.07 -0.97
C ILE A 44 -3.47 -7.32 -2.24
N ILE A 45 -2.88 -6.16 -2.42
CA ILE A 45 -3.28 -5.25 -3.48
C ILE A 45 -2.24 -5.17 -4.58
N ARG A 46 -2.71 -4.86 -5.77
CA ARG A 46 -1.85 -4.65 -6.92
C ARG A 46 -1.98 -3.19 -7.34
N LEU A 47 -0.90 -2.42 -7.29
CA LEU A 47 -0.99 -1.02 -7.63
C LEU A 47 -0.26 -0.76 -8.94
N ARG A 48 -0.91 -0.08 -9.87
CA ARG A 48 -0.30 0.23 -11.15
C ARG A 48 -0.30 1.73 -11.34
N GLU A 49 0.86 2.37 -11.47
CA GLU A 49 0.89 3.80 -11.73
C GLU A 49 0.57 4.01 -13.17
N ARG A 50 -0.60 4.51 -13.44
CA ARG A 50 -1.02 4.79 -14.81
C ARG A 50 0.05 5.54 -15.59
N GLY A 51 0.75 4.79 -16.43
CA GLY A 51 1.89 5.31 -17.13
C GLY A 51 3.03 4.31 -17.14
N THR A 52 3.04 3.43 -16.15
CA THR A 52 4.01 2.34 -16.10
C THR A 52 3.41 1.10 -16.76
N LYS A 53 4.26 0.11 -17.01
CA LYS A 53 3.84 -1.10 -17.72
C LYS A 53 3.87 -2.30 -16.78
N LYS A 54 4.07 -2.03 -15.50
CA LYS A 54 4.18 -3.09 -14.53
C LYS A 54 3.40 -2.76 -13.27
N VAL A 55 2.83 -3.78 -12.67
CA VAL A 55 2.05 -3.62 -11.46
C VAL A 55 2.88 -4.04 -10.24
N HIS A 56 2.82 -3.25 -9.18
CA HIS A 56 3.51 -3.60 -7.95
C HIS A 56 2.49 -4.17 -6.99
N VAL A 57 2.79 -5.34 -6.44
CA VAL A 57 1.84 -5.98 -5.56
C VAL A 57 2.38 -6.06 -4.15
N PHE A 58 1.57 -5.64 -3.21
CA PHE A 58 1.98 -5.61 -1.83
C PHE A 58 0.82 -5.99 -0.93
N LYS A 59 1.07 -6.83 0.05
CA LYS A 59 0.13 -6.95 1.16
C LYS A 59 0.14 -5.71 2.04
N ALA A 60 -0.93 -4.93 1.98
CA ALA A 60 -1.08 -3.76 2.86
C ALA A 60 -1.88 -4.08 4.12
N TRP A 61 -1.52 -3.43 5.24
CA TRP A 61 -2.19 -3.66 6.52
C TRP A 61 -1.73 -2.61 7.54
N LYS A 62 -2.61 -2.19 8.45
CA LYS A 62 -2.24 -1.21 9.48
C LYS A 62 -1.99 -1.96 10.78
N GLU A 63 -0.93 -1.60 11.48
CA GLU A 63 -0.43 -2.43 12.57
C GLU A 63 0.53 -1.67 13.49
N ILE A 64 0.68 -2.17 14.70
CA ILE A 64 1.69 -1.70 15.62
C ILE A 64 2.84 -2.68 15.67
N VAL A 65 4.07 -2.22 15.52
CA VAL A 65 5.20 -3.11 15.47
C VAL A 65 6.31 -2.63 16.40
N ASP A 66 7.07 -3.57 16.91
CA ASP A 66 8.26 -3.25 17.69
C ASP A 66 9.40 -2.85 16.77
N ALA A 67 9.51 -1.54 16.56
CA ALA A 67 10.51 -0.95 15.69
C ALA A 67 11.92 -1.46 16.03
N PRO A 68 12.70 -1.80 14.98
CA PRO A 68 13.94 -2.58 15.00
C PRO A 68 14.52 -2.99 16.36
N LYS A 69 15.83 -3.07 16.39
CA LYS A 69 16.55 -3.31 17.63
C LYS A 69 16.09 -2.30 18.67
N ASN A 70 16.24 -1.02 18.36
CA ASN A 70 15.60 -0.01 19.20
C ASN A 70 14.87 1.01 18.35
N ARG A 71 15.53 1.40 17.30
CA ARG A 71 15.04 2.46 16.42
C ARG A 71 15.37 2.23 14.95
N PRO A 72 14.49 2.71 14.07
CA PRO A 72 14.86 3.22 12.77
C PRO A 72 15.10 4.70 12.89
N ALA A 73 15.69 5.27 11.88
CA ALA A 73 16.05 6.67 11.91
C ALA A 73 14.83 7.56 11.67
N TRP A 74 13.80 6.93 11.14
CA TRP A 74 12.57 7.61 10.77
C TRP A 74 11.40 7.27 11.70
N MET A 75 11.37 6.02 12.20
CA MET A 75 10.17 5.52 12.87
C MET A 75 10.27 5.57 14.39
N PRO A 76 9.14 5.85 15.04
CA PRO A 76 9.00 5.73 16.51
C PRO A 76 8.92 4.27 16.95
N GLU A 77 9.27 4.01 18.21
CA GLU A 77 9.32 2.64 18.76
C GLU A 77 8.11 1.79 18.35
N LYS A 78 6.92 2.32 18.51
CA LYS A 78 5.72 1.64 18.06
C LYS A 78 4.78 2.64 17.41
N ILE A 79 3.94 2.14 16.50
CA ILE A 79 3.13 2.99 15.62
C ILE A 79 1.96 2.18 15.10
N SER A 80 1.18 2.81 14.28
CA SER A 80 0.17 2.10 13.51
C SER A 80 -0.10 2.82 12.21
N LYS A 81 0.72 2.53 11.21
CA LYS A 81 0.43 2.98 9.86
C LYS A 81 -0.22 1.89 9.06
N PRO A 82 -0.92 2.28 8.00
CA PRO A 82 -1.23 1.39 6.91
C PRO A 82 0.07 0.95 6.24
N PHE A 83 0.59 -0.17 6.70
CA PHE A 83 1.82 -0.74 6.18
C PHE A 83 1.55 -1.46 4.88
N VAL A 84 2.60 -2.02 4.33
CA VAL A 84 2.57 -2.60 2.99
C VAL A 84 3.75 -3.54 2.87
N LYS A 85 3.71 -4.42 1.89
CA LYS A 85 4.83 -5.33 1.68
C LYS A 85 4.82 -5.87 0.28
N LYS A 86 5.64 -5.24 -0.55
CA LYS A 86 5.91 -5.72 -1.87
C LYS A 86 6.49 -7.12 -1.82
N GLU A 87 5.72 -8.06 -2.34
CA GLU A 87 6.09 -9.46 -2.28
C GLU A 87 6.21 -10.04 -3.68
N ARG A 88 6.10 -9.17 -4.70
CA ARG A 88 6.13 -9.62 -6.08
C ARG A 88 5.89 -8.44 -7.01
N ILE A 89 6.09 -8.66 -8.29
CA ILE A 89 5.70 -7.71 -9.31
C ILE A 89 4.70 -8.37 -10.25
N GLU A 90 3.72 -7.62 -10.67
CA GLU A 90 2.61 -8.17 -11.44
C GLU A 90 2.63 -7.64 -12.86
N LYS A 91 1.84 -8.28 -13.70
CA LYS A 91 1.71 -7.89 -15.09
C LYS A 91 0.73 -6.75 -15.17
N LEU A 92 0.77 -5.99 -16.25
CA LEU A 92 -0.15 -4.86 -16.40
C LEU A 92 -1.47 -5.40 -16.87
N GLU A 93 -2.54 -4.86 -16.34
CA GLU A 93 -3.85 -5.43 -16.53
C GLU A 93 -4.89 -4.35 -16.22
N SER A 1 11.13 13.07 -6.54
CA SER A 1 10.32 13.92 -5.64
C SER A 1 9.07 14.39 -6.38
N ASN A 2 8.21 13.44 -6.73
CA ASN A 2 6.98 13.75 -7.46
C ASN A 2 5.95 12.67 -7.19
N THR A 3 4.72 13.10 -6.90
CA THR A 3 3.62 12.18 -6.67
C THR A 3 3.16 11.58 -8.00
N ARG A 4 2.67 10.36 -7.97
CA ARG A 4 2.32 9.61 -9.15
C ARG A 4 0.94 9.00 -8.95
N ASN A 5 0.22 8.70 -10.02
CA ASN A 5 -1.15 8.23 -9.89
C ASN A 5 -1.23 6.76 -10.20
N PHE A 6 -2.10 6.06 -9.50
CA PHE A 6 -2.27 4.63 -9.69
C PHE A 6 -3.71 4.31 -9.95
N VAL A 7 -3.96 3.17 -10.55
CA VAL A 7 -5.29 2.64 -10.65
C VAL A 7 -5.31 1.21 -10.14
N LEU A 8 -6.19 1.00 -9.19
CA LEU A 8 -6.22 -0.21 -8.39
C LEU A 8 -6.66 -1.42 -9.21
N ARG A 9 -6.06 -2.55 -8.93
CA ARG A 9 -6.49 -3.82 -9.50
C ARG A 9 -6.27 -4.93 -8.48
N ASP A 10 -7.19 -5.89 -8.40
CA ASP A 10 -7.08 -6.96 -7.42
C ASP A 10 -6.28 -8.14 -7.94
N GLU A 11 -6.43 -9.29 -7.28
CA GLU A 11 -5.70 -10.51 -7.62
C GLU A 11 -5.89 -10.88 -9.10
N ASP A 12 -7.09 -10.67 -9.58
CA ASP A 12 -7.42 -11.00 -10.97
C ASP A 12 -7.04 -9.82 -11.83
N GLY A 13 -7.31 -8.64 -11.30
CA GLY A 13 -6.85 -7.42 -11.92
C GLY A 13 -8.00 -6.50 -12.26
N ASN A 14 -9.06 -6.58 -11.46
CA ASN A 14 -10.22 -5.75 -11.68
C ASN A 14 -9.92 -4.31 -11.34
N GLU A 15 -10.24 -3.42 -12.26
CA GLU A 15 -9.93 -2.00 -12.11
C GLU A 15 -10.77 -1.36 -11.02
N HIS A 16 -10.11 -1.08 -9.92
CA HIS A 16 -10.71 -0.38 -8.81
C HIS A 16 -10.26 1.07 -8.80
N GLY A 17 -10.43 1.75 -7.67
CA GLY A 17 -10.21 3.18 -7.62
C GLY A 17 -8.84 3.64 -8.05
N VAL A 18 -8.77 4.90 -8.45
CA VAL A 18 -7.51 5.56 -8.75
C VAL A 18 -6.87 6.02 -7.43
N PHE A 19 -5.56 5.88 -7.33
CA PHE A 19 -4.85 6.21 -6.10
C PHE A 19 -3.77 7.24 -6.37
N THR A 20 -3.35 7.95 -5.34
CA THR A 20 -2.24 8.88 -5.46
C THR A 20 -1.19 8.61 -4.38
N GLY A 21 0.06 8.83 -4.73
CA GLY A 21 1.15 8.65 -3.79
C GLY A 21 2.46 9.01 -4.46
N LYS A 22 3.38 9.60 -3.72
CA LYS A 22 4.67 9.99 -4.31
C LYS A 22 5.52 8.76 -4.64
N GLN A 23 5.06 7.61 -4.20
CA GLN A 23 5.69 6.34 -4.53
C GLN A 23 4.71 5.20 -4.34
N PRO A 24 4.87 4.13 -5.15
CA PRO A 24 3.99 2.94 -5.16
C PRO A 24 3.74 2.30 -3.80
N ARG A 25 4.45 2.76 -2.77
CA ARG A 25 4.36 2.12 -1.47
C ARG A 25 3.38 2.92 -0.64
N GLN A 26 3.24 4.19 -0.99
CA GLN A 26 2.35 5.12 -0.33
C GLN A 26 0.96 5.04 -0.94
N ALA A 27 0.86 4.29 -2.03
CA ALA A 27 -0.41 4.08 -2.69
C ALA A 27 -1.05 2.85 -2.07
N ALA A 28 -0.25 1.78 -1.99
CA ALA A 28 -0.61 0.63 -1.18
C ALA A 28 -0.86 1.05 0.27
N LEU A 29 -0.09 2.02 0.72
CA LEU A 29 -0.28 2.62 2.03
C LEU A 29 -1.71 3.17 2.12
N LYS A 30 -2.04 4.04 1.17
CA LYS A 30 -3.40 4.59 1.04
C LYS A 30 -4.45 3.51 0.76
N ALA A 31 -4.02 2.26 0.56
CA ALA A 31 -4.95 1.20 0.22
C ALA A 31 -5.32 0.45 1.49
N ALA A 32 -4.32 0.25 2.35
CA ALA A 32 -4.53 -0.34 3.67
C ALA A 32 -5.21 0.67 4.58
N ASN A 33 -5.24 1.89 4.08
CA ASN A 33 -5.74 3.02 4.84
C ASN A 33 -7.27 3.07 4.71
N ARG A 34 -7.82 2.14 3.93
CA ARG A 34 -9.24 2.13 3.64
C ARG A 34 -9.85 0.97 4.40
N GLY A 35 -9.08 0.47 5.37
CA GLY A 35 -9.43 -0.71 6.06
C GLY A 35 -8.61 -0.81 7.31
N SER A 36 -8.63 -1.96 7.93
CA SER A 36 -7.86 -2.19 9.14
C SER A 36 -6.65 -3.06 8.87
N GLY A 37 -6.78 -3.99 7.93
CA GLY A 37 -5.73 -4.97 7.68
C GLY A 37 -5.39 -5.80 8.89
N THR A 38 -4.57 -6.81 8.68
CA THR A 38 -4.12 -7.64 9.72
C THR A 38 -2.80 -8.30 9.29
N LYS A 39 -1.79 -8.19 10.14
CA LYS A 39 -0.44 -8.62 9.79
C LYS A 39 -0.36 -10.13 9.58
N ALA A 40 -1.35 -10.84 10.06
CA ALA A 40 -1.41 -12.29 9.94
C ALA A 40 -2.01 -12.70 8.60
N ASN A 41 -2.77 -11.79 8.01
CA ASN A 41 -3.43 -12.04 6.74
C ASN A 41 -3.84 -10.71 6.09
N PRO A 42 -2.84 -9.96 5.60
CA PRO A 42 -3.03 -8.63 5.00
C PRO A 42 -4.06 -8.60 3.87
N ASP A 43 -4.41 -7.39 3.45
CA ASP A 43 -5.34 -7.20 2.34
C ASP A 43 -4.54 -7.04 1.07
N ILE A 44 -4.81 -7.89 0.10
CA ILE A 44 -4.06 -7.88 -1.13
C ILE A 44 -4.58 -6.81 -2.07
N ILE A 45 -3.70 -5.90 -2.44
CA ILE A 45 -4.01 -4.89 -3.44
C ILE A 45 -2.84 -4.79 -4.39
N ARG A 46 -3.11 -4.62 -5.66
CA ARG A 46 -2.06 -4.42 -6.63
C ARG A 46 -2.17 -3.01 -7.17
N LEU A 47 -1.13 -2.24 -7.04
CA LEU A 47 -1.16 -0.88 -7.54
C LEU A 47 -0.63 -0.88 -8.95
N ARG A 48 -1.40 -0.32 -9.83
CA ARG A 48 -1.03 -0.30 -11.22
C ARG A 48 -0.84 1.15 -11.61
N GLU A 49 0.40 1.61 -11.65
CA GLU A 49 0.67 3.01 -11.84
C GLU A 49 0.33 3.39 -13.27
N ARG A 50 -0.69 4.21 -13.41
CA ARG A 50 -1.14 4.70 -14.72
C ARG A 50 0.00 5.24 -15.59
N GLY A 51 1.16 5.48 -14.98
CA GLY A 51 2.31 5.92 -15.73
C GLY A 51 3.16 4.75 -16.24
N THR A 52 3.31 3.71 -15.42
CA THR A 52 4.14 2.58 -15.80
C THR A 52 3.33 1.47 -16.44
N LYS A 53 4.02 0.53 -17.08
CA LYS A 53 3.36 -0.59 -17.73
C LYS A 53 3.42 -1.82 -16.85
N LYS A 54 3.87 -1.66 -15.61
CA LYS A 54 4.01 -2.78 -14.70
C LYS A 54 3.26 -2.53 -13.39
N VAL A 55 2.76 -3.61 -12.80
CA VAL A 55 1.96 -3.53 -11.58
C VAL A 55 2.81 -3.70 -10.34
N HIS A 56 2.56 -2.86 -9.36
CA HIS A 56 3.26 -2.88 -8.09
C HIS A 56 2.36 -3.50 -7.02
N VAL A 57 2.59 -4.77 -6.70
CA VAL A 57 1.75 -5.49 -5.74
C VAL A 57 2.32 -5.42 -4.31
N PHE A 58 1.43 -5.14 -3.34
CA PHE A 58 1.79 -5.07 -1.93
C PHE A 58 0.67 -5.65 -1.08
N LYS A 59 0.91 -6.71 -0.32
CA LYS A 59 0.01 -6.99 0.82
C LYS A 59 0.11 -5.92 1.91
N ALA A 60 -0.99 -5.20 2.08
CA ALA A 60 -1.10 -4.12 3.06
C ALA A 60 -1.87 -4.54 4.32
N TRP A 61 -1.54 -3.91 5.44
CA TRP A 61 -2.25 -4.13 6.70
C TRP A 61 -1.96 -2.96 7.63
N LYS A 62 -2.38 -3.04 8.89
CA LYS A 62 -2.01 -2.02 9.86
C LYS A 62 -1.63 -2.66 11.18
N GLU A 63 -0.54 -2.15 11.74
CA GLU A 63 -0.02 -2.64 13.00
C GLU A 63 0.40 -1.50 13.88
N ILE A 64 -0.07 -1.54 15.10
CA ILE A 64 0.28 -0.51 16.07
C ILE A 64 1.35 -1.03 16.98
N VAL A 65 2.56 -0.50 16.84
CA VAL A 65 3.65 -0.96 17.66
C VAL A 65 4.49 0.21 18.13
N ASP A 66 4.97 0.08 19.33
CA ASP A 66 5.89 1.02 19.92
C ASP A 66 7.28 0.85 19.31
N ALA A 67 7.63 1.77 18.42
CA ALA A 67 8.88 1.71 17.70
C ALA A 67 10.08 2.00 18.61
N PRO A 68 11.13 1.17 18.50
CA PRO A 68 12.31 1.22 19.37
C PRO A 68 13.45 2.03 18.76
N LYS A 69 14.66 1.80 19.27
CA LYS A 69 15.86 2.46 18.74
C LYS A 69 15.97 2.22 17.23
N ASN A 70 15.99 0.95 16.85
CA ASN A 70 16.05 0.52 15.46
C ASN A 70 14.75 0.83 14.68
N ARG A 71 14.10 1.95 14.98
CA ARG A 71 12.88 2.30 14.28
C ARG A 71 13.21 3.21 13.11
N PRO A 72 12.47 3.06 11.98
CA PRO A 72 12.67 3.89 10.79
C PRO A 72 12.48 5.36 11.07
N ALA A 73 13.03 6.17 10.20
CA ALA A 73 13.02 7.61 10.35
C ALA A 73 11.64 8.21 10.11
N TRP A 74 10.64 7.35 9.96
CA TRP A 74 9.28 7.81 9.80
C TRP A 74 8.41 7.22 10.90
N MET A 75 8.68 5.99 11.27
CA MET A 75 7.97 5.34 12.38
C MET A 75 8.37 5.92 13.73
N PRO A 76 7.43 6.58 14.40
CA PRO A 76 7.63 7.10 15.74
C PRO A 76 7.28 6.11 16.84
N GLU A 77 7.44 6.63 18.05
CA GLU A 77 7.36 5.92 19.30
C GLU A 77 6.27 4.84 19.33
N LYS A 78 5.05 5.19 18.98
CA LYS A 78 3.98 4.17 18.90
C LYS A 78 2.86 4.58 17.94
N ILE A 79 2.75 3.84 16.86
CA ILE A 79 1.65 4.05 15.90
C ILE A 79 1.24 2.79 15.19
N SER A 80 0.03 2.78 14.62
CA SER A 80 -0.32 1.84 13.58
C SER A 80 -0.46 2.53 12.24
N LYS A 81 0.61 2.56 11.47
CA LYS A 81 0.56 3.02 10.10
C LYS A 81 -0.04 1.97 9.18
N PRO A 82 -0.60 2.37 8.02
CA PRO A 82 -0.99 1.41 6.99
C PRO A 82 0.24 0.78 6.39
N PHE A 83 0.65 -0.32 6.96
CA PHE A 83 1.81 -1.03 6.47
C PHE A 83 1.50 -1.79 5.20
N VAL A 84 2.56 -2.37 4.67
CA VAL A 84 2.57 -2.95 3.36
C VAL A 84 3.79 -3.82 3.24
N LYS A 85 3.75 -4.73 2.32
CA LYS A 85 4.86 -5.60 2.08
C LYS A 85 4.85 -5.97 0.62
N LYS A 86 5.87 -5.54 -0.09
CA LYS A 86 6.00 -5.89 -1.48
C LYS A 86 6.45 -7.33 -1.58
N GLU A 87 5.69 -8.12 -2.27
CA GLU A 87 6.03 -9.52 -2.45
C GLU A 87 6.64 -9.71 -3.82
N ARG A 88 6.26 -8.82 -4.75
CA ARG A 88 6.80 -8.86 -6.10
C ARG A 88 6.30 -7.68 -6.93
N ILE A 89 6.62 -7.70 -8.22
CA ILE A 89 6.15 -6.72 -9.19
C ILE A 89 5.63 -7.46 -10.41
N GLU A 90 4.32 -7.55 -10.57
CA GLU A 90 3.81 -8.36 -11.66
C GLU A 90 2.99 -7.58 -12.67
N LYS A 91 3.54 -7.47 -13.86
CA LYS A 91 2.81 -7.09 -15.04
C LYS A 91 3.33 -7.82 -16.26
N LEU A 92 2.58 -7.64 -17.30
CA LEU A 92 2.76 -8.36 -18.54
C LEU A 92 3.04 -7.40 -19.67
N GLU A 93 3.33 -7.95 -20.84
CA GLU A 93 3.69 -7.14 -21.98
C GLU A 93 2.45 -6.84 -22.81
N SER A 1 1.98 18.97 -5.46
CA SER A 1 1.23 17.83 -6.04
C SER A 1 2.12 17.06 -7.02
N ASN A 2 3.14 16.40 -6.50
CA ASN A 2 4.07 15.63 -7.33
C ASN A 2 3.79 14.14 -7.17
N THR A 3 2.71 13.86 -6.46
CA THR A 3 2.32 12.49 -6.20
C THR A 3 1.62 11.89 -7.43
N ARG A 4 2.18 10.80 -7.93
CA ARG A 4 1.64 10.14 -9.11
C ARG A 4 0.54 9.15 -8.77
N ASN A 5 -0.44 9.07 -9.67
CA ASN A 5 -1.65 8.32 -9.46
C ASN A 5 -1.47 6.85 -9.81
N PHE A 6 -2.17 6.01 -9.07
CA PHE A 6 -2.20 4.59 -9.34
C PHE A 6 -3.64 4.11 -9.23
N VAL A 7 -3.99 3.08 -9.98
CA VAL A 7 -5.33 2.54 -9.93
C VAL A 7 -5.28 1.21 -9.20
N LEU A 8 -6.23 0.97 -8.31
CA LEU A 8 -6.19 -0.25 -7.52
C LEU A 8 -6.78 -1.39 -8.34
N ARG A 9 -6.01 -2.44 -8.48
CA ARG A 9 -6.32 -3.49 -9.41
C ARG A 9 -6.93 -4.72 -8.77
N ASP A 10 -7.45 -5.54 -9.67
CA ASP A 10 -8.00 -6.82 -9.33
C ASP A 10 -7.49 -7.85 -10.33
N GLU A 11 -7.86 -9.10 -10.15
CA GLU A 11 -7.52 -10.16 -11.08
C GLU A 11 -7.75 -9.77 -12.55
N ASP A 12 -8.79 -9.00 -12.80
CA ASP A 12 -9.22 -8.69 -14.17
C ASP A 12 -8.59 -7.40 -14.70
N GLY A 13 -8.50 -6.40 -13.85
CA GLY A 13 -7.85 -5.16 -14.22
C GLY A 13 -8.77 -3.96 -14.14
N ASN A 14 -9.69 -3.98 -13.19
CA ASN A 14 -10.66 -2.89 -13.03
C ASN A 14 -10.08 -1.79 -12.14
N GLU A 15 -10.91 -0.82 -11.82
CA GLU A 15 -10.48 0.33 -11.05
C GLU A 15 -11.16 0.32 -9.68
N HIS A 16 -10.39 0.02 -8.64
CA HIS A 16 -10.88 0.06 -7.27
C HIS A 16 -10.40 1.32 -6.59
N GLY A 17 -11.02 2.41 -6.94
CA GLY A 17 -10.58 3.71 -6.51
C GLY A 17 -9.29 4.14 -7.17
N VAL A 18 -9.10 5.44 -7.29
CA VAL A 18 -7.84 5.99 -7.74
C VAL A 18 -7.02 6.40 -6.51
N PHE A 19 -5.73 6.13 -6.55
CA PHE A 19 -4.88 6.39 -5.40
C PHE A 19 -3.74 7.29 -5.82
N THR A 20 -3.24 8.08 -4.90
CA THR A 20 -2.06 8.87 -5.14
C THR A 20 -0.95 8.38 -4.26
N GLY A 21 0.26 8.42 -4.76
CA GLY A 21 1.39 8.06 -3.95
C GLY A 21 2.63 8.74 -4.44
N LYS A 22 3.42 9.26 -3.50
CA LYS A 22 4.67 9.91 -3.86
C LYS A 22 5.67 8.83 -4.27
N GLN A 23 5.26 7.58 -4.05
CA GLN A 23 5.98 6.41 -4.49
C GLN A 23 4.99 5.24 -4.50
N PRO A 24 5.21 4.27 -5.41
CA PRO A 24 4.44 3.00 -5.48
C PRO A 24 4.21 2.29 -4.15
N ARG A 25 4.85 2.76 -3.08
CA ARG A 25 4.78 2.11 -1.80
C ARG A 25 3.71 2.84 -0.99
N GLN A 26 3.80 4.16 -1.06
CA GLN A 26 2.83 5.06 -0.44
C GLN A 26 1.50 5.00 -1.17
N ALA A 27 1.51 4.47 -2.38
CA ALA A 27 0.29 4.40 -3.17
C ALA A 27 -0.41 3.09 -2.85
N ALA A 28 0.35 2.15 -2.30
CA ALA A 28 -0.21 0.90 -1.81
C ALA A 28 -0.50 1.07 -0.33
N LEU A 29 0.28 1.94 0.29
CA LEU A 29 0.12 2.29 1.68
C LEU A 29 -1.21 3.00 1.87
N LYS A 30 -1.50 3.95 1.00
CA LYS A 30 -2.80 4.64 1.02
C LYS A 30 -3.95 3.68 0.73
N ALA A 31 -3.63 2.48 0.26
CA ALA A 31 -4.66 1.48 -0.02
C ALA A 31 -4.92 0.68 1.25
N ALA A 32 -3.91 0.66 2.13
CA ALA A 32 -4.03 0.06 3.44
C ALA A 32 -4.98 0.88 4.32
N ASN A 33 -5.34 2.05 3.83
CA ASN A 33 -6.09 3.04 4.60
C ASN A 33 -7.57 2.84 4.36
N ARG A 34 -7.89 1.82 3.58
CA ARG A 34 -9.26 1.58 3.13
C ARG A 34 -9.86 0.48 3.99
N GLY A 35 -9.18 0.22 5.11
CA GLY A 35 -9.48 -0.89 5.94
C GLY A 35 -8.46 -0.94 7.03
N SER A 36 -8.18 -2.14 7.42
CA SER A 36 -7.14 -2.44 8.37
C SER A 36 -6.55 -3.80 8.06
N GLY A 37 -7.42 -4.74 7.74
CA GLY A 37 -7.01 -6.13 7.67
C GLY A 37 -6.20 -6.49 8.89
N THR A 38 -5.18 -7.32 8.70
CA THR A 38 -4.18 -7.54 9.73
C THR A 38 -2.86 -7.91 9.07
N LYS A 39 -1.82 -8.11 9.85
CA LYS A 39 -0.57 -8.62 9.33
C LYS A 39 -0.76 -10.07 8.87
N ALA A 40 -1.64 -10.75 9.57
CA ALA A 40 -1.93 -12.16 9.29
C ALA A 40 -2.75 -12.28 8.01
N ASN A 41 -3.67 -11.36 7.83
CA ASN A 41 -4.48 -11.30 6.62
C ASN A 41 -4.54 -9.87 6.07
N PRO A 42 -3.45 -9.41 5.45
CA PRO A 42 -3.39 -8.07 4.85
C PRO A 42 -4.40 -7.94 3.72
N ASP A 43 -4.75 -6.70 3.41
CA ASP A 43 -5.64 -6.44 2.30
C ASP A 43 -4.79 -6.29 1.06
N ILE A 44 -4.27 -7.42 0.60
CA ILE A 44 -3.34 -7.48 -0.50
C ILE A 44 -3.92 -6.78 -1.73
N ILE A 45 -3.15 -5.88 -2.33
CA ILE A 45 -3.60 -5.16 -3.49
C ILE A 45 -2.61 -5.26 -4.62
N ARG A 46 -3.13 -5.15 -5.82
CA ARG A 46 -2.31 -5.01 -6.99
C ARG A 46 -2.39 -3.57 -7.43
N LEU A 47 -1.27 -2.89 -7.63
CA LEU A 47 -1.33 -1.48 -7.94
C LEU A 47 -0.74 -1.27 -9.31
N ARG A 48 -1.41 -0.52 -10.15
CA ARG A 48 -0.96 -0.28 -11.50
C ARG A 48 -1.04 1.21 -11.77
N GLU A 49 0.05 1.82 -12.23
CA GLU A 49 0.06 3.24 -12.49
C GLU A 49 -0.80 3.50 -13.71
N ARG A 50 -1.41 4.67 -13.76
CA ARG A 50 -2.51 4.89 -14.71
C ARG A 50 -2.00 4.88 -16.14
N GLY A 51 -2.46 3.92 -16.89
CA GLY A 51 -2.10 3.79 -18.29
C GLY A 51 -0.85 2.96 -18.52
N THR A 52 -0.16 2.61 -17.44
CA THR A 52 1.12 1.91 -17.54
C THR A 52 0.94 0.41 -17.37
N LYS A 53 2.01 -0.33 -17.64
CA LYS A 53 2.06 -1.76 -17.34
C LYS A 53 2.62 -1.99 -15.94
N LYS A 54 3.13 -0.92 -15.31
CA LYS A 54 3.74 -1.03 -13.98
C LYS A 54 2.86 -1.80 -13.01
N VAL A 55 3.23 -3.04 -12.77
CA VAL A 55 2.51 -3.88 -11.85
C VAL A 55 3.34 -4.14 -10.59
N HIS A 56 3.00 -3.43 -9.53
CA HIS A 56 3.61 -3.68 -8.23
C HIS A 56 2.57 -4.26 -7.28
N VAL A 57 2.92 -5.39 -6.67
CA VAL A 57 2.04 -6.06 -5.72
C VAL A 57 2.58 -5.92 -4.29
N PHE A 58 1.83 -5.23 -3.44
CA PHE A 58 2.21 -5.10 -2.03
C PHE A 58 1.05 -5.59 -1.17
N LYS A 59 1.28 -6.45 -0.18
CA LYS A 59 0.27 -6.66 0.87
C LYS A 59 0.19 -5.47 1.80
N ALA A 60 -0.95 -4.82 1.84
CA ALA A 60 -1.15 -3.69 2.71
C ALA A 60 -2.09 -4.04 3.88
N TRP A 61 -1.74 -3.58 5.07
CA TRP A 61 -2.60 -3.74 6.22
C TRP A 61 -2.38 -2.57 7.17
N LYS A 62 -3.01 -2.63 8.33
CA LYS A 62 -2.80 -1.62 9.34
C LYS A 62 -2.81 -2.26 10.71
N GLU A 63 -1.73 -2.08 11.46
CA GLU A 63 -1.63 -2.68 12.77
C GLU A 63 -0.78 -1.81 13.69
N ILE A 64 -0.69 -2.17 14.95
CA ILE A 64 0.26 -1.55 15.86
C ILE A 64 1.26 -2.61 16.32
N VAL A 65 2.48 -2.47 15.85
CA VAL A 65 3.51 -3.45 16.16
C VAL A 65 4.28 -3.07 17.40
N ASP A 66 4.67 -4.08 18.15
CA ASP A 66 5.58 -3.89 19.25
C ASP A 66 7.01 -3.79 18.74
N ALA A 67 7.57 -2.62 18.90
CA ALA A 67 8.94 -2.37 18.49
C ALA A 67 9.89 -2.99 19.51
N PRO A 68 10.86 -3.77 19.06
CA PRO A 68 11.76 -4.50 19.94
C PRO A 68 12.86 -3.61 20.48
N LYS A 69 13.77 -4.18 21.25
CA LYS A 69 14.92 -3.44 21.77
C LYS A 69 15.61 -2.68 20.62
N ASN A 70 16.05 -3.44 19.63
CA ASN A 70 16.64 -2.88 18.41
C ASN A 70 15.66 -2.13 17.52
N ARG A 71 14.64 -1.48 18.09
CA ARG A 71 13.75 -0.65 17.30
C ARG A 71 14.52 0.54 16.73
N PRO A 72 14.10 1.06 15.57
CA PRO A 72 14.69 2.26 14.98
C PRO A 72 14.52 3.47 15.89
N ALA A 73 15.49 4.36 15.85
CA ALA A 73 15.56 5.49 16.77
C ALA A 73 14.56 6.58 16.41
N TRP A 74 13.73 6.32 15.41
CA TRP A 74 12.74 7.29 14.98
C TRP A 74 11.33 6.77 15.27
N MET A 75 11.17 5.45 15.35
CA MET A 75 9.85 4.85 15.51
C MET A 75 9.63 4.44 16.96
N PRO A 76 8.62 5.01 17.62
CA PRO A 76 8.32 4.69 19.02
C PRO A 76 7.85 3.25 19.22
N GLU A 77 8.26 2.70 20.36
CA GLU A 77 7.96 1.31 20.78
C GLU A 77 6.63 0.84 20.25
N LYS A 78 5.60 1.58 20.53
CA LYS A 78 4.29 1.26 20.00
C LYS A 78 3.86 2.32 19.00
N ILE A 79 3.34 1.86 17.88
CA ILE A 79 2.99 2.73 16.77
C ILE A 79 1.92 2.10 15.91
N SER A 80 1.07 2.93 15.36
CA SER A 80 -0.08 2.48 14.59
C SER A 80 0.03 3.08 13.21
N LYS A 81 0.06 2.25 12.20
CA LYS A 81 0.39 2.72 10.87
C LYS A 81 -0.19 1.82 9.81
N PRO A 82 -0.59 2.41 8.68
CA PRO A 82 -0.69 1.69 7.43
C PRO A 82 0.62 0.97 7.15
N PHE A 83 0.54 -0.17 6.53
CA PHE A 83 1.66 -1.06 6.38
C PHE A 83 1.56 -1.73 5.04
N VAL A 84 2.69 -2.07 4.45
CA VAL A 84 2.71 -2.61 3.11
C VAL A 84 3.93 -3.48 2.91
N LYS A 85 3.79 -4.47 2.04
CA LYS A 85 4.88 -5.38 1.77
C LYS A 85 4.92 -5.74 0.30
N LYS A 86 5.90 -5.18 -0.39
CA LYS A 86 6.16 -5.48 -1.78
C LYS A 86 6.78 -6.86 -1.88
N GLU A 87 5.98 -7.84 -2.25
CA GLU A 87 6.41 -9.22 -2.25
C GLU A 87 6.56 -9.74 -3.66
N ARG A 88 5.67 -9.30 -4.55
CA ARG A 88 5.71 -9.75 -5.93
C ARG A 88 5.69 -8.56 -6.87
N ILE A 89 6.25 -8.78 -8.03
CA ILE A 89 6.41 -7.74 -9.04
C ILE A 89 6.23 -8.35 -10.42
N GLU A 90 5.93 -7.50 -11.39
CA GLU A 90 5.64 -7.90 -12.74
C GLU A 90 6.26 -6.84 -13.63
N LYS A 91 6.14 -6.99 -14.93
CA LYS A 91 6.87 -6.11 -15.83
C LYS A 91 6.22 -4.73 -15.96
N LEU A 92 6.96 -3.76 -15.45
CA LEU A 92 6.52 -2.37 -15.38
C LEU A 92 6.61 -1.67 -16.73
N GLU A 93 6.07 -0.47 -16.77
CA GLU A 93 6.10 0.37 -17.96
C GLU A 93 6.27 1.83 -17.53
N SER A 1 11.80 10.94 -5.47
CA SER A 1 10.43 10.43 -5.61
C SER A 1 9.40 11.56 -5.52
N ASN A 2 8.62 11.72 -6.58
CA ASN A 2 7.55 12.71 -6.58
C ASN A 2 6.21 11.99 -6.70
N THR A 3 5.12 12.75 -6.69
CA THR A 3 3.79 12.19 -6.83
C THR A 3 3.62 11.47 -8.17
N ARG A 4 2.87 10.38 -8.17
CA ARG A 4 2.54 9.61 -9.36
C ARG A 4 1.16 8.99 -9.16
N ASN A 5 0.47 8.71 -10.26
CA ASN A 5 -0.88 8.17 -10.18
C ASN A 5 -0.90 6.66 -10.32
N PHE A 6 -1.69 6.01 -9.48
CA PHE A 6 -1.84 4.55 -9.51
C PHE A 6 -3.30 4.13 -9.45
N VAL A 7 -3.66 3.26 -10.38
CA VAL A 7 -5.00 2.69 -10.39
C VAL A 7 -5.00 1.29 -9.86
N LEU A 8 -5.38 1.17 -8.64
CA LEU A 8 -5.57 -0.13 -8.03
C LEU A 8 -6.65 -0.91 -8.74
N ARG A 9 -6.46 -2.21 -8.81
CA ARG A 9 -7.49 -3.11 -9.26
C ARG A 9 -7.55 -4.23 -8.26
N ASP A 10 -8.73 -4.59 -7.82
CA ASP A 10 -8.85 -5.43 -6.66
C ASP A 10 -9.47 -6.75 -7.02
N GLU A 11 -9.40 -7.63 -6.04
CA GLU A 11 -9.93 -9.02 -6.09
C GLU A 11 -11.08 -9.22 -7.09
N ASP A 12 -11.98 -8.25 -7.23
CA ASP A 12 -13.10 -8.37 -8.17
C ASP A 12 -12.64 -8.40 -9.62
N GLY A 13 -11.60 -7.64 -9.93
CA GLY A 13 -11.11 -7.55 -11.29
C GLY A 13 -11.45 -6.22 -11.92
N ASN A 14 -11.46 -5.15 -11.12
CA ASN A 14 -12.00 -3.86 -11.55
C ASN A 14 -11.08 -2.75 -11.07
N GLU A 15 -11.35 -1.56 -11.55
CA GLU A 15 -10.54 -0.39 -11.21
C GLU A 15 -11.06 0.24 -9.93
N HIS A 16 -10.19 0.97 -9.23
CA HIS A 16 -10.53 1.54 -7.94
C HIS A 16 -9.95 2.92 -7.75
N GLY A 17 -9.94 3.38 -6.49
CA GLY A 17 -9.38 4.67 -6.13
C GLY A 17 -8.11 5.01 -6.88
N VAL A 18 -8.09 6.18 -7.49
CA VAL A 18 -6.87 6.62 -8.14
C VAL A 18 -5.93 7.18 -7.09
N PHE A 19 -4.94 6.39 -6.78
CA PHE A 19 -4.00 6.75 -5.75
C PHE A 19 -2.85 7.55 -6.27
N THR A 20 -2.83 8.78 -5.84
CA THR A 20 -1.68 9.64 -5.99
C THR A 20 -0.78 9.42 -4.81
N GLY A 21 0.51 9.30 -5.06
CA GLY A 21 1.45 9.00 -4.00
C GLY A 21 2.86 9.20 -4.48
N LYS A 22 3.73 9.74 -3.64
CA LYS A 22 5.09 10.05 -4.07
C LYS A 22 5.95 8.79 -4.12
N GLN A 23 5.35 7.67 -3.76
CA GLN A 23 5.97 6.37 -3.86
C GLN A 23 4.89 5.30 -3.96
N PRO A 24 5.12 4.21 -4.70
CA PRO A 24 4.12 3.14 -4.85
C PRO A 24 3.51 2.73 -3.51
N ARG A 25 4.36 2.35 -2.55
CA ARG A 25 3.94 2.07 -1.18
C ARG A 25 2.98 3.11 -0.62
N GLN A 26 3.06 4.35 -1.09
CA GLN A 26 2.21 5.41 -0.57
C GLN A 26 0.84 5.39 -1.22
N ALA A 27 0.78 4.85 -2.44
CA ALA A 27 -0.49 4.64 -3.11
C ALA A 27 -1.10 3.36 -2.57
N ALA A 28 -0.23 2.37 -2.37
CA ALA A 28 -0.60 1.16 -1.65
C ALA A 28 -1.06 1.49 -0.24
N LEU A 29 -0.43 2.49 0.35
CA LEU A 29 -0.82 2.96 1.67
C LEU A 29 -2.20 3.57 1.62
N LYS A 30 -2.36 4.51 0.70
CA LYS A 30 -3.66 5.10 0.42
C LYS A 30 -4.75 4.06 0.19
N ALA A 31 -4.38 2.83 -0.14
CA ALA A 31 -5.36 1.76 -0.20
C ALA A 31 -5.39 1.00 1.13
N ALA A 32 -4.20 0.78 1.68
CA ALA A 32 -4.03 0.03 2.93
C ALA A 32 -4.75 0.68 4.10
N ASN A 33 -5.07 1.96 3.96
CA ASN A 33 -5.77 2.68 5.01
C ASN A 33 -7.09 1.99 5.35
N ARG A 34 -7.81 1.51 4.35
CA ARG A 34 -9.02 0.72 4.56
C ARG A 34 -8.67 -0.76 4.78
N GLY A 35 -7.51 -1.16 4.29
CA GLY A 35 -7.09 -2.55 4.41
C GLY A 35 -6.54 -2.88 5.77
N SER A 36 -7.40 -2.91 6.76
CA SER A 36 -7.01 -3.20 8.13
C SER A 36 -6.75 -4.69 8.36
N GLY A 37 -5.79 -5.23 7.62
CA GLY A 37 -5.33 -6.58 7.87
C GLY A 37 -4.24 -6.59 8.91
N THR A 38 -3.51 -7.69 9.02
CA THR A 38 -2.44 -7.77 10.00
C THR A 38 -1.18 -8.31 9.34
N LYS A 39 -0.05 -8.20 10.02
CA LYS A 39 1.22 -8.58 9.43
C LYS A 39 1.29 -10.10 9.18
N ALA A 40 0.37 -10.84 9.79
CA ALA A 40 0.31 -12.29 9.64
C ALA A 40 -0.63 -12.69 8.52
N ASN A 41 -1.51 -11.78 8.14
CA ASN A 41 -2.49 -12.01 7.10
C ASN A 41 -2.86 -10.70 6.41
N PRO A 42 -1.88 -10.08 5.75
CA PRO A 42 -2.06 -8.77 5.11
C PRO A 42 -2.99 -8.82 3.92
N ASP A 43 -3.64 -7.70 3.67
CA ASP A 43 -4.60 -7.59 2.58
C ASP A 43 -3.85 -7.44 1.26
N ILE A 44 -4.12 -8.35 0.35
CA ILE A 44 -3.49 -8.32 -0.96
C ILE A 44 -4.02 -7.18 -1.79
N ILE A 45 -3.17 -6.20 -2.01
CA ILE A 45 -3.50 -5.10 -2.89
C ILE A 45 -2.59 -5.13 -4.10
N ARG A 46 -3.18 -4.93 -5.25
CA ARG A 46 -2.44 -4.92 -6.49
C ARG A 46 -2.66 -3.61 -7.22
N LEU A 47 -1.66 -2.75 -7.19
CA LEU A 47 -1.76 -1.45 -7.83
C LEU A 47 -1.31 -1.53 -9.27
N ARG A 48 -2.12 -1.00 -10.15
CA ARG A 48 -1.73 -0.92 -11.52
C ARG A 48 -0.87 0.32 -11.75
N GLU A 49 -0.05 0.26 -12.76
CA GLU A 49 0.90 1.31 -13.03
C GLU A 49 0.59 1.91 -14.36
N ARG A 50 -0.45 2.73 -14.34
CA ARG A 50 -0.91 3.47 -15.50
C ARG A 50 0.23 3.82 -16.45
N GLY A 51 0.12 3.31 -17.67
CA GLY A 51 1.18 3.48 -18.65
C GLY A 51 1.95 2.20 -18.92
N THR A 52 1.95 1.27 -17.96
CA THR A 52 2.72 0.04 -18.09
C THR A 52 1.79 -1.16 -18.17
N LYS A 53 2.36 -2.36 -18.12
CA LYS A 53 1.58 -3.57 -17.99
C LYS A 53 2.05 -4.34 -16.76
N LYS A 54 2.58 -3.60 -15.79
CA LYS A 54 3.04 -4.20 -14.55
C LYS A 54 2.15 -3.83 -13.38
N VAL A 55 1.88 -4.81 -12.53
CA VAL A 55 1.06 -4.64 -11.35
C VAL A 55 1.92 -4.73 -10.09
N HIS A 56 1.82 -3.73 -9.23
CA HIS A 56 2.61 -3.70 -8.01
C HIS A 56 1.90 -4.42 -6.88
N VAL A 57 2.45 -5.56 -6.47
CA VAL A 57 1.87 -6.35 -5.40
C VAL A 57 2.54 -6.06 -4.06
N PHE A 58 1.81 -5.38 -3.20
CA PHE A 58 2.22 -5.16 -1.82
C PHE A 58 1.20 -5.76 -0.88
N LYS A 59 1.58 -6.68 0.00
CA LYS A 59 0.68 -7.00 1.12
C LYS A 59 0.57 -5.83 2.11
N ALA A 60 -0.61 -5.22 2.15
CA ALA A 60 -0.91 -4.17 3.12
C ALA A 60 -1.56 -4.69 4.39
N TRP A 61 -1.09 -4.22 5.53
CA TRP A 61 -1.65 -4.61 6.81
C TRP A 61 -1.64 -3.45 7.80
N LYS A 62 -1.98 -3.72 9.04
CA LYS A 62 -1.89 -2.74 10.11
C LYS A 62 -1.23 -3.35 11.33
N GLU A 63 -0.40 -2.56 11.97
CA GLU A 63 0.35 -3.02 13.12
C GLU A 63 0.28 -2.00 14.23
N ILE A 64 0.14 -2.50 15.45
CA ILE A 64 0.06 -1.64 16.62
C ILE A 64 1.43 -1.06 16.96
N VAL A 65 1.40 0.19 17.40
CA VAL A 65 2.61 0.92 17.73
C VAL A 65 2.40 1.87 18.88
N ASP A 66 3.43 2.63 19.16
CA ASP A 66 3.40 3.77 20.04
C ASP A 66 4.66 4.53 19.71
N ALA A 67 4.54 5.80 19.36
CA ALA A 67 5.67 6.50 18.77
C ALA A 67 5.88 7.86 19.45
N PRO A 68 7.13 8.35 19.50
CA PRO A 68 7.43 9.60 20.18
C PRO A 68 7.07 10.84 19.38
N LYS A 69 7.98 11.30 18.53
CA LYS A 69 7.84 12.59 17.88
C LYS A 69 7.18 12.49 16.50
N ASN A 70 7.71 11.60 15.66
CA ASN A 70 7.27 11.43 14.26
C ASN A 70 5.80 11.01 14.09
N ARG A 71 4.95 11.35 15.04
CA ARG A 71 3.51 11.24 14.85
C ARG A 71 3.00 12.48 14.11
N PRO A 72 1.76 12.42 13.63
CA PRO A 72 1.02 13.62 13.24
C PRO A 72 0.66 14.42 14.46
N ALA A 73 0.16 15.61 14.22
CA ALA A 73 -0.14 16.54 15.28
C ALA A 73 -1.48 16.23 15.92
N TRP A 74 -2.13 15.18 15.43
CA TRP A 74 -3.40 14.75 16.00
C TRP A 74 -3.32 13.32 16.51
N MET A 75 -2.61 12.45 15.78
CA MET A 75 -2.52 11.05 16.18
C MET A 75 -1.60 10.84 17.37
N PRO A 76 -2.11 10.17 18.41
CA PRO A 76 -1.33 9.80 19.59
C PRO A 76 -0.37 8.66 19.31
N GLU A 77 0.74 8.65 20.05
CA GLU A 77 1.77 7.63 20.00
C GLU A 77 1.31 6.29 19.52
N LYS A 78 0.36 5.72 20.21
CA LYS A 78 0.10 4.33 20.03
C LYS A 78 -1.10 4.13 19.12
N ILE A 79 -0.86 3.46 18.00
CA ILE A 79 -1.88 3.28 16.96
C ILE A 79 -1.48 2.20 15.98
N SER A 80 -2.43 1.73 15.21
CA SER A 80 -2.20 0.68 14.23
C SER A 80 -2.27 1.25 12.82
N LYS A 81 -1.13 1.59 12.26
CA LYS A 81 -1.04 2.20 10.95
C LYS A 81 -1.10 1.15 9.85
N PRO A 82 -1.47 1.55 8.63
CA PRO A 82 -1.47 0.67 7.48
C PRO A 82 -0.09 0.52 6.87
N PHE A 83 0.61 -0.53 7.25
CA PHE A 83 1.93 -0.81 6.72
C PHE A 83 1.85 -1.74 5.55
N VAL A 84 2.32 -1.28 4.43
CA VAL A 84 2.38 -2.11 3.24
C VAL A 84 3.78 -2.68 3.06
N LYS A 85 3.95 -3.49 2.03
CA LYS A 85 5.18 -4.20 1.80
C LYS A 85 5.19 -4.77 0.39
N LYS A 86 5.96 -4.14 -0.45
CA LYS A 86 6.19 -4.65 -1.77
C LYS A 86 6.89 -5.99 -1.71
N GLU A 87 6.30 -6.94 -2.40
CA GLU A 87 6.84 -8.28 -2.43
C GLU A 87 7.03 -8.77 -3.86
N ARG A 88 6.15 -8.36 -4.77
CA ARG A 88 6.27 -8.82 -6.14
C ARG A 88 5.69 -7.82 -7.14
N ILE A 89 6.12 -7.93 -8.38
CA ILE A 89 5.56 -7.14 -9.48
C ILE A 89 5.04 -8.06 -10.55
N GLU A 90 3.73 -8.17 -10.68
CA GLU A 90 3.16 -9.01 -11.70
C GLU A 90 2.86 -8.27 -13.00
N LYS A 91 2.28 -9.01 -13.91
CA LYS A 91 1.75 -8.49 -15.16
C LYS A 91 0.35 -7.95 -14.86
N LEU A 92 -0.25 -7.22 -15.80
CA LEU A 92 -1.56 -6.63 -15.59
C LEU A 92 -2.59 -7.66 -15.14
N GLU A 93 -3.55 -7.15 -14.38
CA GLU A 93 -4.60 -7.93 -13.76
C GLU A 93 -3.99 -8.83 -12.69
N SER A 1 3.95 18.03 -13.24
CA SER A 1 4.93 17.61 -12.21
C SER A 1 4.23 17.40 -10.87
N ASN A 2 3.55 16.26 -10.74
CA ASN A 2 2.84 15.93 -9.52
C ASN A 2 3.32 14.60 -8.97
N THR A 3 2.61 14.09 -7.98
CA THR A 3 2.85 12.76 -7.44
C THR A 3 2.44 11.70 -8.47
N ARG A 4 2.79 10.45 -8.20
CA ARG A 4 2.48 9.38 -9.12
C ARG A 4 1.17 8.73 -8.77
N ASN A 5 0.29 8.70 -9.76
CA ASN A 5 -1.04 8.18 -9.61
C ASN A 5 -1.06 6.69 -9.90
N PHE A 6 -1.88 5.97 -9.18
CA PHE A 6 -1.96 4.54 -9.31
C PHE A 6 -3.39 4.09 -9.48
N VAL A 7 -3.59 3.06 -10.28
CA VAL A 7 -4.87 2.44 -10.44
C VAL A 7 -4.83 1.04 -9.86
N LEU A 8 -5.76 0.72 -9.00
CA LEU A 8 -5.76 -0.56 -8.29
C LEU A 8 -6.00 -1.70 -9.25
N ARG A 9 -5.16 -2.73 -9.19
CA ARG A 9 -5.45 -3.99 -9.85
C ARG A 9 -5.82 -5.02 -8.79
N ASP A 10 -6.94 -5.68 -8.97
CA ASP A 10 -7.45 -6.60 -7.97
C ASP A 10 -6.87 -8.01 -8.17
N GLU A 11 -7.45 -8.96 -7.41
CA GLU A 11 -7.13 -10.39 -7.53
C GLU A 11 -6.88 -10.82 -8.96
N ASP A 12 -7.77 -10.43 -9.85
CA ASP A 12 -7.67 -10.81 -11.26
C ASP A 12 -6.67 -9.91 -11.99
N GLY A 13 -6.65 -8.66 -11.57
CA GLY A 13 -5.70 -7.72 -12.11
C GLY A 13 -6.39 -6.59 -12.84
N ASN A 14 -7.59 -6.25 -12.38
CA ASN A 14 -8.41 -5.29 -13.07
C ASN A 14 -8.23 -3.92 -12.46
N GLU A 15 -8.35 -2.90 -13.28
CA GLU A 15 -8.16 -1.53 -12.85
C GLU A 15 -9.37 -1.03 -12.06
N HIS A 16 -9.10 -0.46 -10.90
CA HIS A 16 -10.14 -0.03 -10.01
C HIS A 16 -9.82 1.33 -9.40
N GLY A 17 -10.69 1.66 -8.44
CA GLY A 17 -10.54 2.82 -7.55
C GLY A 17 -9.16 3.46 -7.64
N VAL A 18 -9.14 4.77 -7.80
CA VAL A 18 -7.89 5.49 -8.01
C VAL A 18 -7.14 5.70 -6.69
N PHE A 19 -5.82 5.88 -6.77
CA PHE A 19 -4.94 5.98 -5.61
C PHE A 19 -3.75 6.85 -5.99
N THR A 20 -3.10 7.45 -5.00
CA THR A 20 -1.94 8.29 -5.25
C THR A 20 -0.87 8.07 -4.20
N GLY A 21 0.37 8.41 -4.53
CA GLY A 21 1.44 8.29 -3.57
C GLY A 21 2.76 8.66 -4.20
N LYS A 22 3.70 9.17 -3.41
CA LYS A 22 4.98 9.62 -3.93
C LYS A 22 5.85 8.42 -4.33
N GLN A 23 5.35 7.23 -4.00
CA GLN A 23 5.96 5.97 -4.42
C GLN A 23 4.91 4.88 -4.30
N PRO A 24 5.06 3.75 -5.03
CA PRO A 24 4.03 2.70 -5.14
C PRO A 24 3.58 2.12 -3.82
N ARG A 25 4.29 2.35 -2.73
CA ARG A 25 3.94 1.71 -1.49
C ARG A 25 3.04 2.70 -0.76
N GLN A 26 3.06 3.92 -1.26
CA GLN A 26 2.30 5.01 -0.71
C GLN A 26 0.91 5.03 -1.31
N ALA A 27 0.73 4.37 -2.45
CA ALA A 27 -0.60 4.20 -3.00
C ALA A 27 -1.26 3.06 -2.27
N ALA A 28 -0.64 1.87 -2.33
CA ALA A 28 -0.89 0.82 -1.35
C ALA A 28 -1.13 1.36 0.05
N LEU A 29 -0.29 2.29 0.46
CA LEU A 29 -0.41 2.94 1.76
C LEU A 29 -1.76 3.60 1.90
N LYS A 30 -2.33 3.95 0.79
CA LYS A 30 -3.56 4.68 0.82
C LYS A 30 -4.68 3.69 1.05
N ALA A 31 -4.71 2.59 0.30
CA ALA A 31 -5.77 1.61 0.44
C ALA A 31 -5.68 0.87 1.76
N ALA A 32 -4.51 0.86 2.36
CA ALA A 32 -4.31 0.10 3.58
C ALA A 32 -5.09 0.70 4.74
N ASN A 33 -5.59 1.91 4.55
CA ASN A 33 -6.41 2.56 5.56
C ASN A 33 -7.72 1.76 5.72
N ARG A 34 -8.32 1.45 4.58
CA ARG A 34 -9.45 0.52 4.49
C ARG A 34 -8.97 -0.92 4.43
N GLY A 35 -7.71 -1.13 4.82
CA GLY A 35 -7.14 -2.44 4.80
C GLY A 35 -7.55 -3.22 6.03
N SER A 36 -8.66 -3.94 5.92
CA SER A 36 -9.18 -4.73 7.00
C SER A 36 -8.38 -6.02 7.17
N GLY A 37 -7.07 -5.87 7.22
CA GLY A 37 -6.19 -6.99 7.38
C GLY A 37 -5.23 -6.79 8.53
N THR A 38 -4.20 -7.61 8.59
CA THR A 38 -3.23 -7.55 9.65
C THR A 38 -1.98 -8.30 9.21
N LYS A 39 -0.89 -8.23 9.97
CA LYS A 39 0.35 -8.88 9.56
C LYS A 39 0.16 -10.41 9.46
N ALA A 40 -0.91 -10.89 10.07
CA ALA A 40 -1.22 -12.32 10.09
C ALA A 40 -1.83 -12.76 8.78
N ASN A 41 -2.54 -11.83 8.17
CA ASN A 41 -3.28 -12.09 6.94
C ASN A 41 -3.66 -10.76 6.31
N PRO A 42 -2.67 -10.07 5.74
CA PRO A 42 -2.85 -8.72 5.18
C PRO A 42 -3.94 -8.62 4.12
N ASP A 43 -3.97 -7.48 3.46
CA ASP A 43 -4.96 -7.22 2.43
C ASP A 43 -4.21 -6.98 1.13
N ILE A 44 -4.24 -7.97 0.24
CA ILE A 44 -3.38 -7.98 -0.92
C ILE A 44 -3.89 -7.07 -2.05
N ILE A 45 -3.28 -5.90 -2.16
CA ILE A 45 -3.63 -4.95 -3.20
C ILE A 45 -2.47 -4.64 -4.11
N ARG A 46 -2.69 -4.75 -5.40
CA ARG A 46 -1.67 -4.38 -6.37
C ARG A 46 -2.01 -3.11 -7.14
N LEU A 47 -1.18 -2.08 -7.01
CA LEU A 47 -1.37 -0.87 -7.79
C LEU A 47 -0.73 -0.94 -9.17
N ARG A 48 -1.18 -0.06 -10.04
CA ARG A 48 -0.68 0.04 -11.40
C ARG A 48 -0.41 1.51 -11.69
N GLU A 49 0.76 1.83 -12.21
CA GLU A 49 1.11 3.21 -12.45
C GLU A 49 0.48 3.67 -13.73
N ARG A 50 -0.73 4.16 -13.61
CA ARG A 50 -1.47 4.71 -14.77
C ARG A 50 -0.69 5.76 -15.57
N GLY A 51 0.45 6.20 -15.05
CA GLY A 51 1.33 7.06 -15.83
C GLY A 51 2.33 6.24 -16.64
N THR A 52 2.74 5.11 -16.11
CA THR A 52 3.74 4.26 -16.72
C THR A 52 3.14 2.89 -17.07
N LYS A 53 4.00 1.95 -17.44
CA LYS A 53 3.59 0.57 -17.61
C LYS A 53 4.18 -0.29 -16.50
N LYS A 54 4.13 0.28 -15.29
CA LYS A 54 4.64 -0.38 -14.08
C LYS A 54 3.50 -0.99 -13.25
N VAL A 55 3.71 -2.21 -12.72
CA VAL A 55 2.73 -2.85 -11.85
C VAL A 55 3.35 -3.22 -10.51
N HIS A 56 2.68 -2.83 -9.41
CA HIS A 56 3.27 -2.99 -8.10
C HIS A 56 2.27 -3.56 -7.09
N VAL A 57 2.45 -4.83 -6.70
CA VAL A 57 1.57 -5.45 -5.72
C VAL A 57 2.15 -5.40 -4.31
N PHE A 58 1.30 -5.11 -3.34
CA PHE A 58 1.71 -5.11 -1.95
C PHE A 58 0.60 -5.69 -1.07
N LYS A 59 0.99 -6.51 -0.10
CA LYS A 59 0.12 -6.81 1.02
C LYS A 59 0.04 -5.57 1.90
N ALA A 60 -1.15 -5.12 2.23
CA ALA A 60 -1.32 -3.90 2.97
C ALA A 60 -2.17 -4.19 4.20
N TRP A 61 -1.75 -3.72 5.35
CA TRP A 61 -2.49 -3.95 6.57
C TRP A 61 -2.23 -2.82 7.55
N LYS A 62 -3.15 -2.62 8.46
CA LYS A 62 -2.98 -1.57 9.45
C LYS A 62 -3.25 -2.09 10.84
N GLU A 63 -2.27 -1.89 11.68
CA GLU A 63 -2.34 -2.27 13.07
C GLU A 63 -1.63 -1.22 13.89
N ILE A 64 -2.21 -0.90 15.04
CA ILE A 64 -1.54 -0.02 15.96
C ILE A 64 -0.56 -0.86 16.77
N VAL A 65 0.57 -0.29 17.12
CA VAL A 65 1.68 -1.03 17.65
C VAL A 65 2.12 -0.35 18.92
N ASP A 66 3.10 -0.91 19.60
CA ASP A 66 3.58 -0.35 20.86
C ASP A 66 4.64 -1.27 21.45
N ALA A 67 5.63 -1.64 20.65
CA ALA A 67 6.58 -2.67 21.09
C ALA A 67 8.02 -2.28 20.83
N PRO A 68 8.82 -2.18 21.90
CA PRO A 68 10.16 -1.56 21.87
C PRO A 68 11.21 -2.43 21.19
N LYS A 69 10.92 -3.69 21.10
CA LYS A 69 11.89 -4.68 20.65
C LYS A 69 12.14 -4.53 19.16
N ASN A 70 11.08 -4.20 18.43
CA ASN A 70 11.18 -4.09 16.97
C ASN A 70 10.95 -2.65 16.50
N ARG A 71 11.36 -1.68 17.30
CA ARG A 71 11.21 -0.28 16.92
C ARG A 71 12.26 0.09 15.86
N PRO A 72 11.82 0.35 14.64
CA PRO A 72 12.69 0.74 13.51
C PRO A 72 13.19 2.17 13.64
N ALA A 73 14.07 2.53 12.72
CA ALA A 73 14.67 3.85 12.71
C ALA A 73 13.81 4.85 11.96
N TRP A 74 12.61 4.43 11.61
CA TRP A 74 11.63 5.30 10.96
C TRP A 74 10.35 5.35 11.77
N MET A 75 10.04 4.25 12.45
CA MET A 75 8.79 4.14 13.19
C MET A 75 9.05 4.44 14.67
N PRO A 76 8.09 5.13 15.30
CA PRO A 76 8.17 5.42 16.71
C PRO A 76 7.73 4.22 17.57
N GLU A 77 7.15 4.48 18.72
CA GLU A 77 6.90 3.42 19.69
C GLU A 77 5.54 2.78 19.50
N LYS A 78 4.54 3.59 19.21
CA LYS A 78 3.17 3.11 19.09
C LYS A 78 2.47 3.90 18.01
N ILE A 79 2.03 3.22 16.97
CA ILE A 79 1.39 3.88 15.83
C ILE A 79 0.42 2.95 15.17
N SER A 80 -0.50 3.53 14.45
CA SER A 80 -1.27 2.81 13.47
C SER A 80 -0.82 3.36 12.14
N LYS A 81 -0.41 2.50 11.22
CA LYS A 81 0.34 2.92 10.07
C LYS A 81 -0.07 2.01 8.94
N PRO A 82 -0.33 2.52 7.72
CA PRO A 82 -0.55 1.65 6.59
C PRO A 82 0.70 0.85 6.27
N PHE A 83 0.79 -0.29 6.89
CA PHE A 83 1.86 -1.22 6.60
C PHE A 83 1.58 -1.90 5.29
N VAL A 84 2.63 -2.06 4.54
CA VAL A 84 2.54 -2.65 3.22
C VAL A 84 3.85 -3.35 2.91
N LYS A 85 3.84 -4.33 2.03
CA LYS A 85 5.06 -5.00 1.65
C LYS A 85 4.98 -5.56 0.22
N LYS A 86 6.07 -5.40 -0.50
CA LYS A 86 6.15 -5.87 -1.87
C LYS A 86 6.65 -7.33 -1.96
N GLU A 87 5.72 -8.26 -1.92
CA GLU A 87 6.02 -9.64 -2.32
C GLU A 87 6.60 -9.74 -3.73
N ARG A 88 5.92 -9.18 -4.72
CA ARG A 88 6.36 -9.37 -6.09
C ARG A 88 6.12 -8.11 -6.92
N ILE A 89 6.66 -8.13 -8.14
CA ILE A 89 6.50 -7.03 -9.07
C ILE A 89 6.40 -7.57 -10.49
N GLU A 90 5.40 -7.12 -11.22
CA GLU A 90 5.19 -7.43 -12.63
C GLU A 90 5.95 -6.46 -13.47
N LYS A 91 5.54 -6.31 -14.70
CA LYS A 91 6.26 -5.48 -15.64
C LYS A 91 6.37 -4.09 -15.05
N LEU A 92 7.18 -3.30 -15.68
CA LEU A 92 8.28 -2.57 -15.03
C LEU A 92 8.07 -2.09 -13.58
N GLU A 93 9.20 -1.93 -12.93
CA GLU A 93 9.24 -1.37 -11.58
C GLU A 93 9.78 0.04 -11.64
N SER A 1 7.35 18.37 -7.16
CA SER A 1 7.35 16.90 -6.97
C SER A 1 6.24 16.26 -7.79
N ASN A 2 6.55 15.16 -8.45
CA ASN A 2 5.57 14.49 -9.28
C ASN A 2 4.86 13.39 -8.52
N THR A 3 3.67 13.71 -8.01
CA THR A 3 2.83 12.72 -7.38
C THR A 3 2.25 11.79 -8.44
N ARG A 4 2.68 10.54 -8.41
CA ARG A 4 2.25 9.60 -9.44
C ARG A 4 0.96 8.93 -9.06
N ASN A 5 -0.02 9.04 -9.95
CA ASN A 5 -1.30 8.36 -9.80
C ASN A 5 -1.17 6.89 -10.17
N PHE A 6 -1.75 6.06 -9.34
CA PHE A 6 -1.88 4.64 -9.59
C PHE A 6 -3.35 4.30 -9.61
N VAL A 7 -3.71 3.18 -10.19
CA VAL A 7 -5.07 2.74 -10.14
C VAL A 7 -5.11 1.41 -9.42
N LEU A 8 -6.09 1.25 -8.57
CA LEU A 8 -6.27 0.00 -7.90
C LEU A 8 -6.96 -0.97 -8.85
N ARG A 9 -6.48 -2.19 -8.91
CA ARG A 9 -7.07 -3.20 -9.76
C ARG A 9 -7.16 -4.50 -9.00
N ASP A 10 -8.37 -5.02 -8.86
CA ASP A 10 -8.63 -6.21 -8.09
C ASP A 10 -7.97 -7.45 -8.70
N GLU A 11 -8.15 -8.57 -8.02
CA GLU A 11 -7.61 -9.85 -8.46
C GLU A 11 -8.17 -10.24 -9.83
N ASP A 12 -9.41 -9.83 -10.09
CA ASP A 12 -10.04 -10.06 -11.38
C ASP A 12 -9.61 -8.95 -12.34
N GLY A 13 -9.54 -7.76 -11.79
CA GLY A 13 -9.00 -6.62 -12.50
C GLY A 13 -9.98 -5.48 -12.57
N ASN A 14 -10.94 -5.48 -11.65
CA ASN A 14 -11.85 -4.36 -11.50
C ASN A 14 -11.15 -3.24 -10.75
N GLU A 15 -11.21 -2.05 -11.32
CA GLU A 15 -10.51 -0.90 -10.78
C GLU A 15 -11.31 -0.26 -9.64
N HIS A 16 -10.72 -0.19 -8.46
CA HIS A 16 -11.39 0.42 -7.32
C HIS A 16 -10.71 1.68 -6.86
N GLY A 17 -11.25 2.78 -7.29
CA GLY A 17 -10.73 4.07 -6.89
C GLY A 17 -9.42 4.42 -7.57
N VAL A 18 -8.94 5.62 -7.32
CA VAL A 18 -7.65 6.06 -7.83
C VAL A 18 -6.77 6.45 -6.64
N PHE A 19 -5.51 6.08 -6.70
CA PHE A 19 -4.61 6.25 -5.57
C PHE A 19 -3.37 7.00 -6.01
N THR A 20 -2.77 7.79 -5.12
CA THR A 20 -1.63 8.62 -5.49
C THR A 20 -0.49 8.48 -4.50
N GLY A 21 0.73 8.53 -5.00
CA GLY A 21 1.89 8.45 -4.14
C GLY A 21 3.18 8.84 -4.84
N LYS A 22 4.18 9.18 -4.04
CA LYS A 22 5.53 9.41 -4.53
C LYS A 22 6.01 8.18 -5.31
N GLN A 23 5.68 7.02 -4.77
CA GLN A 23 5.96 5.75 -5.42
C GLN A 23 4.80 4.81 -5.13
N PRO A 24 4.81 3.57 -5.66
CA PRO A 24 3.74 2.60 -5.37
C PRO A 24 3.50 2.43 -3.87
N ARG A 25 4.56 2.14 -3.11
CA ARG A 25 4.50 2.19 -1.63
C ARG A 25 3.55 3.27 -1.09
N GLN A 26 3.73 4.49 -1.54
CA GLN A 26 2.94 5.60 -1.03
C GLN A 26 1.52 5.57 -1.58
N ALA A 27 1.35 4.83 -2.66
CA ALA A 27 0.06 4.71 -3.33
C ALA A 27 -0.66 3.46 -2.84
N ALA A 28 0.10 2.62 -2.15
CA ALA A 28 -0.40 1.37 -1.60
C ALA A 28 -0.78 1.61 -0.17
N LEU A 29 -0.03 2.51 0.45
CA LEU A 29 -0.33 3.02 1.78
C LEU A 29 -1.72 3.64 1.80
N LYS A 30 -2.05 4.35 0.73
CA LYS A 30 -3.37 4.96 0.57
C LYS A 30 -4.43 3.90 0.32
N ALA A 31 -4.02 2.67 0.14
CA ALA A 31 -4.93 1.61 -0.22
C ALA A 31 -5.27 0.81 1.03
N ALA A 32 -4.21 0.46 1.76
CA ALA A 32 -4.30 -0.34 2.99
C ALA A 32 -4.85 0.45 4.14
N ASN A 33 -4.94 1.75 3.96
CA ASN A 33 -5.17 2.66 5.07
C ASN A 33 -6.66 2.74 5.39
N ARG A 34 -7.46 2.03 4.60
CA ARG A 34 -8.91 2.06 4.72
C ARG A 34 -9.38 0.69 5.15
N GLY A 35 -8.43 -0.09 5.61
CA GLY A 35 -8.64 -1.49 5.90
C GLY A 35 -8.35 -1.82 7.33
N SER A 36 -7.39 -2.69 7.51
CA SER A 36 -7.03 -3.27 8.78
C SER A 36 -5.96 -4.30 8.52
N GLY A 37 -6.20 -5.13 7.51
CA GLY A 37 -5.29 -6.22 7.20
C GLY A 37 -4.85 -7.03 8.41
N THR A 38 -3.81 -7.82 8.24
CA THR A 38 -3.20 -8.59 9.31
C THR A 38 -1.76 -8.92 8.97
N LYS A 39 -0.90 -8.87 9.97
CA LYS A 39 0.51 -9.22 9.79
C LYS A 39 0.64 -10.71 9.47
N ALA A 40 -0.38 -11.43 9.86
CA ALA A 40 -0.46 -12.87 9.62
C ALA A 40 -0.57 -13.19 8.13
N ASN A 41 -1.40 -12.42 7.45
CA ASN A 41 -1.63 -12.61 6.02
C ASN A 41 -2.15 -11.32 5.38
N PRO A 42 -1.24 -10.35 5.19
CA PRO A 42 -1.58 -9.03 4.63
C PRO A 42 -2.31 -9.11 3.30
N ASP A 43 -3.45 -8.45 3.26
CA ASP A 43 -4.23 -8.30 2.03
C ASP A 43 -3.35 -7.97 0.84
N ILE A 44 -3.51 -8.74 -0.20
CA ILE A 44 -2.75 -8.52 -1.42
C ILE A 44 -3.37 -7.41 -2.22
N ILE A 45 -2.63 -6.33 -2.38
CA ILE A 45 -3.11 -5.19 -3.13
C ILE A 45 -2.38 -5.13 -4.48
N ARG A 46 -3.03 -4.52 -5.44
CA ARG A 46 -2.47 -4.41 -6.78
C ARG A 46 -2.53 -2.98 -7.24
N LEU A 47 -1.40 -2.27 -7.19
CA LEU A 47 -1.34 -0.92 -7.69
C LEU A 47 -0.80 -0.93 -9.10
N ARG A 48 -1.43 -0.17 -9.96
CA ARG A 48 -1.09 -0.16 -11.36
C ARG A 48 -0.98 1.28 -11.83
N GLU A 49 0.23 1.71 -12.18
CA GLU A 49 0.50 3.06 -12.63
C GLU A 49 -0.32 3.38 -13.85
N ARG A 50 -1.33 4.24 -13.68
CA ARG A 50 -2.16 4.76 -14.79
C ARG A 50 -1.39 4.96 -16.09
N GLY A 51 -0.19 5.52 -16.01
CA GLY A 51 0.59 5.78 -17.20
C GLY A 51 1.16 4.52 -17.82
N THR A 52 1.36 3.50 -17.00
CA THR A 52 1.91 2.24 -17.44
C THR A 52 0.84 1.18 -17.58
N LYS A 53 1.25 -0.03 -17.92
CA LYS A 53 0.37 -1.20 -17.86
C LYS A 53 0.96 -2.24 -16.93
N LYS A 54 2.08 -1.90 -16.30
CA LYS A 54 2.74 -2.82 -15.39
C LYS A 54 2.22 -2.62 -13.97
N VAL A 55 1.89 -3.73 -13.32
CA VAL A 55 1.28 -3.67 -12.00
C VAL A 55 2.30 -4.00 -10.91
N HIS A 56 2.07 -3.49 -9.71
CA HIS A 56 2.98 -3.70 -8.58
C HIS A 56 2.20 -4.21 -7.37
N VAL A 57 2.44 -5.45 -6.98
CA VAL A 57 1.71 -6.04 -5.84
C VAL A 57 2.50 -5.99 -4.54
N PHE A 58 1.85 -5.43 -3.54
CA PHE A 58 2.34 -5.36 -2.18
C PHE A 58 1.41 -6.21 -1.31
N LYS A 59 1.58 -6.19 0.00
CA LYS A 59 0.74 -6.96 0.89
C LYS A 59 0.49 -6.08 2.12
N ALA A 60 -0.78 -5.80 2.38
CA ALA A 60 -1.17 -4.74 3.30
C ALA A 60 -1.74 -5.23 4.62
N TRP A 61 -1.39 -4.56 5.71
CA TRP A 61 -1.82 -4.96 7.04
C TRP A 61 -1.69 -3.77 8.02
N LYS A 62 -1.93 -4.01 9.31
CA LYS A 62 -1.68 -3.02 10.35
C LYS A 62 -0.82 -3.60 11.47
N GLU A 63 -0.08 -2.73 12.16
CA GLU A 63 1.04 -3.18 13.00
C GLU A 63 1.50 -2.11 14.00
N ILE A 64 2.47 -2.49 14.83
CA ILE A 64 3.20 -1.55 15.64
C ILE A 64 3.96 -0.56 14.76
N VAL A 65 3.89 0.69 15.18
CA VAL A 65 4.26 1.83 14.37
C VAL A 65 5.66 2.43 14.63
N ASP A 66 5.80 3.65 14.12
CA ASP A 66 7.05 4.41 13.92
C ASP A 66 8.17 4.16 14.97
N ALA A 67 8.24 5.01 16.01
CA ALA A 67 9.40 5.08 16.92
C ALA A 67 9.92 3.75 17.49
N PRO A 68 11.24 3.71 17.76
CA PRO A 68 11.99 2.52 18.16
C PRO A 68 12.50 2.55 19.63
N LYS A 69 13.81 2.83 19.79
CA LYS A 69 14.52 2.64 21.07
C LYS A 69 14.32 3.82 22.01
N ASN A 70 14.01 4.99 21.46
CA ASN A 70 13.69 6.17 22.28
C ASN A 70 12.42 5.93 23.08
N ARG A 71 11.80 4.83 22.75
CA ARG A 71 10.56 4.39 23.33
C ARG A 71 10.79 3.07 24.06
N PRO A 72 9.80 2.57 24.84
CA PRO A 72 9.94 1.28 25.52
C PRO A 72 10.22 0.13 24.55
N ALA A 73 10.59 -1.02 25.09
CA ALA A 73 10.91 -2.16 24.24
C ALA A 73 9.72 -2.55 23.37
N TRP A 74 8.56 -2.63 24.01
CA TRP A 74 7.34 -3.02 23.33
C TRP A 74 6.67 -1.85 22.61
N MET A 75 6.79 -0.64 23.15
CA MET A 75 6.02 0.49 22.63
C MET A 75 6.79 1.31 21.62
N PRO A 76 6.35 1.27 20.36
CA PRO A 76 6.84 2.16 19.29
C PRO A 76 6.48 3.62 19.53
N GLU A 77 5.21 3.92 19.37
CA GLU A 77 4.71 5.28 19.51
C GLU A 77 3.43 5.19 20.30
N LYS A 78 2.39 4.85 19.57
CA LYS A 78 1.10 4.43 20.08
C LYS A 78 0.50 3.70 18.89
N ILE A 79 0.27 2.41 18.97
CA ILE A 79 0.37 1.67 17.73
C ILE A 79 -0.83 0.94 17.22
N SER A 80 -1.21 1.43 16.07
CA SER A 80 -2.04 0.72 15.12
C SER A 80 -2.05 1.48 13.80
N LYS A 81 -1.13 1.24 12.89
CA LYS A 81 -1.26 1.86 11.57
C LYS A 81 -1.29 0.83 10.46
N PRO A 82 -1.88 1.20 9.33
CA PRO A 82 -1.83 0.42 8.11
C PRO A 82 -0.49 0.56 7.42
N PHE A 83 0.18 -0.55 7.20
CA PHE A 83 1.45 -0.57 6.54
C PHE A 83 1.37 -1.49 5.35
N VAL A 84 2.13 -1.18 4.33
CA VAL A 84 2.25 -2.05 3.19
C VAL A 84 3.69 -2.43 2.99
N LYS A 85 3.94 -3.47 2.22
CA LYS A 85 5.27 -3.95 1.97
C LYS A 85 5.27 -4.54 0.57
N LYS A 86 6.25 -4.21 -0.25
CA LYS A 86 6.28 -4.69 -1.61
C LYS A 86 6.63 -6.15 -1.61
N GLU A 87 5.66 -6.94 -2.01
CA GLU A 87 5.75 -8.37 -1.87
C GLU A 87 6.22 -8.99 -3.18
N ARG A 88 5.64 -8.54 -4.27
CA ARG A 88 5.87 -9.19 -5.55
C ARG A 88 5.61 -8.23 -6.71
N ILE A 89 5.72 -8.76 -7.91
CA ILE A 89 5.57 -7.97 -9.11
C ILE A 89 4.54 -8.61 -10.05
N GLU A 90 3.95 -7.77 -10.88
CA GLU A 90 2.81 -8.12 -11.70
C GLU A 90 3.12 -7.95 -13.17
N LYS A 91 2.10 -8.06 -13.97
CA LYS A 91 2.22 -8.05 -15.42
C LYS A 91 2.63 -6.68 -15.94
N LEU A 92 2.88 -6.64 -17.23
CA LEU A 92 3.81 -5.67 -17.83
C LEU A 92 3.18 -4.84 -18.93
N GLU A 93 3.76 -3.67 -19.14
CA GLU A 93 3.38 -2.79 -20.24
C GLU A 93 4.00 -3.30 -21.54
#